data_2VF7
#
_entry.id   2VF7
#
_cell.length_a   271.710
_cell.length_b   111.670
_cell.length_c   103.290
_cell.angle_alpha   90.00
_cell.angle_beta   100.80
_cell.angle_gamma   90.00
#
_symmetry.space_group_name_H-M   'C 1 2 1'
#
loop_
_entity.id
_entity.type
_entity.pdbx_description
1 polymer 'EXCINUCLEASE ABC, SUBUNIT A.'
2 non-polymer "ADENOSINE-5'-DIPHOSPHATE"
3 non-polymer 'ZINC ION'
4 non-polymer 'MAGNESIUM ION'
5 water water
#
_entity_poly.entity_id   1
_entity_poly.type   'polypeptide(L)'
_entity_poly.pdbx_seq_one_letter_code
;MTPSRPSPDFPDGGFVQVRGARQHNLKDISVKVPRDALVVFTGVSGSGKSSLAFGTLYAEAQRRYLESVSPYARRLFNQA
GVPDVDAIDGLPPAVALQQARGTPTARSSVGSVTTLSNLLRMLYSRAGDYPPGQGIVYAEGFSPNTPEGACPECHGLGRV
YTVTEDSMVPDPSLTIRERAVAAWPQAWGGQNQRDILVTLGIDVDVPWRELPEETRHWILFTDEQPVVPVYPGLTPAETQ
RALKKKMEPSYMGTFSSARRHVLHTFANTESASMKKRVQGYMISEECPLCHGKRLRQEALNVTFAGLDITELSRLPLARV
SELLRPYAEEREPGHAERVKNRPEQAIALQRMAADLVKRLDVLLHLGLGYLGLDRSTPTLSPGELQRLRLATQLYSNLFG
VVYVLDEPSAGLHPADTEALLSALENLKRGGNSLFVVEHDLDVIRRADWLVDVGPEAGEKGGEILYSGPPEGLKHVPESQ
TGQYLFADRHTEPHTPREPAGWLELNGVTRNNLDNLDVRFPLGVMTSVTGVSGSGKSTLVSQALVDALAAHFGQPVNPDP
EDDEDPADHTAGSARLGGDLAQITRLVRVDQKPIGRTPRSNMATYTGLFDQVRKLFAATPLAKKRGYNAGRFSFNVKGGR
CEHCQGEGWVMVELLFLPSVYAPCPVCHGTRYNAETLEVEYRGKNIADVLALTVDEAHDFFADESAIFRALDTLREVGLG
YLRLGQPATELSGGEAQRIKLATELRRSGRGGTVYVLDEPTTGLHPADVERLQRQLVKLVDAGNTVIAVEHKMQVVAASD
WVLDIGPGAGEDGGRLVAQGTPAEVAQAAGSVTAPYLRAALR
;
_entity_poly.pdbx_strand_id   A,B,C
#
loop_
_chem_comp.id
_chem_comp.type
_chem_comp.name
_chem_comp.formula
ADP non-polymer ADENOSINE-5'-DIPHOSPHATE 'C10 H15 N5 O10 P2'
MG non-polymer 'MAGNESIUM ION' 'Mg 2'
ZN non-polymer 'ZINC ION' 'Zn 2'
#
# COMPACT_ATOMS: atom_id res chain seq x y z
N PRO A 11 25.72 -27.15 -18.11
CA PRO A 11 24.36 -27.34 -17.58
C PRO A 11 24.26 -28.46 -16.53
N ASP A 12 23.47 -28.23 -15.48
CA ASP A 12 23.14 -29.26 -14.50
C ASP A 12 21.89 -30.03 -14.95
N GLY A 13 22.10 -31.01 -15.84
CA GLY A 13 21.02 -31.74 -16.51
C GLY A 13 20.20 -30.81 -17.38
N GLY A 14 19.23 -31.37 -18.09
CA GLY A 14 18.23 -30.55 -18.75
C GLY A 14 17.02 -30.39 -17.86
N PHE A 15 17.23 -30.04 -16.59
CA PHE A 15 16.14 -29.95 -15.62
C PHE A 15 15.73 -28.54 -15.25
N VAL A 16 14.41 -28.36 -15.11
CA VAL A 16 13.82 -27.17 -14.49
C VAL A 16 13.85 -27.47 -12.98
N GLN A 17 14.30 -26.50 -12.19
CA GLN A 17 14.42 -26.72 -10.75
C GLN A 17 13.52 -25.73 -10.01
N VAL A 18 12.66 -26.26 -9.15
CA VAL A 18 11.65 -25.49 -8.44
C VAL A 18 11.89 -25.62 -6.94
N ARG A 19 11.92 -24.48 -6.27
CA ARG A 19 12.16 -24.43 -4.84
C ARG A 19 11.20 -23.50 -4.12
N GLY A 20 10.65 -23.97 -2.99
CA GLY A 20 9.82 -23.12 -2.13
C GLY A 20 8.46 -22.75 -2.69
N ALA A 21 7.86 -23.66 -3.45
CA ALA A 21 6.55 -23.41 -4.05
C ALA A 21 5.45 -23.63 -3.01
N ARG A 22 4.75 -22.56 -2.65
CA ARG A 22 3.62 -22.71 -1.73
C ARG A 22 2.29 -22.07 -2.22
N GLN A 23 2.04 -22.16 -3.53
CA GLN A 23 0.82 -21.65 -4.14
C GLN A 23 -0.36 -22.48 -3.71
N HIS A 24 -1.40 -21.82 -3.24
CA HIS A 24 -2.56 -22.47 -2.61
C HIS A 24 -2.13 -23.52 -1.57
N ASN A 25 -2.38 -24.78 -1.85
CA ASN A 25 -2.11 -25.78 -0.83
C ASN A 25 -0.74 -26.46 -0.98
N LEU A 26 0.10 -25.96 -1.88
CA LEU A 26 1.43 -26.53 -2.02
C LEU A 26 2.15 -26.32 -0.68
N LYS A 27 2.91 -27.32 -0.24
CA LYS A 27 3.52 -27.27 1.08
C LYS A 27 4.95 -26.78 1.03
N ASP A 28 5.21 -25.68 0.36
CA ASP A 28 6.59 -25.17 0.31
C ASP A 28 7.49 -26.28 -0.24
N ILE A 29 7.18 -26.73 -1.46
CA ILE A 29 7.81 -27.91 -2.05
C ILE A 29 9.05 -27.58 -2.93
N SER A 30 9.88 -28.60 -3.13
CA SER A 30 10.95 -28.57 -4.12
C SER A 30 10.74 -29.72 -5.08
N VAL A 31 10.82 -29.44 -6.38
CA VAL A 31 10.74 -30.49 -7.38
C VAL A 31 11.62 -30.12 -8.57
N LYS A 32 12.09 -31.13 -9.30
CA LYS A 32 12.78 -30.92 -10.57
C LYS A 32 12.08 -31.70 -11.67
N VAL A 33 12.05 -31.15 -12.88
CA VAL A 33 11.45 -31.81 -14.04
C VAL A 33 12.25 -31.57 -15.32
N PRO A 34 12.44 -32.63 -16.13
CA PRO A 34 13.23 -32.50 -17.35
C PRO A 34 12.57 -31.59 -18.38
N ARG A 35 13.37 -30.86 -19.12
CA ARG A 35 12.85 -30.10 -20.23
C ARG A 35 13.07 -30.99 -21.44
N ASP A 36 12.37 -30.72 -22.54
CA ASP A 36 12.43 -31.55 -23.78
C ASP A 36 11.87 -32.95 -23.60
N ALA A 37 10.86 -33.05 -22.74
CA ALA A 37 10.24 -34.33 -22.46
C ALA A 37 8.73 -34.15 -22.24
N LEU A 38 7.98 -35.25 -22.37
CA LEU A 38 6.59 -35.32 -21.96
C LEU A 38 6.50 -35.57 -20.45
N VAL A 39 6.20 -34.50 -19.69
CA VAL A 39 6.05 -34.59 -18.24
C VAL A 39 4.58 -34.54 -17.87
N VAL A 40 4.11 -35.55 -17.13
CA VAL A 40 2.72 -35.63 -16.72
C VAL A 40 2.60 -35.38 -15.22
N PHE A 41 1.70 -34.49 -14.82
CA PHE A 41 1.44 -34.17 -13.42
C PHE A 41 0.20 -34.91 -12.99
N THR A 42 0.31 -35.72 -11.94
CA THR A 42 -0.76 -36.65 -11.54
C THR A 42 -1.12 -36.66 -10.05
N GLY A 43 -2.22 -37.31 -9.72
CA GLY A 43 -2.71 -37.34 -8.35
C GLY A 43 -4.19 -36.96 -8.29
N VAL A 44 -4.81 -37.16 -7.12
CA VAL A 44 -6.27 -36.92 -6.98
C VAL A 44 -6.61 -35.47 -7.25
N SER A 45 -7.89 -35.19 -7.44
CA SER A 45 -8.34 -33.84 -7.71
C SER A 45 -8.28 -33.08 -6.41
N GLY A 46 -7.87 -31.83 -6.49
CA GLY A 46 -7.70 -31.00 -5.30
C GLY A 46 -6.38 -31.23 -4.64
N SER A 47 -5.57 -32.16 -5.16
CA SER A 47 -4.24 -32.44 -4.59
C SER A 47 -3.20 -31.32 -4.79
N GLY A 48 -3.33 -30.55 -5.87
CA GLY A 48 -2.43 -29.41 -6.16
C GLY A 48 -1.72 -29.48 -7.51
N LYS A 49 -2.20 -30.35 -8.40
CA LYS A 49 -1.60 -30.55 -9.74
C LYS A 49 -1.58 -29.28 -10.59
N SER A 50 -2.70 -28.55 -10.60
CA SER A 50 -2.80 -27.29 -11.33
C SER A 50 -2.12 -26.17 -10.63
N SER A 51 -2.27 -26.06 -9.31
CA SER A 51 -1.52 -25.05 -8.55
C SER A 51 -0.01 -25.07 -8.91
N LEU A 52 0.50 -26.24 -9.27
CA LEU A 52 1.90 -26.46 -9.69
C LEU A 52 2.16 -26.19 -11.19
N ALA A 53 1.55 -26.97 -12.08
CA ALA A 53 1.79 -26.79 -13.52
C ALA A 53 1.35 -25.43 -14.04
N PHE A 54 0.18 -24.95 -13.61
CA PHE A 54 -0.34 -23.68 -14.10
C PHE A 54 -0.09 -22.53 -13.15
N GLY A 55 -0.47 -22.72 -11.88
CA GLY A 55 -0.41 -21.65 -10.88
C GLY A 55 1.00 -21.18 -10.58
N THR A 56 1.95 -22.08 -10.77
CA THR A 56 3.36 -21.83 -10.42
C THR A 56 4.24 -21.78 -11.67
N LEU A 57 4.30 -22.89 -12.41
CA LEU A 57 5.27 -23.01 -13.53
C LEU A 57 4.91 -22.13 -14.70
N TYR A 58 3.74 -22.34 -15.30
CA TYR A 58 3.27 -21.48 -16.39
C TYR A 58 3.28 -20.00 -15.97
N ALA A 59 2.68 -19.70 -14.83
CA ALA A 59 2.52 -18.32 -14.38
C ALA A 59 3.82 -17.54 -14.14
N GLU A 60 4.81 -18.17 -13.51
CA GLU A 60 6.12 -17.51 -13.35
C GLU A 60 6.84 -17.35 -14.70
N ALA A 61 6.81 -18.37 -15.54
CA ALA A 61 7.37 -18.28 -16.89
C ALA A 61 6.80 -17.16 -17.75
N GLN A 62 5.50 -16.88 -17.62
CA GLN A 62 4.87 -15.79 -18.40
C GLN A 62 5.09 -14.41 -17.85
N ARG A 63 4.98 -14.27 -16.53
CA ARG A 63 5.36 -13.03 -15.86
C ARG A 63 6.75 -12.53 -16.25
N ARG A 64 7.73 -13.42 -16.27
CA ARG A 64 9.13 -13.08 -16.57
C ARG A 64 9.30 -12.57 -17.98
N TYR A 65 8.75 -13.32 -18.93
CA TYR A 65 8.83 -12.96 -20.34
C TYR A 65 8.23 -11.59 -20.60
N LEU A 66 6.98 -11.38 -20.18
CA LEU A 66 6.27 -10.12 -20.48
C LEU A 66 6.88 -8.89 -19.83
N GLU A 67 7.53 -9.07 -18.70
CA GLU A 67 8.23 -7.97 -18.03
C GLU A 67 9.57 -7.63 -18.70
N SER A 68 10.07 -8.56 -19.49
CA SER A 68 11.26 -8.33 -20.27
C SER A 68 10.93 -7.69 -21.61
N VAL A 69 9.80 -8.06 -22.21
CA VAL A 69 9.40 -7.45 -23.48
C VAL A 69 8.74 -6.08 -23.29
N SER A 70 7.98 -5.94 -22.18
CA SER A 70 7.38 -4.67 -21.78
C SER A 70 7.89 -4.23 -20.41
N PRO A 71 9.14 -3.72 -20.33
CA PRO A 71 9.65 -3.25 -19.04
C PRO A 71 8.85 -2.08 -18.45
N TYR A 72 8.52 -2.20 -17.16
CA TYR A 72 7.73 -1.22 -16.37
C TYR A 72 6.29 -0.99 -16.86
N ALA A 73 6.07 -1.20 -18.15
CA ALA A 73 4.75 -1.09 -18.77
C ALA A 73 3.96 -2.40 -18.67
N ARG A 74 4.37 -3.27 -17.75
CA ARG A 74 3.75 -4.57 -17.54
C ARG A 74 4.06 -5.02 -16.11
N ARG A 75 4.99 -4.32 -15.46
CA ARG A 75 5.29 -4.57 -14.06
C ARG A 75 4.14 -4.07 -13.16
N LEU A 76 2.97 -3.90 -13.78
CA LEU A 76 1.69 -3.77 -13.10
C LEU A 76 1.30 -5.11 -12.44
N PHE A 77 2.01 -6.18 -12.80
CA PHE A 77 1.77 -7.56 -12.36
C PHE A 77 1.30 -7.75 -10.91
N ASN A 78 1.92 -7.05 -9.96
CA ASN A 78 1.63 -7.25 -8.54
C ASN A 78 0.25 -6.71 -8.13
N GLN A 79 -0.42 -6.03 -9.06
CA GLN A 79 -1.84 -5.73 -8.94
C GLN A 79 -2.63 -7.04 -9.09
N ALA A 80 -2.37 -7.76 -10.17
CA ALA A 80 -2.98 -9.05 -10.44
C ALA A 80 -2.56 -10.12 -9.44
N GLY A 81 -1.25 -10.25 -9.23
CA GLY A 81 -0.67 -11.25 -8.34
C GLY A 81 0.56 -11.95 -8.90
N VAL A 82 1.43 -12.41 -8.00
CA VAL A 82 2.61 -13.19 -8.37
C VAL A 82 2.47 -14.62 -7.82
N PRO A 83 3.07 -15.64 -8.49
CA PRO A 83 3.09 -16.95 -7.84
C PRO A 83 3.92 -16.90 -6.55
N ASP A 84 3.50 -17.68 -5.55
CA ASP A 84 4.22 -17.77 -4.29
C ASP A 84 5.29 -18.84 -4.45
N VAL A 85 6.53 -18.42 -4.69
CA VAL A 85 7.63 -19.35 -4.96
C VAL A 85 9.01 -18.68 -4.74
N ASP A 86 9.91 -19.38 -4.05
CA ASP A 86 11.26 -18.85 -3.75
C ASP A 86 12.14 -18.70 -5.00
N ALA A 87 12.26 -19.75 -5.79
CA ALA A 87 13.11 -19.76 -6.99
C ALA A 87 12.69 -20.83 -8.01
N ILE A 88 12.76 -20.47 -9.30
CA ILE A 88 12.67 -21.44 -10.41
C ILE A 88 13.80 -21.16 -11.39
N ASP A 89 14.60 -22.18 -11.66
CA ASP A 89 15.75 -22.08 -12.55
C ASP A 89 15.59 -23.02 -13.74
N GLY A 90 16.02 -22.60 -14.92
CA GLY A 90 16.00 -23.44 -16.12
C GLY A 90 14.68 -23.51 -16.85
N LEU A 91 13.88 -22.46 -16.74
CA LEU A 91 12.50 -22.44 -17.25
C LEU A 91 12.38 -21.59 -18.52
N PRO A 92 12.08 -22.25 -19.67
CA PRO A 92 11.90 -21.48 -20.92
C PRO A 92 10.58 -20.68 -20.92
N PRO A 93 10.31 -19.86 -21.96
CA PRO A 93 8.97 -19.25 -22.03
C PRO A 93 7.87 -20.32 -22.19
N ALA A 94 6.62 -19.97 -21.87
CA ALA A 94 5.53 -20.94 -21.83
C ALA A 94 4.27 -20.49 -22.55
N VAL A 95 3.60 -21.44 -23.21
CA VAL A 95 2.29 -21.27 -23.84
C VAL A 95 1.28 -22.24 -23.19
N ALA A 96 0.15 -21.73 -22.69
CA ALA A 96 -0.92 -22.60 -22.22
C ALA A 96 -1.89 -22.84 -23.38
N LEU A 97 -2.13 -24.13 -23.66
CA LEU A 97 -3.10 -24.52 -24.69
C LEU A 97 -4.57 -24.56 -24.21
N GLN A 98 -4.78 -24.15 -22.95
CA GLN A 98 -6.12 -23.90 -22.40
C GLN A 98 -6.19 -22.52 -21.78
N GLN A 99 -7.38 -21.92 -21.85
CA GLN A 99 -7.62 -20.62 -21.24
C GLN A 99 -7.81 -20.73 -19.73
N ALA A 100 -7.56 -19.63 -19.03
CA ALA A 100 -7.62 -19.57 -17.55
C ALA A 100 -8.99 -19.91 -16.96
N ARG A 101 -9.00 -20.85 -16.02
CA ARG A 101 -10.12 -21.17 -15.11
C ARG A 101 -11.43 -20.39 -15.21
N GLY A 102 -11.39 -19.07 -15.00
CA GLY A 102 -12.62 -18.30 -14.92
C GLY A 102 -12.80 -17.19 -15.94
N THR A 103 -12.45 -17.47 -17.19
CA THR A 103 -12.53 -16.46 -18.26
C THR A 103 -13.53 -16.85 -19.35
N PRO A 104 -14.19 -15.86 -19.98
CA PRO A 104 -15.06 -16.18 -21.11
C PRO A 104 -14.24 -16.55 -22.34
N THR A 105 -14.64 -17.59 -23.07
CA THR A 105 -14.00 -17.88 -24.36
C THR A 105 -14.42 -16.79 -25.35
N ALA A 106 -13.45 -16.28 -26.11
CA ALA A 106 -13.73 -15.32 -27.16
C ALA A 106 -14.34 -16.02 -28.37
N ARG A 107 -15.04 -15.26 -29.19
CA ARG A 107 -15.70 -15.79 -30.38
C ARG A 107 -14.76 -15.93 -31.57
N SER A 108 -14.68 -17.15 -32.09
CA SER A 108 -13.95 -17.48 -33.31
C SER A 108 -14.68 -18.58 -34.06
N SER A 109 -14.06 -19.04 -35.14
CA SER A 109 -14.49 -20.18 -35.93
C SER A 109 -13.37 -21.20 -35.85
N VAL A 110 -13.62 -22.42 -36.28
CA VAL A 110 -12.57 -23.44 -36.39
C VAL A 110 -11.50 -23.00 -37.43
N GLY A 111 -11.97 -22.46 -38.55
CA GLY A 111 -11.10 -21.95 -39.59
C GLY A 111 -10.25 -20.74 -39.26
N SER A 112 -10.57 -20.07 -38.16
CA SER A 112 -9.76 -18.95 -37.68
C SER A 112 -8.68 -19.42 -36.71
N VAL A 113 -9.03 -20.36 -35.84
CA VAL A 113 -8.10 -20.86 -34.84
C VAL A 113 -7.07 -21.78 -35.47
N THR A 114 -7.38 -22.34 -36.64
CA THR A 114 -6.47 -23.24 -37.32
C THR A 114 -5.66 -22.49 -38.38
N THR A 115 -6.00 -21.22 -38.60
CA THR A 115 -5.37 -20.36 -39.63
C THR A 115 -5.85 -20.65 -41.06
N LEU A 116 -6.62 -21.72 -41.23
CA LEU A 116 -7.01 -22.21 -42.58
C LEU A 116 -7.79 -21.23 -43.45
N SER A 117 -8.71 -20.49 -42.83
CA SER A 117 -9.61 -19.60 -43.57
C SER A 117 -8.85 -18.53 -44.33
N ASN A 118 -7.77 -18.03 -43.76
CA ASN A 118 -6.95 -17.04 -44.45
C ASN A 118 -6.34 -17.63 -45.73
N LEU A 119 -5.81 -18.85 -45.61
CA LEU A 119 -5.08 -19.47 -46.70
C LEU A 119 -6.00 -19.75 -47.90
N LEU A 120 -7.26 -20.03 -47.62
CA LEU A 120 -8.23 -20.25 -48.70
C LEU A 120 -8.87 -18.95 -49.22
N ARG A 121 -8.58 -17.82 -48.59
CA ARG A 121 -8.91 -16.51 -49.21
C ARG A 121 -7.90 -16.20 -50.30
N MET A 122 -6.65 -16.59 -50.04
CA MET A 122 -5.56 -16.45 -51.00
C MET A 122 -5.68 -17.48 -52.13
N LEU A 123 -6.35 -18.60 -51.85
CA LEU A 123 -6.61 -19.62 -52.88
C LEU A 123 -7.71 -19.20 -53.85
N TYR A 124 -8.71 -18.49 -53.33
CA TYR A 124 -9.79 -17.95 -54.14
C TYR A 124 -9.33 -16.70 -54.89
N SER A 125 -8.39 -15.97 -54.28
CA SER A 125 -7.83 -14.75 -54.84
C SER A 125 -6.88 -15.02 -56.02
N ARG A 126 -6.24 -16.18 -56.04
CA ARG A 126 -5.19 -16.48 -57.02
C ARG A 126 -5.50 -17.65 -57.97
N ALA A 127 -6.28 -18.63 -57.51
CA ALA A 127 -6.46 -19.88 -58.27
C ALA A 127 -7.92 -20.33 -58.48
N GLY A 128 -8.88 -19.46 -58.16
CA GLY A 128 -10.30 -19.76 -58.26
C GLY A 128 -10.94 -19.39 -59.59
N ASP A 129 -12.12 -19.95 -59.84
CA ASP A 129 -12.81 -19.81 -61.12
C ASP A 129 -13.74 -18.58 -61.20
N TYR A 130 -13.17 -17.48 -61.68
CA TYR A 130 -13.90 -16.25 -61.97
C TYR A 130 -14.91 -16.39 -63.13
N PRO A 131 -15.98 -15.56 -63.14
CA PRO A 131 -16.85 -15.37 -64.29
C PRO A 131 -16.08 -15.15 -65.61
N PRO A 132 -16.80 -15.13 -66.76
CA PRO A 132 -16.17 -15.00 -68.09
C PRO A 132 -15.00 -14.02 -68.13
N GLY A 133 -15.17 -12.86 -67.51
CA GLY A 133 -14.11 -11.86 -67.37
C GLY A 133 -14.46 -10.86 -66.29
N GLN A 134 -13.99 -11.10 -65.06
CA GLN A 134 -14.35 -10.27 -63.89
C GLN A 134 -13.20 -9.42 -63.29
N GLY A 135 -11.96 -9.83 -63.54
CA GLY A 135 -10.79 -9.10 -63.03
C GLY A 135 -9.94 -9.91 -62.06
N ILE A 136 -9.83 -9.42 -60.82
CA ILE A 136 -9.21 -10.12 -59.68
C ILE A 136 -9.63 -9.49 -58.34
N VAL A 137 -10.09 -10.33 -57.42
CA VAL A 137 -10.53 -9.90 -56.08
C VAL A 137 -9.51 -10.34 -55.03
N TYR A 138 -9.06 -9.39 -54.21
CA TYR A 138 -7.96 -9.65 -53.26
C TYR A 138 -8.37 -10.47 -52.02
N ALA A 139 -7.37 -11.11 -51.40
CA ALA A 139 -7.59 -11.97 -50.23
C ALA A 139 -8.24 -11.22 -49.07
N GLU A 140 -8.11 -9.90 -49.07
CA GLU A 140 -8.71 -9.02 -48.08
C GLU A 140 -10.22 -8.90 -48.31
N GLY A 141 -10.64 -9.14 -49.56
CA GLY A 141 -12.04 -8.99 -49.98
C GLY A 141 -12.85 -10.27 -50.07
N PHE A 142 -12.35 -11.33 -49.44
CA PHE A 142 -13.09 -12.57 -49.25
C PHE A 142 -13.44 -12.77 -47.76
N SER A 143 -13.36 -11.67 -47.00
CA SER A 143 -13.64 -11.66 -45.57
C SER A 143 -14.75 -10.65 -45.25
N PRO A 144 -15.75 -11.07 -44.47
CA PRO A 144 -16.85 -10.17 -44.05
C PRO A 144 -16.45 -9.08 -43.06
N ASN A 145 -15.22 -9.13 -42.54
CA ASN A 145 -14.76 -8.18 -41.51
C ASN A 145 -14.02 -6.95 -42.07
N THR A 146 -13.73 -6.98 -43.38
CA THR A 146 -13.05 -5.89 -44.06
C THR A 146 -14.03 -5.11 -44.95
N PRO A 147 -13.81 -3.79 -45.13
CA PRO A 147 -14.68 -2.97 -45.99
C PRO A 147 -14.50 -3.30 -47.48
N GLU A 148 -13.41 -4.01 -47.79
CA GLU A 148 -13.11 -4.52 -49.13
C GLU A 148 -13.84 -5.87 -49.37
N GLY A 149 -14.38 -6.45 -48.31
CA GLY A 149 -15.05 -7.75 -48.42
C GLY A 149 -16.52 -7.79 -48.03
N ALA A 150 -16.90 -7.00 -47.03
CA ALA A 150 -18.25 -7.03 -46.45
C ALA A 150 -19.31 -6.47 -47.38
N CYS A 151 -20.44 -7.18 -47.47
CA CYS A 151 -21.63 -6.70 -48.17
C CYS A 151 -22.05 -5.34 -47.61
N PRO A 152 -22.24 -4.35 -48.49
CA PRO A 152 -22.64 -2.97 -48.08
C PRO A 152 -24.06 -2.83 -47.47
N GLU A 153 -24.94 -3.79 -47.74
CA GLU A 153 -26.31 -3.83 -47.17
C GLU A 153 -26.34 -4.14 -45.66
N CYS A 154 -25.58 -5.16 -45.25
CA CYS A 154 -25.64 -5.64 -43.87
C CYS A 154 -24.33 -5.34 -43.15
N HIS A 155 -23.31 -4.99 -43.94
CA HIS A 155 -21.93 -4.76 -43.47
C HIS A 155 -21.30 -6.02 -42.93
N GLY A 156 -21.56 -7.14 -43.61
CA GLY A 156 -20.97 -8.42 -43.27
C GLY A 156 -21.70 -9.21 -42.20
N LEU A 157 -22.86 -8.72 -41.77
CA LEU A 157 -23.64 -9.38 -40.71
C LEU A 157 -24.59 -10.45 -41.23
N GLY A 158 -24.97 -10.38 -42.51
CA GLY A 158 -25.85 -11.36 -43.13
C GLY A 158 -27.32 -11.12 -42.84
N ARG A 159 -27.60 -10.24 -41.87
CA ARG A 159 -28.95 -9.87 -41.47
C ARG A 159 -29.12 -8.34 -41.52
N VAL A 160 -30.33 -7.90 -41.87
CA VAL A 160 -30.66 -6.48 -41.95
C VAL A 160 -31.60 -6.07 -40.80
N TYR A 161 -31.23 -5.02 -40.06
CA TYR A 161 -31.90 -4.64 -38.81
C TYR A 161 -32.67 -3.31 -38.85
N THR A 162 -33.97 -3.37 -38.55
CA THR A 162 -34.78 -2.17 -38.53
C THR A 162 -35.46 -1.95 -37.18
N VAL A 163 -36.19 -0.84 -37.11
CA VAL A 163 -36.84 -0.40 -35.90
C VAL A 163 -38.11 0.34 -36.31
N THR A 164 -39.19 0.13 -35.56
CA THR A 164 -40.48 0.73 -35.89
C THR A 164 -41.10 1.37 -34.66
N GLU A 165 -42.19 2.10 -34.85
CA GLU A 165 -42.91 2.66 -33.72
C GLU A 165 -43.47 1.57 -32.82
N ASP A 166 -44.05 0.52 -33.41
CA ASP A 166 -44.60 -0.59 -32.64
C ASP A 166 -43.52 -1.35 -31.88
N SER A 167 -42.36 -1.58 -32.50
CA SER A 167 -41.28 -2.31 -31.85
C SER A 167 -40.68 -1.51 -30.69
N MET A 168 -40.67 -0.18 -30.82
CA MET A 168 -40.08 0.75 -29.83
C MET A 168 -41.03 1.30 -28.79
N VAL A 169 -42.29 1.47 -29.17
CA VAL A 169 -43.37 1.81 -28.23
C VAL A 169 -44.44 0.74 -28.26
N PRO A 170 -44.25 -0.30 -27.41
CA PRO A 170 -45.16 -1.44 -27.37
C PRO A 170 -46.55 -1.10 -26.79
N ASP A 171 -46.60 -0.12 -25.88
CA ASP A 171 -47.85 0.39 -25.31
C ASP A 171 -47.95 1.90 -25.49
N PRO A 172 -48.75 2.38 -26.48
CA PRO A 172 -48.98 3.79 -26.78
C PRO A 172 -50.00 4.52 -25.89
N SER A 173 -50.57 3.83 -24.89
CA SER A 173 -51.41 4.48 -23.85
C SER A 173 -50.53 5.22 -22.85
N LEU A 174 -49.28 4.76 -22.74
CA LEU A 174 -48.32 5.35 -21.80
C LEU A 174 -47.93 6.79 -22.15
N THR A 175 -47.57 7.54 -21.13
CA THR A 175 -47.06 8.88 -21.21
C THR A 175 -45.54 8.79 -21.41
N ILE A 176 -44.92 9.82 -22.00
CA ILE A 176 -43.45 9.82 -22.11
C ILE A 176 -42.78 9.69 -20.71
N ARG A 177 -43.26 10.41 -19.70
CA ARG A 177 -42.80 10.22 -18.30
C ARG A 177 -43.06 8.79 -17.73
N GLU A 178 -44.06 8.09 -18.29
CA GLU A 178 -44.36 6.71 -17.91
C GLU A 178 -43.52 5.72 -18.73
N ARG A 179 -42.42 6.21 -19.30
CA ARG A 179 -41.52 5.41 -20.15
C ARG A 179 -42.20 4.77 -21.36
N ALA A 180 -43.09 5.53 -22.00
CA ALA A 180 -43.79 5.08 -23.22
C ALA A 180 -42.81 4.64 -24.30
N VAL A 181 -41.69 5.36 -24.44
CA VAL A 181 -40.65 4.87 -25.35
C VAL A 181 -39.64 3.97 -24.61
N ALA A 182 -40.01 2.70 -24.56
CA ALA A 182 -39.32 1.65 -23.82
C ALA A 182 -37.92 1.34 -24.34
N ALA A 183 -37.71 1.61 -25.62
CA ALA A 183 -36.41 1.44 -26.27
C ALA A 183 -35.32 2.37 -25.71
N TRP A 184 -35.72 3.40 -24.98
CA TRP A 184 -34.73 4.24 -24.29
C TRP A 184 -34.12 3.51 -23.07
N PRO A 185 -32.92 3.92 -22.62
CA PRO A 185 -32.25 3.18 -21.56
C PRO A 185 -33.03 3.12 -20.27
N GLN A 186 -32.74 2.10 -19.46
CA GLN A 186 -33.34 2.00 -18.15
C GLN A 186 -32.68 3.02 -17.25
N ALA A 187 -33.22 3.17 -16.04
CA ALA A 187 -32.78 4.16 -15.07
C ALA A 187 -32.47 5.51 -15.71
N TRP A 188 -31.41 6.18 -15.26
CA TRP A 188 -31.14 7.57 -15.56
C TRP A 188 -31.11 8.01 -17.04
N GLY A 189 -30.53 7.19 -17.92
CA GLY A 189 -30.45 7.54 -19.34
C GLY A 189 -31.82 7.74 -19.98
N GLY A 190 -32.83 7.02 -19.51
CA GLY A 190 -34.19 7.20 -20.01
C GLY A 190 -34.84 8.49 -19.54
N GLN A 191 -34.52 8.94 -18.32
CA GLN A 191 -35.14 10.16 -17.81
C GLN A 191 -34.47 11.43 -18.30
N ASN A 192 -33.16 11.36 -18.52
CA ASN A 192 -32.39 12.35 -19.27
C ASN A 192 -33.03 12.77 -20.59
N GLN A 193 -33.44 11.79 -21.42
CA GLN A 193 -34.03 12.09 -22.73
C GLN A 193 -35.43 12.73 -22.55
N ARG A 194 -36.08 12.30 -21.48
CA ARG A 194 -37.39 12.82 -21.09
C ARG A 194 -37.27 14.24 -20.62
N ASP A 195 -36.25 14.53 -19.81
CA ASP A 195 -35.99 15.92 -19.39
C ASP A 195 -35.47 16.82 -20.49
N ILE A 196 -34.84 16.21 -21.50
CA ILE A 196 -34.44 16.97 -22.69
C ILE A 196 -35.70 17.42 -23.43
N LEU A 197 -36.65 16.49 -23.64
CA LEU A 197 -37.94 16.82 -24.25
C LEU A 197 -38.76 17.90 -23.54
N VAL A 198 -38.71 18.00 -22.20
CA VAL A 198 -39.49 19.05 -21.51
C VAL A 198 -38.88 20.43 -21.72
N THR A 199 -37.54 20.52 -21.82
CA THR A 199 -36.83 21.75 -22.19
C THR A 199 -37.26 22.19 -23.60
N LEU A 200 -37.37 21.21 -24.49
CA LEU A 200 -37.77 21.50 -25.86
C LEU A 200 -39.25 21.82 -26.01
N GLY A 201 -40.03 21.69 -24.94
CA GLY A 201 -41.44 22.12 -24.91
C GLY A 201 -42.42 21.09 -25.45
N ILE A 202 -41.98 19.83 -25.44
CA ILE A 202 -42.84 18.70 -25.80
C ILE A 202 -43.52 18.20 -24.54
N ASP A 203 -44.76 17.71 -24.70
CA ASP A 203 -45.59 17.24 -23.60
C ASP A 203 -45.33 15.77 -23.21
N VAL A 204 -44.80 15.64 -22.02
CA VAL A 204 -44.26 14.43 -21.50
C VAL A 204 -45.31 13.70 -20.61
N ASP A 205 -46.41 14.39 -20.30
CA ASP A 205 -47.46 13.89 -19.40
C ASP A 205 -48.81 13.72 -20.11
N VAL A 206 -48.75 13.35 -21.40
CA VAL A 206 -49.92 13.11 -22.26
C VAL A 206 -49.71 11.79 -23.00
N PRO A 207 -50.76 10.97 -23.16
CA PRO A 207 -50.47 9.66 -23.77
C PRO A 207 -49.84 9.76 -25.18
N TRP A 208 -48.95 8.82 -25.49
CA TRP A 208 -48.16 8.87 -26.72
C TRP A 208 -49.04 9.16 -27.96
N ARG A 209 -49.99 8.28 -28.24
CA ARG A 209 -50.88 8.40 -29.41
C ARG A 209 -51.59 9.75 -29.61
N GLU A 210 -51.61 10.57 -28.56
CA GLU A 210 -52.23 11.90 -28.60
C GLU A 210 -51.28 12.97 -29.10
N LEU A 211 -49.99 12.64 -29.19
CA LEU A 211 -49.01 13.60 -29.71
C LEU A 211 -49.10 13.63 -31.22
N PRO A 212 -48.79 14.79 -31.85
CA PRO A 212 -48.83 14.87 -33.31
C PRO A 212 -47.93 13.81 -33.92
N GLU A 213 -48.30 13.30 -35.08
CA GLU A 213 -47.47 12.36 -35.83
C GLU A 213 -46.05 12.89 -36.11
N GLU A 214 -45.96 14.19 -36.39
CA GLU A 214 -44.71 14.90 -36.65
C GLU A 214 -43.73 14.77 -35.49
N THR A 215 -44.19 15.10 -34.28
CA THR A 215 -43.44 14.91 -33.03
C THR A 215 -43.11 13.43 -32.77
N ARG A 216 -44.10 12.54 -32.95
CA ARG A 216 -43.83 11.12 -32.69
C ARG A 216 -42.74 10.58 -33.61
N HIS A 217 -42.79 10.96 -34.88
CA HIS A 217 -41.75 10.61 -35.84
C HIS A 217 -40.37 11.13 -35.43
N TRP A 218 -40.28 12.42 -35.11
CA TRP A 218 -39.02 13.06 -34.70
C TRP A 218 -38.35 12.36 -33.52
N ILE A 219 -39.10 12.21 -32.43
CA ILE A 219 -38.63 11.54 -31.22
C ILE A 219 -38.00 10.17 -31.52
N LEU A 220 -38.69 9.41 -32.37
CA LEU A 220 -38.34 8.04 -32.70
C LEU A 220 -37.26 7.91 -33.79
N PHE A 221 -37.27 8.79 -34.80
CA PHE A 221 -36.45 8.59 -36.01
C PHE A 221 -35.39 9.65 -36.40
N THR A 222 -35.45 10.85 -35.82
CA THR A 222 -34.52 11.92 -36.18
C THR A 222 -33.05 11.51 -36.04
N ASP A 223 -32.18 12.16 -36.84
CA ASP A 223 -30.71 12.05 -36.71
C ASP A 223 -30.14 13.23 -35.93
N GLU A 224 -31.01 14.22 -35.73
CA GLU A 224 -30.71 15.42 -35.00
C GLU A 224 -30.37 15.10 -33.55
N GLN A 225 -29.38 15.82 -33.04
CA GLN A 225 -28.92 15.67 -31.68
C GLN A 225 -28.67 17.02 -31.02
N PRO A 226 -29.75 17.83 -30.83
CA PRO A 226 -29.60 19.15 -30.20
C PRO A 226 -29.08 19.07 -28.76
N VAL A 227 -28.35 20.11 -28.37
CA VAL A 227 -27.72 20.24 -27.05
C VAL A 227 -28.40 21.37 -26.30
N VAL A 228 -29.08 21.03 -25.18
CA VAL A 228 -29.98 21.95 -24.48
C VAL A 228 -29.82 21.94 -22.96
N PRO A 229 -30.09 23.07 -22.28
CA PRO A 229 -29.96 23.16 -20.83
C PRO A 229 -30.94 22.26 -20.12
N VAL A 230 -30.49 21.47 -19.16
CA VAL A 230 -31.48 20.64 -18.46
C VAL A 230 -31.66 20.89 -16.98
N TYR A 231 -32.91 20.79 -16.52
CA TYR A 231 -33.30 21.14 -15.15
C TYR A 231 -34.07 19.96 -14.55
N PRO A 232 -33.33 19.02 -13.92
CA PRO A 232 -33.88 17.89 -13.17
C PRO A 232 -34.81 18.28 -11.99
N GLY A 233 -35.90 17.52 -11.83
CA GLY A 233 -36.78 17.68 -10.66
C GLY A 233 -37.71 18.87 -10.75
N LEU A 234 -37.60 19.65 -11.84
CA LEU A 234 -38.58 20.69 -12.10
C LEU A 234 -39.77 20.14 -12.88
N THR A 235 -40.92 20.72 -12.59
CA THR A 235 -42.15 20.50 -13.31
C THR A 235 -42.05 21.22 -14.66
N PRO A 236 -42.77 20.74 -15.70
CA PRO A 236 -42.80 21.43 -16.99
C PRO A 236 -43.00 22.95 -16.90
N ALA A 237 -44.01 23.40 -16.17
CA ALA A 237 -44.28 24.83 -16.04
C ALA A 237 -43.12 25.57 -15.39
N GLU A 238 -42.49 24.97 -14.38
CA GLU A 238 -41.40 25.66 -13.71
C GLU A 238 -40.06 25.56 -14.44
N THR A 239 -39.97 24.62 -15.38
CA THR A 239 -38.89 24.56 -16.39
C THR A 239 -38.97 25.71 -17.39
N GLN A 240 -40.18 26.06 -17.81
CA GLN A 240 -40.35 27.16 -18.77
C GLN A 240 -40.07 28.52 -18.17
N ARG A 241 -40.27 28.62 -16.85
CA ARG A 241 -39.99 29.87 -16.11
C ARG A 241 -38.51 29.97 -15.79
N ALA A 242 -37.86 28.83 -15.59
CA ALA A 242 -36.42 28.75 -15.47
C ALA A 242 -35.77 29.28 -16.75
N LEU A 243 -36.21 28.75 -17.91
CA LEU A 243 -35.69 29.21 -19.20
C LEU A 243 -35.92 30.69 -19.42
N LYS A 244 -37.11 31.17 -19.06
CA LYS A 244 -37.46 32.57 -19.26
C LYS A 244 -36.68 33.54 -18.37
N LYS A 245 -36.29 33.09 -17.19
CA LYS A 245 -35.60 33.94 -16.22
C LYS A 245 -34.08 33.74 -16.21
N LYS A 246 -33.62 32.86 -17.10
CA LYS A 246 -32.20 32.61 -17.37
C LYS A 246 -31.41 32.03 -16.19
N MET A 247 -32.02 31.09 -15.45
CA MET A 247 -31.31 30.45 -14.35
C MET A 247 -30.33 29.38 -14.83
N GLU A 248 -29.28 29.13 -14.04
CA GLU A 248 -28.22 28.20 -14.38
C GLU A 248 -28.80 26.84 -14.67
N PRO A 249 -28.49 26.27 -15.85
CA PRO A 249 -28.88 24.89 -16.15
C PRO A 249 -28.04 23.94 -15.32
N SER A 250 -28.64 22.88 -14.78
CA SER A 250 -27.87 21.90 -14.02
C SER A 250 -26.75 21.28 -14.88
N TYR A 251 -27.11 20.88 -16.10
CA TYR A 251 -26.16 20.39 -17.09
C TYR A 251 -26.72 20.66 -18.48
N MET A 252 -25.88 20.42 -19.50
CA MET A 252 -26.28 20.48 -20.90
C MET A 252 -26.47 19.07 -21.38
N GLY A 253 -27.67 18.77 -21.88
CA GLY A 253 -28.00 17.41 -22.32
C GLY A 253 -27.98 17.31 -23.82
N THR A 254 -27.73 16.09 -24.34
CA THR A 254 -27.70 15.83 -25.79
C THR A 254 -28.78 14.85 -26.20
N PHE A 255 -29.64 15.27 -27.11
CA PHE A 255 -30.73 14.39 -27.55
C PHE A 255 -30.20 13.21 -28.35
N SER A 256 -30.81 12.06 -28.15
CA SER A 256 -30.61 10.93 -29.03
C SER A 256 -31.96 10.28 -29.29
N SER A 257 -32.32 10.13 -30.55
CA SER A 257 -33.61 9.55 -30.90
C SER A 257 -33.68 8.08 -30.46
N ALA A 258 -34.89 7.50 -30.39
CA ALA A 258 -35.02 6.10 -29.99
C ALA A 258 -34.22 5.19 -30.93
N ARG A 259 -34.31 5.42 -32.24
CA ARG A 259 -33.56 4.66 -33.22
C ARG A 259 -32.04 4.74 -33.00
N ARG A 260 -31.51 5.96 -32.91
CA ARG A 260 -30.09 6.21 -32.67
C ARG A 260 -29.56 5.39 -31.48
N HIS A 261 -30.25 5.48 -30.35
CA HIS A 261 -29.86 4.74 -29.17
C HIS A 261 -29.86 3.24 -29.38
N VAL A 262 -30.90 2.72 -30.03
CA VAL A 262 -31.06 1.28 -30.16
C VAL A 262 -29.95 0.69 -31.04
N LEU A 263 -29.68 1.36 -32.15
CA LEU A 263 -28.72 0.85 -33.13
C LEU A 263 -27.25 1.08 -32.70
N HIS A 264 -26.99 2.19 -32.02
CA HIS A 264 -25.66 2.44 -31.46
C HIS A 264 -25.38 1.44 -30.35
N THR A 265 -26.39 1.18 -29.51
CA THR A 265 -26.20 0.23 -28.43
C THR A 265 -25.95 -1.17 -29.00
N PHE A 266 -26.73 -1.56 -30.01
CA PHE A 266 -26.55 -2.86 -30.65
C PHE A 266 -25.14 -3.06 -31.21
N ALA A 267 -24.60 -2.02 -31.84
CA ALA A 267 -23.43 -2.16 -32.68
C ALA A 267 -22.13 -2.14 -31.89
N ASN A 268 -22.21 -1.67 -30.65
CA ASN A 268 -21.04 -1.11 -29.95
C ASN A 268 -20.80 -1.59 -28.53
N THR A 269 -21.82 -2.10 -27.86
CA THR A 269 -21.64 -2.50 -26.46
C THR A 269 -20.88 -3.80 -26.33
N GLU A 270 -20.28 -3.98 -25.16
CA GLU A 270 -19.54 -5.19 -24.86
C GLU A 270 -20.36 -6.13 -23.96
N SER A 271 -21.33 -5.55 -23.25
CA SER A 271 -22.23 -6.31 -22.39
C SER A 271 -23.13 -7.24 -23.20
N ALA A 272 -23.36 -8.45 -22.70
CA ALA A 272 -24.10 -9.46 -23.46
C ALA A 272 -25.60 -9.40 -23.20
N SER A 273 -25.97 -9.04 -21.98
CA SER A 273 -27.36 -8.92 -21.56
C SER A 273 -28.00 -7.62 -22.08
N MET A 274 -27.16 -6.62 -22.33
CA MET A 274 -27.59 -5.32 -22.84
C MET A 274 -27.93 -5.42 -24.33
N LYS A 275 -27.09 -6.17 -25.07
CA LYS A 275 -27.32 -6.46 -26.47
C LYS A 275 -28.64 -7.21 -26.65
N LYS A 276 -28.96 -8.06 -25.67
CA LYS A 276 -30.16 -8.87 -25.71
C LYS A 276 -31.41 -8.06 -25.37
N ARG A 277 -31.27 -7.04 -24.52
CA ARG A 277 -32.37 -6.13 -24.16
C ARG A 277 -32.75 -5.29 -25.38
N VAL A 278 -31.77 -4.55 -25.87
CA VAL A 278 -31.83 -3.75 -27.10
C VAL A 278 -32.47 -4.50 -28.29
N GLN A 279 -32.10 -5.77 -28.43
CA GLN A 279 -32.59 -6.61 -29.51
C GLN A 279 -34.09 -6.90 -29.40
N GLY A 280 -34.65 -6.77 -28.20
CA GLY A 280 -36.10 -6.89 -28.01
C GLY A 280 -36.94 -5.78 -28.66
N TYR A 281 -36.30 -4.67 -29.03
CA TYR A 281 -36.98 -3.52 -29.65
C TYR A 281 -36.61 -3.39 -31.13
N MET A 282 -36.07 -4.46 -31.70
CA MET A 282 -35.65 -4.48 -33.08
C MET A 282 -36.41 -5.52 -33.89
N ILE A 283 -36.33 -5.41 -35.21
CA ILE A 283 -36.89 -6.44 -36.08
C ILE A 283 -35.79 -7.00 -36.99
N SER A 284 -35.75 -8.33 -37.14
CA SER A 284 -34.65 -9.00 -37.85
C SER A 284 -35.08 -9.70 -39.14
N GLU A 285 -34.27 -9.50 -40.17
CA GLU A 285 -34.56 -10.01 -41.51
C GLU A 285 -33.24 -10.40 -42.18
N GLU A 286 -33.31 -11.38 -43.08
CA GLU A 286 -32.12 -11.77 -43.83
C GLU A 286 -31.79 -10.72 -44.89
N CYS A 287 -30.51 -10.33 -44.93
CA CYS A 287 -29.97 -9.48 -45.98
C CYS A 287 -30.39 -10.01 -47.35
N PRO A 288 -30.88 -9.13 -48.25
CA PRO A 288 -31.31 -9.53 -49.60
C PRO A 288 -30.23 -9.46 -50.70
N LEU A 289 -29.14 -8.71 -50.47
CA LEU A 289 -28.00 -8.69 -51.40
C LEU A 289 -27.07 -9.91 -51.24
N CYS A 290 -27.08 -10.51 -50.05
CA CYS A 290 -26.35 -11.75 -49.78
C CYS A 290 -27.22 -12.66 -48.90
N HIS A 291 -28.05 -13.46 -49.55
CA HIS A 291 -29.19 -14.14 -48.91
C HIS A 291 -28.80 -15.19 -47.87
N GLY A 292 -27.97 -14.79 -46.90
CA GLY A 292 -27.40 -15.72 -45.93
C GLY A 292 -25.90 -15.54 -45.82
N LYS A 293 -25.22 -15.61 -46.97
CA LYS A 293 -23.78 -15.28 -47.10
C LYS A 293 -23.63 -13.85 -46.57
N ARG A 294 -22.41 -13.33 -46.50
CA ARG A 294 -22.21 -12.04 -45.81
C ARG A 294 -21.39 -10.99 -46.59
N LEU A 295 -21.08 -11.26 -47.85
CA LEU A 295 -20.14 -10.44 -48.64
C LEU A 295 -20.65 -9.87 -49.97
N ARG A 296 -19.79 -9.09 -50.63
CA ARG A 296 -20.07 -8.55 -51.96
C ARG A 296 -20.37 -9.68 -52.94
N GLN A 297 -21.29 -9.44 -53.87
CA GLN A 297 -21.76 -10.50 -54.76
C GLN A 297 -20.76 -10.77 -55.87
N GLU A 298 -19.66 -10.01 -55.86
CA GLU A 298 -18.58 -10.18 -56.81
C GLU A 298 -17.51 -11.14 -56.31
N ALA A 299 -17.28 -11.15 -54.99
CA ALA A 299 -16.46 -12.17 -54.34
C ALA A 299 -17.19 -13.51 -54.31
N LEU A 300 -18.52 -13.46 -54.43
CA LEU A 300 -19.38 -14.64 -54.36
C LEU A 300 -19.51 -15.33 -55.72
N ASN A 301 -19.13 -14.61 -56.78
CA ASN A 301 -19.09 -15.19 -58.13
C ASN A 301 -17.89 -16.10 -58.36
N VAL A 302 -16.79 -15.80 -57.66
CA VAL A 302 -15.56 -16.60 -57.71
C VAL A 302 -15.75 -17.94 -57.01
N THR A 303 -15.64 -19.03 -57.77
CA THR A 303 -16.01 -20.36 -57.28
C THR A 303 -14.76 -21.26 -57.08
N PHE A 304 -14.98 -22.48 -56.55
CA PHE A 304 -13.98 -23.56 -56.53
C PHE A 304 -14.67 -24.89 -56.30
N ALA A 305 -14.35 -25.88 -57.14
CA ALA A 305 -15.02 -27.18 -57.19
C ALA A 305 -16.56 -27.08 -57.32
N GLY A 306 -17.02 -25.90 -57.74
CA GLY A 306 -18.44 -25.60 -57.85
C GLY A 306 -19.00 -24.76 -56.72
N LEU A 307 -18.11 -24.31 -55.82
CA LEU A 307 -18.53 -23.64 -54.57
C LEU A 307 -17.81 -22.32 -54.33
N ASP A 308 -18.56 -21.31 -53.89
CA ASP A 308 -17.97 -20.07 -53.37
C ASP A 308 -17.51 -20.30 -51.92
N ILE A 309 -16.71 -19.39 -51.36
CA ILE A 309 -16.09 -19.60 -50.03
C ILE A 309 -17.05 -20.10 -48.95
N THR A 310 -18.23 -19.48 -48.91
CA THR A 310 -19.31 -19.81 -47.97
C THR A 310 -19.67 -21.29 -47.92
N GLU A 311 -19.92 -21.88 -49.09
CA GLU A 311 -20.37 -23.26 -49.17
C GLU A 311 -19.28 -24.28 -48.84
N LEU A 312 -18.03 -23.99 -49.26
CA LEU A 312 -16.86 -24.80 -48.84
C LEU A 312 -16.70 -24.79 -47.32
N SER A 313 -16.96 -23.63 -46.72
CA SER A 313 -16.78 -23.43 -45.29
C SER A 313 -17.78 -24.18 -44.42
N ARG A 314 -18.94 -24.52 -44.97
CA ARG A 314 -19.91 -25.35 -44.25
C ARG A 314 -19.46 -26.80 -44.11
N LEU A 315 -18.62 -27.24 -45.04
CA LEU A 315 -18.22 -28.65 -45.13
C LEU A 315 -17.24 -29.08 -44.04
N PRO A 316 -17.26 -30.37 -43.67
CA PRO A 316 -16.27 -30.85 -42.72
C PRO A 316 -14.85 -30.75 -43.27
N LEU A 317 -13.88 -30.62 -42.37
CA LEU A 317 -12.45 -30.56 -42.73
C LEU A 317 -12.00 -31.76 -43.59
N ALA A 318 -12.60 -32.92 -43.36
CA ALA A 318 -12.31 -34.14 -44.11
C ALA A 318 -12.76 -34.05 -45.57
N ARG A 319 -13.89 -33.39 -45.79
CA ARG A 319 -14.44 -33.19 -47.12
C ARG A 319 -13.65 -32.16 -47.91
N VAL A 320 -13.25 -31.08 -47.23
CA VAL A 320 -12.40 -30.05 -47.84
C VAL A 320 -11.05 -30.67 -48.25
N SER A 321 -10.52 -31.54 -47.41
CA SER A 321 -9.23 -32.21 -47.66
C SER A 321 -9.26 -32.98 -48.97
N GLU A 322 -10.23 -33.87 -49.12
CA GLU A 322 -10.30 -34.78 -50.27
C GLU A 322 -10.82 -34.09 -51.54
N LEU A 323 -11.31 -32.86 -51.40
CA LEU A 323 -11.59 -31.98 -52.53
C LEU A 323 -10.30 -31.31 -53.00
N LEU A 324 -9.44 -30.99 -52.05
CA LEU A 324 -8.21 -30.24 -52.33
C LEU A 324 -7.05 -31.03 -52.94
N ARG A 325 -6.91 -32.30 -52.57
CA ARG A 325 -5.69 -33.06 -52.89
C ARG A 325 -5.43 -33.50 -54.35
N PRO A 326 -6.51 -33.70 -55.16
CA PRO A 326 -6.27 -33.89 -56.59
C PRO A 326 -5.54 -32.71 -57.24
N TYR A 327 -5.74 -31.51 -56.70
CA TYR A 327 -5.04 -30.32 -57.18
C TYR A 327 -3.59 -30.31 -56.68
N ALA A 328 -3.37 -30.91 -55.51
CA ALA A 328 -2.05 -31.01 -54.91
C ALA A 328 -1.18 -32.08 -55.59
N GLU A 329 -1.80 -33.20 -55.93
CA GLU A 329 -1.11 -34.34 -56.55
C GLU A 329 -1.11 -34.23 -58.10
N GLU A 330 -1.53 -33.07 -58.60
CA GLU A 330 -1.53 -32.75 -60.03
C GLU A 330 -2.40 -33.72 -60.85
N ARG A 331 -3.61 -33.99 -60.36
CA ARG A 331 -4.61 -34.77 -61.11
C ARG A 331 -6.05 -34.23 -61.00
N GLU A 332 -6.22 -32.96 -61.39
CA GLU A 332 -7.54 -32.33 -61.54
C GLU A 332 -8.25 -32.95 -62.76
N PRO A 333 -9.51 -32.56 -63.03
CA PRO A 333 -10.07 -32.89 -64.35
C PRO A 333 -9.12 -32.45 -65.47
N GLY A 334 -8.19 -33.33 -65.82
CA GLY A 334 -7.09 -33.00 -66.72
C GLY A 334 -6.07 -32.06 -66.08
N HIS A 335 -4.84 -32.09 -66.58
CA HIS A 335 -3.80 -31.16 -66.11
C HIS A 335 -3.13 -30.47 -67.31
N ALA A 336 -3.07 -31.20 -68.43
CA ALA A 336 -2.52 -30.68 -69.68
C ALA A 336 -3.54 -29.77 -70.38
N GLU A 337 -4.65 -29.53 -69.71
CA GLU A 337 -5.75 -28.69 -70.22
C GLU A 337 -5.50 -27.17 -70.10
N ARG A 338 -4.72 -26.77 -69.10
CA ARG A 338 -4.44 -25.36 -68.83
C ARG A 338 -3.06 -25.21 -68.18
N VAL A 339 -2.04 -25.66 -68.89
CA VAL A 339 -0.66 -25.41 -68.48
C VAL A 339 0.09 -24.75 -69.63
N LYS A 340 -0.36 -24.99 -70.85
CA LYS A 340 0.19 -24.32 -72.04
C LYS A 340 -0.36 -22.90 -72.20
N ASN A 341 -1.37 -22.57 -71.39
CA ASN A 341 -2.05 -21.28 -71.48
C ASN A 341 -1.93 -20.46 -70.20
N ARG A 342 -1.67 -21.14 -69.09
CA ARG A 342 -1.61 -20.54 -67.75
C ARG A 342 -0.62 -19.38 -67.65
N PRO A 343 -1.03 -18.25 -67.02
CA PRO A 343 -0.08 -17.16 -66.76
C PRO A 343 0.84 -17.54 -65.60
N GLU A 344 0.29 -17.54 -64.40
CA GLU A 344 0.97 -17.97 -63.18
C GLU A 344 0.14 -19.08 -62.50
N GLN A 345 -1.18 -18.85 -62.45
CA GLN A 345 -2.21 -19.71 -61.83
C GLN A 345 -1.78 -21.13 -61.40
N ALA A 346 -1.49 -22.00 -62.36
CA ALA A 346 -1.22 -23.41 -62.07
C ALA A 346 0.01 -23.62 -61.19
N ILE A 347 1.02 -22.75 -61.34
CA ILE A 347 2.24 -22.80 -60.52
C ILE A 347 1.98 -22.33 -59.08
N ALA A 348 0.91 -21.56 -58.88
CA ALA A 348 0.52 -21.08 -57.56
C ALA A 348 -0.54 -21.99 -56.94
N LEU A 349 -1.43 -22.53 -57.77
CA LEU A 349 -2.49 -23.45 -57.33
C LEU A 349 -1.90 -24.78 -56.81
N GLN A 350 -0.79 -25.21 -57.42
CA GLN A 350 -0.14 -26.45 -57.01
C GLN A 350 0.44 -26.32 -55.61
N ARG A 351 1.17 -25.21 -55.37
CA ARG A 351 1.92 -25.04 -54.13
C ARG A 351 1.01 -24.75 -52.93
N MET A 352 -0.21 -24.31 -53.21
CA MET A 352 -1.17 -23.94 -52.18
C MET A 352 -2.05 -25.10 -51.76
N ALA A 353 -2.63 -25.80 -52.73
CA ALA A 353 -3.45 -26.98 -52.47
C ALA A 353 -2.68 -28.05 -51.68
N ALA A 354 -1.38 -28.15 -51.91
CA ALA A 354 -0.51 -29.06 -51.17
C ALA A 354 -0.21 -28.53 -49.76
N ASP A 355 -0.02 -27.21 -49.68
CA ASP A 355 0.24 -26.51 -48.42
C ASP A 355 -0.97 -26.55 -47.47
N LEU A 356 -2.16 -26.44 -48.05
CA LEU A 356 -3.41 -26.54 -47.29
C LEU A 356 -3.70 -27.98 -46.84
N VAL A 357 -3.42 -28.93 -47.71
CA VAL A 357 -3.74 -30.32 -47.41
C VAL A 357 -2.72 -30.96 -46.44
N LYS A 358 -1.52 -30.37 -46.37
CA LYS A 358 -0.50 -30.82 -45.43
C LYS A 358 -0.94 -30.44 -44.01
N ARG A 359 -1.35 -29.18 -43.86
CA ARG A 359 -1.97 -28.68 -42.62
C ARG A 359 -3.18 -29.52 -42.23
N LEU A 360 -4.07 -29.77 -43.20
CA LEU A 360 -5.30 -30.51 -42.94
C LEU A 360 -5.09 -31.93 -42.42
N ASP A 361 -4.00 -32.57 -42.85
CA ASP A 361 -3.67 -33.94 -42.43
C ASP A 361 -3.40 -34.03 -40.92
N VAL A 362 -2.75 -33.00 -40.38
CA VAL A 362 -2.50 -32.89 -38.94
C VAL A 362 -3.80 -32.92 -38.11
N LEU A 363 -4.78 -32.10 -38.53
CA LEU A 363 -6.11 -32.03 -37.92
C LEU A 363 -6.89 -33.33 -38.07
N LEU A 364 -6.83 -33.90 -39.27
CA LEU A 364 -7.55 -35.12 -39.63
C LEU A 364 -7.02 -36.31 -38.83
N HIS A 365 -5.70 -36.35 -38.66
CA HIS A 365 -5.03 -37.41 -37.92
C HIS A 365 -5.33 -37.33 -36.42
N LEU A 366 -5.70 -36.13 -35.95
CA LEU A 366 -6.17 -35.92 -34.56
C LEU A 366 -7.65 -36.18 -34.38
N GLY A 367 -8.27 -36.75 -35.42
CA GLY A 367 -9.67 -37.17 -35.39
C GLY A 367 -10.65 -36.02 -35.38
N LEU A 368 -10.23 -34.90 -35.95
CA LEU A 368 -10.98 -33.63 -35.88
C LEU A 368 -11.59 -33.26 -37.21
N GLY A 369 -11.69 -34.25 -38.11
CA GLY A 369 -12.14 -34.05 -39.48
C GLY A 369 -13.64 -34.02 -39.66
N TYR A 370 -14.38 -34.01 -38.55
CA TYR A 370 -15.85 -33.97 -38.57
C TYR A 370 -16.39 -32.55 -38.30
N LEU A 371 -15.49 -31.65 -37.90
CA LEU A 371 -15.82 -30.26 -37.66
C LEU A 371 -15.84 -29.46 -38.95
N GLY A 372 -16.71 -28.45 -39.01
CA GLY A 372 -16.77 -27.54 -40.16
C GLY A 372 -16.04 -26.26 -39.84
N LEU A 373 -15.41 -25.63 -40.82
CA LEU A 373 -14.61 -24.44 -40.52
C LEU A 373 -15.40 -23.16 -40.18
N ASP A 374 -16.73 -23.21 -40.30
CA ASP A 374 -17.61 -22.12 -39.84
C ASP A 374 -18.10 -22.31 -38.39
N ARG A 375 -17.74 -23.45 -37.80
CA ARG A 375 -18.17 -23.83 -36.46
C ARG A 375 -17.57 -22.92 -35.40
N SER A 376 -18.47 -22.39 -34.56
CA SER A 376 -18.15 -21.44 -33.51
C SER A 376 -17.42 -22.09 -32.35
N THR A 377 -16.40 -21.40 -31.84
CA THR A 377 -15.56 -21.95 -30.79
C THR A 377 -16.21 -22.17 -29.41
N PRO A 378 -17.22 -21.36 -29.04
CA PRO A 378 -17.89 -21.64 -27.79
C PRO A 378 -18.89 -22.82 -27.86
N THR A 379 -19.17 -23.31 -29.05
CA THR A 379 -20.02 -24.49 -29.19
C THR A 379 -19.20 -25.78 -29.11
N LEU A 380 -17.90 -25.62 -28.89
CA LEU A 380 -16.93 -26.71 -28.81
C LEU A 380 -16.60 -27.13 -27.37
N SER A 381 -16.47 -28.43 -27.14
CA SER A 381 -16.10 -28.95 -25.82
C SER A 381 -14.65 -28.55 -25.46
N PRO A 382 -14.33 -28.47 -24.14
CA PRO A 382 -12.94 -28.13 -23.75
C PRO A 382 -11.86 -28.99 -24.40
N GLY A 383 -12.18 -30.26 -24.68
CA GLY A 383 -11.22 -31.19 -25.25
C GLY A 383 -11.12 -31.05 -26.76
N GLU A 384 -12.21 -30.58 -27.37
CA GLU A 384 -12.19 -30.29 -28.80
C GLU A 384 -11.27 -29.12 -29.14
N LEU A 385 -11.44 -27.97 -28.47
CA LEU A 385 -10.63 -26.80 -28.80
C LEU A 385 -9.19 -26.86 -28.35
N GLN A 386 -8.90 -27.69 -27.35
CA GLN A 386 -7.53 -27.85 -26.89
C GLN A 386 -6.79 -28.73 -27.88
N ARG A 387 -7.53 -29.58 -28.58
CA ARG A 387 -7.01 -30.47 -29.61
C ARG A 387 -6.80 -29.73 -30.93
N LEU A 388 -7.70 -28.81 -31.24
CA LEU A 388 -7.51 -27.90 -32.38
C LEU A 388 -6.41 -26.89 -32.16
N ARG A 389 -5.97 -26.73 -30.92
CA ARG A 389 -4.92 -25.77 -30.60
C ARG A 389 -3.56 -26.49 -30.62
N LEU A 390 -3.60 -27.75 -30.22
CA LEU A 390 -2.50 -28.68 -30.34
C LEU A 390 -2.10 -28.83 -31.82
N ALA A 391 -3.09 -29.09 -32.67
CA ALA A 391 -2.87 -29.30 -34.10
C ALA A 391 -2.22 -28.07 -34.72
N THR A 392 -2.68 -26.88 -34.33
CA THR A 392 -2.19 -25.61 -34.89
C THR A 392 -0.73 -25.35 -34.54
N GLN A 393 -0.33 -25.82 -33.36
CA GLN A 393 1.03 -25.69 -32.87
C GLN A 393 1.98 -26.59 -33.68
N LEU A 394 1.43 -27.69 -34.17
CA LEU A 394 2.23 -28.71 -34.85
C LEU A 394 2.70 -28.25 -36.22
N TYR A 395 2.16 -27.12 -36.69
CA TYR A 395 2.63 -26.47 -37.91
C TYR A 395 2.90 -24.97 -37.73
N SER A 396 3.23 -24.57 -36.52
CA SER A 396 3.35 -23.17 -36.20
C SER A 396 4.80 -22.72 -36.31
N ASN A 397 5.71 -23.68 -36.20
CA ASN A 397 7.17 -23.45 -36.30
C ASN A 397 7.82 -22.91 -35.01
N LEU A 398 7.04 -22.81 -33.92
CA LEU A 398 7.57 -22.43 -32.59
C LEU A 398 8.58 -23.45 -32.07
N PHE A 399 9.67 -22.92 -31.48
CA PHE A 399 10.82 -23.70 -31.03
C PHE A 399 11.23 -23.22 -29.65
N GLY A 400 11.60 -24.13 -28.78
CA GLY A 400 12.09 -23.81 -27.44
C GLY A 400 11.10 -23.18 -26.46
N VAL A 401 9.83 -23.57 -26.49
CA VAL A 401 8.85 -23.12 -25.48
C VAL A 401 8.39 -24.36 -24.69
N VAL A 402 7.72 -24.15 -23.57
CA VAL A 402 6.97 -25.19 -22.87
C VAL A 402 5.47 -25.07 -23.15
N TYR A 403 4.85 -26.19 -23.55
CA TYR A 403 3.39 -26.27 -23.67
C TYR A 403 2.79 -26.82 -22.40
N VAL A 404 1.81 -26.11 -21.86
CA VAL A 404 1.12 -26.52 -20.64
C VAL A 404 -0.34 -26.96 -20.96
N LEU A 405 -0.58 -28.26 -20.83
CA LEU A 405 -1.86 -28.84 -21.21
C LEU A 405 -2.68 -29.36 -20.00
N ASP A 406 -4.00 -29.25 -20.10
CA ASP A 406 -4.88 -29.71 -19.02
C ASP A 406 -5.90 -30.74 -19.51
N GLU A 407 -5.52 -32.02 -19.38
CA GLU A 407 -6.34 -33.13 -19.86
C GLU A 407 -6.75 -33.04 -21.33
N PRO A 408 -5.81 -33.34 -22.24
CA PRO A 408 -6.09 -33.27 -23.67
C PRO A 408 -6.83 -34.51 -24.16
N SER A 409 -6.98 -35.48 -23.26
CA SER A 409 -7.69 -36.72 -23.53
C SER A 409 -9.14 -36.65 -23.07
N ALA A 410 -9.55 -35.50 -22.54
CA ALA A 410 -10.93 -35.31 -22.14
C ALA A 410 -11.81 -35.32 -23.38
N GLY A 411 -12.79 -36.23 -23.41
CA GLY A 411 -13.69 -36.38 -24.53
C GLY A 411 -13.14 -37.30 -25.59
N LEU A 412 -11.96 -37.86 -25.33
CA LEU A 412 -11.36 -38.80 -26.22
C LEU A 412 -11.75 -40.22 -25.89
N HIS A 413 -12.10 -40.96 -26.94
CA HIS A 413 -12.30 -42.39 -26.90
C HIS A 413 -10.97 -43.14 -26.78
N PRO A 414 -10.93 -44.27 -26.03
CA PRO A 414 -9.68 -45.03 -25.91
C PRO A 414 -9.09 -45.49 -27.25
N ALA A 415 -9.94 -45.64 -28.27
CA ALA A 415 -9.50 -46.00 -29.62
C ALA A 415 -8.66 -44.91 -30.29
N ASP A 416 -8.68 -43.69 -29.72
CA ASP A 416 -8.01 -42.55 -30.34
C ASP A 416 -6.81 -41.98 -29.58
N THR A 417 -6.43 -42.57 -28.46
CA THR A 417 -5.35 -41.99 -27.63
C THR A 417 -3.94 -42.08 -28.25
N GLU A 418 -3.70 -43.10 -29.06
CA GLU A 418 -2.47 -43.21 -29.87
C GLU A 418 -2.28 -42.06 -30.86
N ALA A 419 -3.39 -41.47 -31.30
CA ALA A 419 -3.35 -40.30 -32.18
C ALA A 419 -3.01 -39.04 -31.38
N LEU A 420 -3.48 -38.98 -30.15
CA LEU A 420 -3.10 -37.93 -29.22
C LEU A 420 -1.64 -38.06 -28.77
N LEU A 421 -1.25 -39.27 -28.33
CA LEU A 421 0.13 -39.55 -27.92
C LEU A 421 1.17 -39.26 -29.00
N SER A 422 0.78 -39.50 -30.25
CA SER A 422 1.65 -39.30 -31.41
C SER A 422 1.84 -37.83 -31.79
N ALA A 423 0.82 -37.00 -31.54
CA ALA A 423 0.89 -35.56 -31.76
C ALA A 423 1.68 -34.85 -30.68
N LEU A 424 1.70 -35.41 -29.47
CA LEU A 424 2.50 -34.88 -28.36
C LEU A 424 3.99 -35.17 -28.55
N GLU A 425 4.32 -36.35 -29.08
CA GLU A 425 5.71 -36.71 -29.39
C GLU A 425 6.25 -35.87 -30.53
N ASN A 426 5.41 -35.60 -31.53
CA ASN A 426 5.82 -34.75 -32.65
C ASN A 426 6.09 -33.32 -32.20
N LEU A 427 5.25 -32.84 -31.29
CA LEU A 427 5.42 -31.54 -30.68
C LEU A 427 6.70 -31.47 -29.87
N LYS A 428 6.97 -32.51 -29.10
CA LYS A 428 8.22 -32.63 -28.36
C LYS A 428 9.38 -32.55 -29.32
N ARG A 429 9.37 -33.42 -30.33
CA ARG A 429 10.46 -33.55 -31.29
C ARG A 429 10.73 -32.31 -32.14
N GLY A 430 9.88 -31.30 -32.03
CA GLY A 430 10.10 -30.00 -32.68
C GLY A 430 11.00 -29.04 -31.90
N GLY A 431 11.45 -29.48 -30.73
CA GLY A 431 12.32 -28.71 -29.84
C GLY A 431 11.64 -28.17 -28.59
N ASN A 432 10.44 -28.67 -28.28
CA ASN A 432 9.60 -28.16 -27.17
C ASN A 432 9.51 -29.11 -25.97
N SER A 433 8.98 -28.60 -24.85
CA SER A 433 8.75 -29.36 -23.62
C SER A 433 7.25 -29.34 -23.31
N LEU A 434 6.76 -30.43 -22.73
CA LEU A 434 5.33 -30.57 -22.49
C LEU A 434 5.02 -30.85 -21.02
N PHE A 435 4.24 -29.95 -20.41
CA PHE A 435 3.76 -30.17 -19.04
C PHE A 435 2.27 -30.51 -19.13
N VAL A 436 1.91 -31.71 -18.74
CA VAL A 436 0.56 -32.23 -18.97
C VAL A 436 -0.06 -32.72 -17.68
N VAL A 437 -1.11 -32.05 -17.20
CA VAL A 437 -1.92 -32.63 -16.13
C VAL A 437 -2.98 -33.55 -16.72
N GLU A 438 -2.90 -34.81 -16.33
CA GLU A 438 -3.68 -35.87 -16.91
C GLU A 438 -4.12 -36.88 -15.85
N HIS A 439 -5.28 -37.49 -16.10
CA HIS A 439 -5.78 -38.62 -15.32
C HIS A 439 -5.76 -39.94 -16.07
N ASP A 440 -5.77 -39.86 -17.41
CA ASP A 440 -5.74 -41.04 -18.27
C ASP A 440 -4.51 -41.89 -18.01
N LEU A 441 -4.73 -43.14 -17.61
CA LEU A 441 -3.66 -44.08 -17.28
C LEU A 441 -2.86 -44.50 -18.51
N ASP A 442 -3.51 -44.48 -19.67
CA ASP A 442 -2.85 -44.72 -20.95
C ASP A 442 -1.80 -43.67 -21.33
N VAL A 443 -2.04 -42.41 -20.95
CA VAL A 443 -1.08 -41.32 -21.19
C VAL A 443 0.02 -41.34 -20.12
N ILE A 444 -0.38 -41.29 -18.85
CA ILE A 444 0.54 -41.46 -17.72
C ILE A 444 1.60 -42.55 -18.00
N ARG A 445 1.15 -43.72 -18.45
CA ARG A 445 2.03 -44.86 -18.78
C ARG A 445 3.09 -44.57 -19.86
N ARG A 446 2.82 -43.63 -20.76
CA ARG A 446 3.71 -43.40 -21.90
C ARG A 446 4.65 -42.19 -21.72
N ALA A 447 4.49 -41.51 -20.59
CA ALA A 447 5.22 -40.29 -20.29
C ALA A 447 6.69 -40.55 -19.98
N ASP A 448 7.55 -39.59 -20.32
CA ASP A 448 8.99 -39.65 -20.07
C ASP A 448 9.25 -39.52 -18.56
N TRP A 449 8.48 -38.67 -17.90
CA TRP A 449 8.66 -38.34 -16.49
C TRP A 449 7.27 -38.07 -15.89
N LEU A 450 7.14 -38.30 -14.57
CA LEU A 450 5.89 -37.95 -13.91
C LEU A 450 6.04 -37.36 -12.53
N VAL A 451 5.19 -36.40 -12.21
CA VAL A 451 5.16 -35.77 -10.90
C VAL A 451 3.81 -36.08 -10.20
N ASP A 452 3.87 -36.92 -9.16
CA ASP A 452 2.67 -37.30 -8.40
C ASP A 452 2.53 -36.47 -7.14
N VAL A 453 1.40 -35.77 -7.05
CA VAL A 453 1.16 -34.76 -6.04
C VAL A 453 0.16 -35.22 -4.95
N GLY A 454 0.55 -34.97 -3.70
CA GLY A 454 -0.29 -35.03 -2.51
C GLY A 454 -0.73 -36.42 -2.17
N PRO A 455 -0.85 -36.73 -0.87
CA PRO A 455 -1.56 -37.98 -0.62
C PRO A 455 -3.02 -37.81 -1.09
N GLU A 456 -3.71 -36.82 -0.52
CA GLU A 456 -5.14 -36.60 -0.73
C GLU A 456 -5.42 -35.19 -1.29
N ALA A 457 -6.62 -34.65 -1.02
CA ALA A 457 -7.02 -33.34 -1.53
C ALA A 457 -6.90 -32.24 -0.47
N GLY A 458 -6.55 -31.03 -0.91
CA GLY A 458 -6.52 -29.88 0.01
C GLY A 458 -5.42 -29.86 1.05
N GLU A 459 -5.80 -29.60 2.30
CA GLU A 459 -4.87 -29.48 3.41
C GLU A 459 -4.15 -30.81 3.68
N LYS A 460 -4.71 -31.90 3.16
CA LYS A 460 -4.14 -33.24 3.30
C LYS A 460 -3.40 -33.68 2.05
N GLY A 461 -3.16 -32.75 1.13
CA GLY A 461 -2.36 -32.99 -0.05
C GLY A 461 -1.29 -31.92 -0.22
N GLY A 462 -0.95 -31.61 -1.46
CA GLY A 462 0.00 -30.52 -1.72
C GLY A 462 1.46 -30.87 -1.54
N GLU A 463 1.80 -32.16 -1.48
CA GLU A 463 3.20 -32.61 -1.46
C GLU A 463 3.59 -33.52 -2.62
N ILE A 464 4.90 -33.68 -2.82
CA ILE A 464 5.40 -34.43 -3.97
C ILE A 464 5.65 -35.82 -3.50
N LEU A 465 4.92 -36.77 -4.07
CA LEU A 465 5.10 -38.16 -3.71
C LEU A 465 6.24 -38.77 -4.51
N TYR A 466 6.35 -38.32 -5.75
CA TYR A 466 7.31 -38.87 -6.70
C TYR A 466 7.64 -37.86 -7.80
N SER A 467 8.92 -37.77 -8.17
CA SER A 467 9.32 -37.13 -9.41
C SER A 467 10.35 -38.04 -10.10
N GLY A 468 9.94 -38.70 -11.18
CA GLY A 468 10.83 -39.58 -11.94
C GLY A 468 10.05 -40.28 -13.05
N PRO A 469 10.73 -41.13 -13.85
CA PRO A 469 10.05 -41.98 -14.84
C PRO A 469 8.90 -42.78 -14.22
N PRO A 470 7.82 -43.04 -14.98
CA PRO A 470 6.66 -43.78 -14.45
C PRO A 470 6.97 -45.08 -13.69
N GLU A 471 7.94 -45.87 -14.17
CA GLU A 471 8.20 -47.20 -13.61
C GLU A 471 8.64 -47.21 -12.13
N GLY A 472 9.18 -46.09 -11.66
CA GLY A 472 9.64 -45.96 -10.29
C GLY A 472 8.55 -45.60 -9.28
N LEU A 473 7.36 -45.32 -9.79
CA LEU A 473 6.20 -45.06 -8.94
C LEU A 473 5.75 -46.37 -8.28
N LYS A 474 6.23 -47.47 -8.84
CA LYS A 474 5.95 -48.82 -8.37
C LYS A 474 6.56 -49.07 -6.99
N HIS A 475 7.40 -48.14 -6.52
CA HIS A 475 8.07 -48.27 -5.22
C HIS A 475 7.58 -47.26 -4.18
N VAL A 476 6.53 -46.50 -4.50
CA VAL A 476 5.94 -45.55 -3.54
C VAL A 476 4.45 -45.88 -3.29
N PRO A 477 4.15 -46.48 -2.11
CA PRO A 477 2.87 -47.10 -1.78
C PRO A 477 1.77 -46.14 -1.30
N GLU A 478 2.17 -44.91 -0.97
CA GLU A 478 1.23 -43.84 -0.61
C GLU A 478 0.55 -43.25 -1.86
N SER A 479 1.04 -43.63 -3.03
CA SER A 479 0.53 -43.11 -4.30
C SER A 479 -0.65 -43.91 -4.86
N GLN A 480 -1.80 -43.24 -4.98
CA GLN A 480 -3.01 -43.85 -5.55
C GLN A 480 -2.98 -43.93 -7.09
N THR A 481 -2.15 -43.10 -7.73
CA THR A 481 -1.82 -43.29 -9.16
C THR A 481 -1.09 -44.62 -9.34
N GLY A 482 -0.08 -44.85 -8.49
CA GLY A 482 0.69 -46.08 -8.54
C GLY A 482 -0.10 -47.34 -8.27
N GLN A 483 -1.22 -47.20 -7.57
CA GLN A 483 -2.07 -48.36 -7.22
C GLN A 483 -2.94 -48.79 -8.39
N TYR A 484 -3.55 -47.82 -9.06
CA TYR A 484 -4.31 -48.10 -10.28
C TYR A 484 -3.39 -48.56 -11.40
N LEU A 485 -2.22 -47.96 -11.45
CA LEU A 485 -1.27 -48.17 -12.54
C LEU A 485 -0.55 -49.52 -12.41
N PHE A 486 -0.22 -49.92 -11.19
CA PHE A 486 0.61 -51.12 -10.96
C PHE A 486 0.05 -52.17 -9.99
N ALA A 487 -0.89 -51.80 -9.13
CA ALA A 487 -1.35 -52.71 -8.08
C ALA A 487 -2.75 -53.28 -8.28
N ASP A 488 -3.43 -52.84 -9.35
CA ASP A 488 -4.72 -53.38 -9.78
C ASP A 488 -5.87 -53.06 -8.79
N ARG A 489 -6.13 -51.76 -8.58
CA ARG A 489 -7.26 -51.35 -7.76
C ARG A 489 -8.56 -51.46 -8.55
N HIS A 490 -9.37 -52.46 -8.17
CA HIS A 490 -10.75 -52.58 -8.64
C HIS A 490 -11.72 -52.24 -7.52
N THR A 491 -12.92 -51.83 -7.91
CA THR A 491 -14.10 -52.13 -7.13
C THR A 491 -14.71 -53.31 -7.87
N GLU A 492 -14.97 -54.40 -7.14
CA GLU A 492 -15.38 -55.65 -7.76
C GLU A 492 -16.72 -55.54 -8.51
N PRO A 493 -16.98 -56.45 -9.48
CA PRO A 493 -18.00 -56.27 -10.54
C PRO A 493 -19.39 -55.75 -10.12
N HIS A 494 -20.14 -55.30 -11.12
CA HIS A 494 -21.47 -54.73 -10.93
C HIS A 494 -22.54 -55.53 -11.70
N THR A 495 -23.54 -56.04 -10.99
CA THR A 495 -24.66 -56.77 -11.61
C THR A 495 -25.69 -55.76 -12.15
N PRO A 496 -26.01 -55.86 -13.46
CA PRO A 496 -26.98 -54.96 -14.07
C PRO A 496 -28.37 -55.08 -13.45
N ARG A 497 -28.96 -53.93 -13.13
CA ARG A 497 -30.31 -53.87 -12.61
C ARG A 497 -31.32 -53.89 -13.75
N GLU A 498 -32.49 -54.49 -13.48
CA GLU A 498 -33.55 -54.62 -14.47
C GLU A 498 -34.34 -53.31 -14.65
N PRO A 499 -34.55 -52.90 -15.91
CA PRO A 499 -35.44 -51.80 -16.28
C PRO A 499 -36.82 -51.82 -15.62
N ALA A 500 -37.34 -50.63 -15.36
CA ALA A 500 -38.70 -50.45 -14.86
C ALA A 500 -39.67 -50.10 -16.00
N GLY A 501 -39.14 -49.45 -17.04
CA GLY A 501 -39.88 -49.05 -18.23
C GLY A 501 -38.96 -48.65 -19.37
N TRP A 502 -39.53 -48.15 -20.46
CA TRP A 502 -38.73 -47.79 -21.64
C TRP A 502 -39.16 -46.48 -22.27
N LEU A 503 -38.21 -45.56 -22.42
CA LEU A 503 -38.42 -44.24 -23.03
C LEU A 503 -38.00 -44.30 -24.50
N GLU A 504 -38.90 -43.89 -25.39
CA GLU A 504 -38.63 -43.94 -26.84
C GLU A 504 -38.36 -42.54 -27.41
N LEU A 505 -37.20 -42.38 -28.04
CA LEU A 505 -36.86 -41.17 -28.79
C LEU A 505 -36.75 -41.56 -30.27
N ASN A 506 -37.81 -41.24 -31.02
CA ASN A 506 -37.96 -41.62 -32.42
C ASN A 506 -37.83 -40.42 -33.37
N GLY A 507 -37.29 -40.68 -34.56
CA GLY A 507 -37.21 -39.69 -35.65
C GLY A 507 -36.29 -38.54 -35.35
N VAL A 508 -35.13 -38.86 -34.79
CA VAL A 508 -34.18 -37.86 -34.31
C VAL A 508 -33.35 -37.31 -35.47
N THR A 509 -33.80 -36.18 -36.04
CA THR A 509 -33.03 -35.46 -37.07
C THR A 509 -32.29 -34.27 -36.44
N ARG A 510 -30.98 -34.19 -36.70
CA ARG A 510 -30.09 -33.21 -36.04
C ARG A 510 -28.63 -33.51 -36.41
N ASN A 511 -27.97 -32.52 -37.02
CA ASN A 511 -26.58 -32.64 -37.44
C ASN A 511 -26.34 -33.89 -38.26
N ASN A 512 -25.63 -34.89 -37.69
CA ASN A 512 -25.33 -36.15 -38.41
C ASN A 512 -26.29 -37.34 -38.19
N LEU A 513 -27.36 -37.11 -37.44
CA LEU A 513 -28.40 -38.10 -37.23
C LEU A 513 -29.56 -37.82 -38.18
N ASP A 514 -29.87 -38.79 -39.05
CA ASP A 514 -31.06 -38.75 -39.89
C ASP A 514 -32.20 -39.23 -38.97
N ASN A 515 -33.25 -39.85 -39.52
CA ASN A 515 -34.34 -40.33 -38.66
C ASN A 515 -33.98 -41.60 -37.87
N LEU A 516 -33.27 -41.38 -36.77
CA LEU A 516 -32.77 -42.42 -35.87
C LEU A 516 -33.74 -42.65 -34.71
N ASP A 517 -34.06 -43.92 -34.47
CA ASP A 517 -34.93 -44.36 -33.36
C ASP A 517 -34.12 -45.10 -32.29
N VAL A 518 -34.26 -44.67 -31.04
CA VAL A 518 -33.44 -45.18 -29.93
C VAL A 518 -34.28 -45.37 -28.65
N ARG A 519 -33.89 -46.33 -27.82
CA ARG A 519 -34.61 -46.60 -26.56
C ARG A 519 -33.73 -46.43 -25.33
N PHE A 520 -34.25 -45.74 -24.32
CA PHE A 520 -33.54 -45.61 -23.04
C PHE A 520 -34.37 -46.27 -21.94
N PRO A 521 -33.79 -47.24 -21.21
CA PRO A 521 -34.49 -47.94 -20.11
C PRO A 521 -34.62 -47.03 -18.89
N LEU A 522 -35.67 -47.24 -18.08
CA LEU A 522 -35.91 -46.39 -16.91
C LEU A 522 -35.62 -47.09 -15.58
N GLY A 523 -35.38 -46.27 -14.54
CA GLY A 523 -35.06 -46.74 -13.20
C GLY A 523 -33.70 -47.40 -13.13
N VAL A 524 -32.88 -47.08 -14.13
CA VAL A 524 -31.61 -47.75 -14.41
C VAL A 524 -30.61 -46.70 -14.89
N MET A 525 -29.32 -47.02 -14.81
CA MET A 525 -28.27 -46.13 -15.28
C MET A 525 -27.64 -46.57 -16.62
N THR A 526 -27.71 -45.68 -17.63
CA THR A 526 -27.20 -45.92 -18.98
C THR A 526 -26.02 -45.02 -19.33
N SER A 527 -25.00 -45.62 -19.96
CA SER A 527 -23.86 -44.92 -20.53
C SER A 527 -24.01 -44.83 -22.04
N VAL A 528 -23.87 -43.64 -22.58
CA VAL A 528 -23.90 -43.45 -24.03
C VAL A 528 -22.47 -43.21 -24.55
N THR A 529 -21.92 -44.24 -25.19
CA THR A 529 -20.54 -44.27 -25.64
C THR A 529 -20.38 -44.18 -27.17
N GLY A 530 -19.14 -44.06 -27.63
CA GLY A 530 -18.86 -43.83 -29.04
C GLY A 530 -17.70 -42.88 -29.28
N VAL A 531 -17.15 -42.93 -30.49
CA VAL A 531 -16.05 -42.07 -30.99
C VAL A 531 -16.39 -40.56 -30.90
N SER A 532 -15.37 -39.69 -30.83
CA SER A 532 -15.60 -38.24 -30.82
C SER A 532 -16.23 -37.85 -32.15
N GLY A 533 -17.24 -37.01 -32.09
CA GLY A 533 -17.96 -36.59 -33.30
C GLY A 533 -18.97 -37.61 -33.81
N SER A 534 -19.20 -38.66 -33.02
CA SER A 534 -20.23 -39.68 -33.31
C SER A 534 -21.64 -39.12 -33.30
N GLY A 535 -22.04 -38.55 -32.18
CA GLY A 535 -23.40 -38.00 -32.04
C GLY A 535 -24.05 -38.18 -30.69
N LYS A 536 -23.29 -38.67 -29.71
CA LYS A 536 -23.74 -38.87 -28.33
C LYS A 536 -24.29 -37.59 -27.72
N SER A 537 -23.45 -36.56 -27.74
CA SER A 537 -23.84 -35.23 -27.34
C SER A 537 -25.04 -34.68 -28.13
N THR A 538 -25.09 -34.98 -29.42
CA THR A 538 -26.20 -34.59 -30.30
C THR A 538 -27.49 -35.35 -29.95
N LEU A 539 -27.36 -36.63 -29.59
CA LEU A 539 -28.50 -37.45 -29.16
C LEU A 539 -28.98 -37.11 -27.75
N VAL A 540 -28.04 -37.06 -26.80
CA VAL A 540 -28.38 -37.03 -25.37
C VAL A 540 -28.57 -35.62 -24.84
N SER A 541 -27.53 -34.78 -24.97
CA SER A 541 -27.57 -33.42 -24.46
C SER A 541 -28.49 -32.52 -25.28
N GLN A 542 -28.38 -32.59 -26.60
CA GLN A 542 -29.20 -31.74 -27.46
C GLN A 542 -30.60 -32.31 -27.69
N ALA A 543 -30.70 -33.44 -28.39
CA ALA A 543 -32.01 -33.98 -28.80
C ALA A 543 -32.89 -34.48 -27.67
N LEU A 544 -32.35 -35.33 -26.81
CA LEU A 544 -33.15 -35.88 -25.73
C LEU A 544 -33.68 -34.73 -24.88
N VAL A 545 -32.77 -33.97 -24.28
CA VAL A 545 -33.09 -32.91 -23.33
C VAL A 545 -34.17 -31.93 -23.82
N ASP A 546 -34.03 -31.39 -25.03
CA ASP A 546 -35.08 -30.52 -25.51
C ASP A 546 -36.09 -31.26 -26.39
N ALA A 547 -36.36 -32.50 -26.02
CA ALA A 547 -37.60 -33.17 -26.41
C ALA A 547 -38.47 -33.24 -25.15
N LEU A 548 -37.88 -33.69 -24.04
CA LEU A 548 -38.67 -33.81 -22.81
C LEU A 548 -38.75 -32.56 -21.92
N ALA A 549 -38.01 -31.51 -22.29
CA ALA A 549 -38.22 -30.18 -21.72
C ALA A 549 -39.51 -29.59 -22.31
N ALA A 550 -39.76 -29.91 -23.58
CA ALA A 550 -40.99 -29.52 -24.27
C ALA A 550 -42.23 -30.27 -23.78
N HIS A 551 -42.03 -31.51 -23.33
CA HIS A 551 -43.09 -32.34 -22.74
C HIS A 551 -43.46 -31.87 -21.32
N PHE A 552 -42.54 -31.18 -20.64
CA PHE A 552 -42.79 -30.67 -19.28
C PHE A 552 -43.00 -29.16 -19.25
N GLY A 553 -42.79 -28.54 -18.09
CA GLY A 553 -43.01 -27.11 -17.90
C GLY A 553 -41.77 -26.24 -17.87
N GLN A 554 -40.66 -26.75 -18.40
CA GLN A 554 -39.42 -25.98 -18.57
C GLN A 554 -38.62 -26.44 -19.77
N GLY A 572 -33.34 -29.08 -34.96
CA GLY A 572 -33.72 -30.37 -35.53
C GLY A 572 -35.10 -30.89 -35.11
N SER A 573 -35.31 -32.19 -35.31
CA SER A 573 -36.59 -32.85 -34.96
C SER A 573 -36.39 -33.98 -33.93
N ALA A 574 -37.50 -34.44 -33.36
CA ALA A 574 -37.57 -35.60 -32.45
C ALA A 574 -39.02 -35.93 -32.11
N ARG A 575 -39.25 -37.14 -31.61
CA ARG A 575 -40.58 -37.54 -31.15
C ARG A 575 -40.50 -38.45 -29.93
N LEU A 576 -41.30 -38.13 -28.91
CA LEU A 576 -41.35 -38.88 -27.66
C LEU A 576 -42.37 -40.01 -27.69
N GLY A 577 -42.07 -41.07 -26.95
CA GLY A 577 -42.94 -42.26 -26.85
C GLY A 577 -42.48 -43.11 -25.69
N GLY A 578 -43.07 -44.30 -25.59
CA GLY A 578 -42.72 -45.23 -24.51
C GLY A 578 -43.53 -45.00 -23.25
N ASP A 579 -43.01 -45.48 -22.13
CA ASP A 579 -43.70 -45.37 -20.83
C ASP A 579 -43.40 -44.01 -20.18
N LEU A 580 -44.14 -43.00 -20.62
CA LEU A 580 -44.00 -41.61 -20.17
C LEU A 580 -44.49 -41.37 -18.74
N ALA A 581 -45.60 -42.00 -18.38
CA ALA A 581 -46.25 -41.75 -17.08
C ALA A 581 -45.37 -42.13 -15.87
N GLN A 582 -44.14 -42.58 -16.16
CA GLN A 582 -43.15 -42.88 -15.13
C GLN A 582 -42.18 -41.71 -14.88
N ILE A 583 -42.19 -40.72 -15.78
CA ILE A 583 -41.25 -39.61 -15.72
C ILE A 583 -41.92 -38.28 -15.36
N THR A 584 -41.44 -37.69 -14.25
CA THR A 584 -42.02 -36.50 -13.66
C THR A 584 -41.17 -35.28 -13.97
N ARG A 585 -39.88 -35.39 -13.66
CA ARG A 585 -38.95 -34.29 -13.86
C ARG A 585 -37.79 -34.66 -14.78
N LEU A 586 -37.30 -33.65 -15.48
CA LEU A 586 -36.03 -33.67 -16.19
C LEU A 586 -35.07 -32.83 -15.35
N VAL A 587 -33.91 -33.38 -15.07
CA VAL A 587 -32.83 -32.61 -14.46
C VAL A 587 -31.58 -32.80 -15.32
N ARG A 588 -31.07 -31.71 -15.89
CA ARG A 588 -29.84 -31.81 -16.65
C ARG A 588 -28.68 -31.24 -15.85
N VAL A 589 -27.55 -31.94 -15.87
CA VAL A 589 -26.35 -31.50 -15.19
C VAL A 589 -25.24 -31.23 -16.20
N ASP A 590 -25.00 -29.95 -16.42
CA ASP A 590 -24.01 -29.43 -17.36
C ASP A 590 -22.63 -29.23 -16.74
N GLN A 591 -21.63 -29.05 -17.61
CA GLN A 591 -20.26 -28.77 -17.19
C GLN A 591 -20.00 -27.28 -16.86
N LYS A 592 -20.92 -26.42 -17.30
CA LYS A 592 -20.82 -24.95 -17.16
C LYS A 592 -20.63 -24.50 -15.70
N PRO A 593 -20.12 -23.28 -15.47
CA PRO A 593 -19.88 -22.79 -14.10
C PRO A 593 -21.15 -22.56 -13.32
N ILE A 594 -21.05 -22.43 -12.00
CA ILE A 594 -22.24 -22.16 -11.20
C ILE A 594 -22.65 -20.70 -11.40
N GLY A 595 -21.65 -19.81 -11.51
CA GLY A 595 -21.83 -18.42 -11.97
C GLY A 595 -20.61 -17.98 -12.78
N ARG A 596 -20.74 -16.84 -13.47
CA ARG A 596 -19.69 -16.29 -14.33
C ARG A 596 -18.74 -15.29 -13.64
N THR A 597 -19.15 -14.79 -12.48
CA THR A 597 -18.43 -13.78 -11.71
C THR A 597 -18.22 -14.32 -10.31
N PRO A 598 -17.39 -13.63 -9.48
CA PRO A 598 -17.17 -14.06 -8.08
C PRO A 598 -18.30 -13.83 -7.06
N ARG A 599 -19.46 -13.30 -7.49
CA ARG A 599 -20.66 -13.26 -6.62
C ARG A 599 -21.00 -14.65 -6.16
N SER A 600 -20.96 -15.59 -7.13
CA SER A 600 -21.40 -16.97 -6.95
C SER A 600 -20.44 -17.78 -6.11
N ASN A 601 -21.02 -18.67 -5.31
CA ASN A 601 -20.27 -19.63 -4.52
C ASN A 601 -21.16 -20.82 -4.09
N MET A 602 -20.57 -21.89 -3.56
CA MET A 602 -21.36 -23.02 -3.03
C MET A 602 -22.42 -22.54 -2.07
N ALA A 603 -22.02 -21.64 -1.17
CA ALA A 603 -22.85 -21.22 -0.03
C ALA A 603 -24.23 -20.76 -0.46
N THR A 604 -24.23 -20.09 -1.60
CA THR A 604 -25.41 -19.40 -2.07
C THR A 604 -26.12 -20.22 -3.18
N TYR A 605 -25.36 -21.10 -3.87
CA TYR A 605 -25.90 -21.98 -4.90
C TYR A 605 -26.69 -23.18 -4.31
N THR A 606 -26.22 -23.64 -3.14
CA THR A 606 -26.88 -24.73 -2.44
C THR A 606 -28.15 -24.24 -1.73
N GLY A 607 -28.13 -22.98 -1.31
CA GLY A 607 -29.28 -22.34 -0.69
C GLY A 607 -29.08 -22.26 0.81
N LEU A 608 -27.95 -22.77 1.28
CA LEU A 608 -27.67 -22.86 2.70
C LEU A 608 -27.34 -21.52 3.36
N PHE A 609 -26.95 -20.52 2.56
CA PHE A 609 -26.51 -19.26 3.14
C PHE A 609 -27.67 -18.49 3.79
N ASP A 610 -28.90 -18.74 3.34
CA ASP A 610 -30.11 -18.07 3.85
C ASP A 610 -30.36 -18.26 5.34
N GLN A 611 -30.12 -19.49 5.83
CA GLN A 611 -30.29 -19.88 7.23
C GLN A 611 -29.11 -19.38 8.06
N VAL A 612 -27.93 -19.40 7.44
CA VAL A 612 -26.72 -18.87 8.03
C VAL A 612 -26.96 -17.40 8.42
N ARG A 613 -27.62 -16.64 7.56
CA ARG A 613 -27.77 -15.20 7.82
C ARG A 613 -28.81 -14.96 8.90
N LYS A 614 -29.82 -15.82 8.90
CA LYS A 614 -30.81 -15.99 9.98
C LYS A 614 -30.16 -16.18 11.37
N LEU A 615 -29.12 -17.01 11.45
CA LEU A 615 -28.45 -17.33 12.72
C LEU A 615 -27.60 -16.17 13.22
N PHE A 616 -27.12 -15.35 12.29
CA PHE A 616 -26.36 -14.14 12.63
C PHE A 616 -27.29 -13.02 13.10
N ALA A 617 -28.43 -12.88 12.45
CA ALA A 617 -29.43 -11.87 12.79
C ALA A 617 -30.06 -12.09 14.18
N ALA A 618 -29.87 -13.28 14.75
CA ALA A 618 -30.45 -13.64 16.06
C ALA A 618 -29.48 -13.51 17.25
N THR A 619 -28.32 -12.93 17.02
CA THR A 619 -27.29 -12.78 18.05
C THR A 619 -27.49 -11.52 18.85
N PRO A 620 -27.06 -11.52 20.13
CA PRO A 620 -27.14 -10.38 21.04
C PRO A 620 -26.68 -9.03 20.45
N LEU A 621 -25.62 -9.03 19.65
CA LEU A 621 -25.08 -7.76 19.11
C LEU A 621 -25.84 -7.28 17.88
N ALA A 622 -26.26 -8.22 17.03
CA ALA A 622 -27.10 -7.92 15.87
C ALA A 622 -28.45 -7.40 16.34
N LYS A 623 -28.93 -7.92 17.46
CA LYS A 623 -30.20 -7.50 18.03
C LYS A 623 -30.15 -6.06 18.57
N LYS A 624 -29.03 -5.69 19.21
CA LYS A 624 -28.77 -4.33 19.69
C LYS A 624 -28.87 -3.28 18.59
N ARG A 625 -28.15 -3.51 17.50
CA ARG A 625 -28.27 -2.71 16.31
C ARG A 625 -29.50 -3.19 15.58
N GLY A 626 -30.08 -2.37 14.71
CA GLY A 626 -31.28 -2.81 14.03
C GLY A 626 -30.94 -3.60 12.80
N TYR A 627 -30.26 -4.75 12.97
CA TYR A 627 -29.84 -5.61 11.84
C TYR A 627 -30.83 -6.74 11.63
N ASN A 628 -31.15 -7.00 10.38
CA ASN A 628 -31.84 -8.21 10.02
C ASN A 628 -30.86 -9.08 9.23
N ALA A 629 -31.34 -10.24 8.77
CA ALA A 629 -30.53 -11.22 8.06
C ALA A 629 -29.96 -10.60 6.79
N GLY A 630 -30.65 -9.60 6.26
CA GLY A 630 -30.22 -8.83 5.11
C GLY A 630 -28.86 -8.15 5.25
N ARG A 631 -28.54 -7.66 6.44
CA ARG A 631 -27.19 -7.16 6.74
C ARG A 631 -26.07 -8.15 6.34
N PHE A 632 -26.40 -9.45 6.26
CA PHE A 632 -25.37 -10.47 6.14
C PHE A 632 -25.37 -11.06 4.73
N SER A 633 -26.14 -10.44 3.85
CA SER A 633 -26.11 -10.75 2.44
C SER A 633 -25.00 -9.93 1.77
N PHE A 634 -24.27 -10.52 0.83
CA PHE A 634 -23.39 -9.72 -0.01
C PHE A 634 -24.06 -9.45 -1.35
N ASN A 635 -25.36 -9.73 -1.46
CA ASN A 635 -26.11 -9.44 -2.70
C ASN A 635 -27.04 -8.26 -2.55
N VAL A 636 -27.00 -7.68 -1.37
CA VAL A 636 -27.87 -6.60 -1.02
C VAL A 636 -26.99 -5.51 -0.39
N LYS A 637 -27.27 -4.26 -0.76
CA LYS A 637 -26.59 -3.10 -0.21
C LYS A 637 -26.86 -2.96 1.30
N GLY A 638 -25.87 -2.46 2.05
CA GLY A 638 -26.04 -2.24 3.51
C GLY A 638 -24.92 -2.75 4.41
N GLY A 639 -24.79 -4.07 4.50
CA GLY A 639 -23.72 -4.73 5.30
C GLY A 639 -22.48 -5.21 4.53
N ARG A 640 -22.57 -5.26 3.20
CA ARG A 640 -21.46 -5.67 2.34
C ARG A 640 -20.47 -4.54 2.07
N CYS A 641 -19.29 -4.93 1.59
CA CYS A 641 -18.35 -3.95 1.08
C CYS A 641 -18.90 -3.45 -0.24
N GLU A 642 -19.11 -2.16 -0.33
CA GLU A 642 -19.70 -1.60 -1.53
C GLU A 642 -18.67 -1.22 -2.58
N HIS A 643 -17.39 -1.30 -2.22
CA HIS A 643 -16.30 -1.02 -3.17
C HIS A 643 -16.24 -2.10 -4.26
N CYS A 644 -16.51 -3.35 -3.84
CA CYS A 644 -16.54 -4.51 -4.74
C CYS A 644 -17.96 -5.05 -4.82
N GLN A 645 -18.90 -4.36 -4.18
CA GLN A 645 -20.31 -4.77 -4.17
C GLN A 645 -20.48 -6.19 -3.61
N GLY A 646 -19.64 -6.55 -2.64
CA GLY A 646 -19.75 -7.85 -1.99
C GLY A 646 -19.19 -9.05 -2.75
N GLU A 647 -18.48 -8.80 -3.85
CA GLU A 647 -17.85 -9.88 -4.63
C GLU A 647 -16.49 -10.32 -4.06
N GLY A 648 -15.89 -9.47 -3.24
CA GLY A 648 -14.64 -9.77 -2.54
C GLY A 648 -13.43 -9.60 -3.42
N TRP A 649 -13.68 -9.55 -4.73
CA TRP A 649 -12.67 -9.54 -5.77
C TRP A 649 -12.96 -8.48 -6.83
N VAL A 650 -11.89 -7.96 -7.42
CA VAL A 650 -12.00 -6.88 -8.41
C VAL A 650 -11.27 -7.22 -9.71
N MET A 651 -11.90 -6.88 -10.83
CA MET A 651 -11.34 -7.15 -12.16
C MET A 651 -10.17 -6.23 -12.50
N VAL A 652 -9.08 -6.85 -12.93
CA VAL A 652 -7.91 -6.08 -13.35
C VAL A 652 -7.81 -6.08 -14.87
N GLU A 653 -8.53 -5.13 -15.47
CA GLU A 653 -8.51 -4.88 -16.92
C GLU A 653 -7.18 -4.26 -17.34
N LEU A 654 -6.17 -4.59 -16.53
CA LEU A 654 -4.80 -4.22 -16.75
C LEU A 654 -4.16 -5.31 -17.60
N LEU A 655 -4.66 -6.53 -17.42
CA LEU A 655 -4.35 -7.62 -18.33
C LEU A 655 -5.25 -7.55 -19.56
N PHE A 656 -4.64 -7.12 -20.68
CA PHE A 656 -5.30 -6.94 -21.98
C PHE A 656 -5.47 -8.27 -22.73
N LEU A 657 -4.67 -9.28 -22.35
CA LEU A 657 -4.97 -10.67 -22.67
C LEU A 657 -5.89 -11.09 -21.54
N PRO A 658 -6.85 -12.00 -21.80
CA PRO A 658 -7.97 -12.19 -20.88
C PRO A 658 -7.72 -11.67 -19.48
N SER A 659 -8.56 -10.70 -19.07
CA SER A 659 -8.53 -10.12 -17.73
C SER A 659 -8.68 -11.16 -16.61
N VAL A 660 -8.08 -10.88 -15.44
CA VAL A 660 -8.19 -11.76 -14.26
C VAL A 660 -8.68 -11.01 -13.01
N TYR A 661 -8.81 -11.71 -11.89
CA TYR A 661 -9.34 -11.13 -10.63
C TYR A 661 -8.31 -10.98 -9.51
N ALA A 662 -8.30 -9.81 -8.88
CA ALA A 662 -7.44 -9.53 -7.73
C ALA A 662 -8.31 -9.30 -6.50
N PRO A 663 -7.77 -9.50 -5.28
CA PRO A 663 -8.63 -9.28 -4.10
C PRO A 663 -8.98 -7.80 -3.96
N CYS A 664 -10.19 -7.50 -3.49
CA CYS A 664 -10.62 -6.12 -3.30
C CYS A 664 -9.66 -5.36 -2.37
N PRO A 665 -9.20 -4.16 -2.79
CA PRO A 665 -8.28 -3.36 -1.98
C PRO A 665 -8.83 -2.88 -0.64
N VAL A 666 -10.15 -2.98 -0.44
CA VAL A 666 -10.80 -2.44 0.75
C VAL A 666 -11.23 -3.51 1.76
N CYS A 667 -11.78 -4.62 1.30
CA CYS A 667 -12.14 -5.67 2.24
C CYS A 667 -11.15 -6.82 2.16
N HIS A 668 -10.34 -6.83 1.10
CA HIS A 668 -9.32 -7.87 0.92
C HIS A 668 -9.92 -9.26 0.75
N GLY A 669 -11.17 -9.33 0.32
CA GLY A 669 -11.79 -10.61 0.02
C GLY A 669 -12.78 -11.11 1.04
N THR A 670 -13.01 -10.35 2.12
CA THR A 670 -14.01 -10.71 3.12
C THR A 670 -15.42 -10.52 2.61
N ARG A 671 -15.63 -9.50 1.78
CA ARG A 671 -16.92 -9.16 1.11
C ARG A 671 -17.85 -8.24 1.94
N TYR A 672 -17.43 -7.88 3.16
CA TYR A 672 -18.28 -7.13 4.09
C TYR A 672 -17.55 -5.94 4.65
N ASN A 673 -18.30 -4.91 5.09
CA ASN A 673 -17.69 -3.80 5.81
C ASN A 673 -17.24 -4.24 7.19
N ALA A 674 -16.48 -3.40 7.89
CA ALA A 674 -15.84 -3.75 9.15
C ALA A 674 -16.85 -3.91 10.28
N GLU A 675 -17.92 -3.13 10.21
CA GLU A 675 -18.93 -3.11 11.26
C GLU A 675 -19.76 -4.38 11.26
N THR A 676 -19.95 -4.97 10.07
CA THR A 676 -20.66 -6.25 9.93
C THR A 676 -19.83 -7.41 10.50
N LEU A 677 -18.50 -7.28 10.50
CA LEU A 677 -17.61 -8.40 10.87
C LEU A 677 -17.32 -8.42 12.37
N GLU A 678 -17.79 -7.39 13.06
CA GLU A 678 -17.76 -7.31 14.52
C GLU A 678 -18.77 -8.25 15.20
N VAL A 679 -19.75 -8.72 14.43
CA VAL A 679 -20.81 -9.62 14.93
C VAL A 679 -20.38 -11.07 14.76
N GLU A 680 -20.41 -11.83 15.87
CA GLU A 680 -20.01 -13.23 15.84
C GLU A 680 -21.09 -14.22 16.33
N TYR A 681 -21.35 -15.21 15.49
CA TYR A 681 -22.14 -16.40 15.87
C TYR A 681 -21.17 -17.51 16.25
N ARG A 682 -21.20 -17.87 17.53
CA ARG A 682 -20.34 -18.90 18.11
C ARG A 682 -18.86 -18.70 17.84
N GLY A 683 -18.39 -17.47 18.09
CA GLY A 683 -16.96 -17.11 17.94
C GLY A 683 -16.43 -17.04 16.51
N LYS A 684 -17.33 -17.01 15.53
CA LYS A 684 -16.99 -16.82 14.12
C LYS A 684 -17.72 -15.62 13.49
N ASN A 685 -17.02 -14.75 12.75
CA ASN A 685 -17.73 -13.69 12.02
C ASN A 685 -18.30 -14.27 10.73
N ILE A 686 -18.96 -13.49 9.89
CA ILE A 686 -19.63 -14.06 8.72
C ILE A 686 -18.62 -14.46 7.64
N ALA A 687 -17.45 -13.81 7.65
CA ALA A 687 -16.35 -14.10 6.73
C ALA A 687 -15.59 -15.30 7.25
N ASP A 688 -15.62 -15.47 8.58
CA ASP A 688 -15.04 -16.66 9.21
C ASP A 688 -15.79 -17.88 8.71
N VAL A 689 -17.12 -17.80 8.56
CA VAL A 689 -17.85 -18.97 8.04
C VAL A 689 -17.66 -19.21 6.53
N LEU A 690 -17.69 -18.16 5.72
CA LEU A 690 -17.43 -18.29 4.29
C LEU A 690 -16.03 -18.78 3.93
N ALA A 691 -15.04 -18.52 4.78
CA ALA A 691 -13.68 -19.06 4.65
C ALA A 691 -13.54 -20.54 5.05
N LEU A 692 -14.62 -21.12 5.56
CA LEU A 692 -14.65 -22.48 6.05
C LEU A 692 -14.75 -23.44 4.89
N THR A 693 -13.95 -24.50 5.01
CA THR A 693 -13.94 -25.63 4.15
C THR A 693 -15.26 -26.40 4.32
N VAL A 694 -15.67 -27.19 3.33
CA VAL A 694 -16.90 -28.00 3.48
C VAL A 694 -16.77 -28.99 4.65
N ASP A 695 -15.60 -29.61 4.77
CA ASP A 695 -15.25 -30.44 5.93
C ASP A 695 -15.36 -29.73 7.29
N GLU A 696 -14.83 -28.51 7.41
CA GLU A 696 -14.79 -27.81 8.69
C GLU A 696 -16.16 -27.26 9.03
N ALA A 697 -16.94 -26.91 8.01
CA ALA A 697 -18.31 -26.41 8.22
C ALA A 697 -19.26 -27.55 8.58
N HIS A 698 -18.82 -28.77 8.28
CA HIS A 698 -19.55 -30.00 8.56
C HIS A 698 -19.51 -30.23 10.06
N ASP A 699 -18.35 -30.00 10.65
CA ASP A 699 -18.16 -29.96 12.10
C ASP A 699 -18.99 -28.87 12.77
N PHE A 700 -18.84 -27.64 12.30
CA PHE A 700 -19.36 -26.45 12.97
C PHE A 700 -20.91 -26.38 12.99
N PHE A 701 -21.54 -26.90 11.94
CA PHE A 701 -22.99 -26.84 11.77
C PHE A 701 -23.69 -28.17 11.99
N ALA A 702 -23.00 -29.11 12.64
CA ALA A 702 -23.52 -30.44 12.95
C ALA A 702 -24.96 -30.47 13.46
N ASP A 703 -25.33 -29.48 14.27
CA ASP A 703 -26.64 -29.47 14.91
C ASP A 703 -27.65 -28.48 14.28
N GLU A 704 -27.28 -27.89 13.15
CA GLU A 704 -28.19 -27.06 12.34
C GLU A 704 -28.56 -27.88 11.15
N SER A 705 -29.74 -28.48 11.22
CA SER A 705 -30.13 -29.61 10.41
C SER A 705 -30.06 -29.40 8.88
N ALA A 706 -30.66 -28.32 8.39
CA ALA A 706 -30.78 -28.06 6.96
C ALA A 706 -29.44 -27.67 6.32
N ILE A 707 -28.61 -26.95 7.07
CA ILE A 707 -27.28 -26.56 6.60
C ILE A 707 -26.45 -27.83 6.55
N PHE A 708 -26.33 -28.52 7.67
CA PHE A 708 -25.54 -29.76 7.75
C PHE A 708 -25.86 -30.78 6.64
N ARG A 709 -27.12 -30.86 6.22
CA ARG A 709 -27.50 -31.80 5.19
C ARG A 709 -27.08 -31.42 3.77
N ALA A 710 -27.11 -30.12 3.47
CA ALA A 710 -26.59 -29.58 2.22
C ALA A 710 -25.08 -29.86 2.11
N LEU A 711 -24.34 -29.53 3.16
CA LEU A 711 -22.92 -29.81 3.32
C LEU A 711 -22.57 -31.28 3.24
N ASP A 712 -23.51 -32.15 3.63
CA ASP A 712 -23.30 -33.59 3.62
C ASP A 712 -23.20 -34.17 2.20
N THR A 713 -24.11 -33.74 1.31
CA THR A 713 -24.06 -34.11 -0.12
C THR A 713 -22.82 -33.55 -0.84
N LEU A 714 -22.38 -32.37 -0.45
CA LEU A 714 -21.13 -31.82 -0.99
C LEU A 714 -19.92 -32.60 -0.54
N ARG A 715 -20.03 -33.23 0.62
CA ARG A 715 -18.91 -33.95 1.20
C ARG A 715 -18.84 -35.33 0.59
N GLU A 716 -19.99 -36.00 0.55
CA GLU A 716 -20.17 -37.31 -0.12
C GLU A 716 -19.69 -37.35 -1.57
N VAL A 717 -19.74 -36.20 -2.24
CA VAL A 717 -19.52 -36.14 -3.68
C VAL A 717 -18.04 -35.76 -4.00
N GLY A 718 -17.28 -35.47 -2.93
CA GLY A 718 -15.82 -35.34 -3.00
C GLY A 718 -15.25 -33.93 -2.81
N LEU A 719 -16.08 -32.97 -2.43
CA LEU A 719 -15.69 -31.57 -2.42
C LEU A 719 -15.39 -30.99 -1.03
N GLY A 720 -14.91 -31.80 -0.11
CA GLY A 720 -14.67 -31.34 1.24
C GLY A 720 -13.62 -30.26 1.35
N TYR A 721 -12.78 -30.14 0.32
CA TYR A 721 -11.65 -29.21 0.34
C TYR A 721 -12.06 -27.80 -0.03
N LEU A 722 -13.24 -27.65 -0.64
CA LEU A 722 -13.69 -26.35 -1.08
C LEU A 722 -14.19 -25.49 0.07
N ARG A 723 -14.11 -24.16 -0.10
CA ARG A 723 -14.56 -23.18 0.89
C ARG A 723 -15.95 -22.65 0.55
N LEU A 724 -16.78 -22.52 1.57
CA LEU A 724 -18.18 -22.10 1.41
C LEU A 724 -18.37 -20.89 0.52
N GLY A 725 -17.53 -19.88 0.71
CA GLY A 725 -17.56 -18.63 -0.06
C GLY A 725 -16.60 -18.58 -1.24
N GLN A 726 -15.90 -19.67 -1.53
CA GLN A 726 -14.88 -19.68 -2.58
C GLN A 726 -15.55 -19.25 -3.87
N PRO A 727 -15.04 -18.18 -4.53
CA PRO A 727 -15.72 -17.65 -5.72
C PRO A 727 -15.73 -18.68 -6.84
N ALA A 728 -16.76 -18.63 -7.69
CA ALA A 728 -16.98 -19.58 -8.78
C ALA A 728 -15.94 -19.47 -9.89
N THR A 729 -15.32 -18.30 -10.01
CA THR A 729 -14.34 -18.10 -11.05
C THR A 729 -13.04 -18.89 -10.79
N GLU A 730 -12.88 -19.39 -9.55
CA GLU A 730 -11.72 -20.20 -9.13
C GLU A 730 -11.97 -21.69 -9.31
N LEU A 731 -13.09 -22.06 -9.94
CA LEU A 731 -13.49 -23.48 -9.97
C LEU A 731 -13.44 -24.09 -11.36
N SER A 732 -13.10 -25.37 -11.40
CA SER A 732 -12.91 -26.09 -12.65
C SER A 732 -14.27 -26.59 -13.12
N GLY A 733 -14.30 -27.29 -14.24
CA GLY A 733 -15.58 -27.75 -14.75
C GLY A 733 -16.20 -28.86 -13.92
N GLY A 734 -15.36 -29.80 -13.50
CA GLY A 734 -15.75 -30.94 -12.67
C GLY A 734 -16.16 -30.62 -11.24
N GLU A 735 -15.55 -29.58 -10.66
CA GLU A 735 -15.94 -29.04 -9.35
C GLU A 735 -17.32 -28.43 -9.43
N ALA A 736 -17.59 -27.66 -10.50
CA ALA A 736 -18.93 -27.08 -10.69
C ALA A 736 -20.02 -28.10 -11.01
N GLN A 737 -19.68 -29.11 -11.79
CA GLN A 737 -20.61 -30.19 -12.12
C GLN A 737 -21.09 -30.93 -10.86
N ARG A 738 -20.15 -31.28 -9.99
CA ARG A 738 -20.43 -31.98 -8.75
C ARG A 738 -21.20 -31.15 -7.71
N ILE A 739 -21.06 -29.82 -7.74
CA ILE A 739 -21.84 -28.93 -6.86
C ILE A 739 -23.32 -28.96 -7.27
N LYS A 740 -23.55 -28.92 -8.59
CA LYS A 740 -24.91 -28.94 -9.17
C LYS A 740 -25.58 -30.26 -8.89
N LEU A 741 -24.81 -31.33 -8.99
CA LEU A 741 -25.26 -32.67 -8.67
C LEU A 741 -25.68 -32.80 -7.21
N ALA A 742 -24.86 -32.28 -6.29
CA ALA A 742 -25.13 -32.40 -4.86
C ALA A 742 -26.38 -31.63 -4.46
N THR A 743 -26.58 -30.49 -5.13
CA THR A 743 -27.79 -29.68 -4.96
C THR A 743 -29.02 -30.49 -5.34
N GLU A 744 -28.88 -31.37 -6.32
CA GLU A 744 -29.97 -32.26 -6.77
C GLU A 744 -29.98 -33.66 -6.14
N LEU A 745 -29.03 -33.96 -5.26
CA LEU A 745 -28.91 -35.31 -4.70
C LEU A 745 -29.92 -35.64 -3.61
N ARG A 746 -30.09 -34.75 -2.62
CA ARG A 746 -31.08 -34.97 -1.55
C ARG A 746 -32.53 -34.57 -1.90
N ARG A 747 -32.72 -33.77 -2.95
CA ARG A 747 -34.07 -33.42 -3.44
C ARG A 747 -34.76 -34.65 -4.04
N SER A 748 -33.94 -35.63 -4.49
CA SER A 748 -34.42 -36.82 -5.20
C SER A 748 -35.17 -37.87 -4.33
N GLY A 749 -36.11 -37.40 -3.51
CA GLY A 749 -36.95 -38.30 -2.72
C GLY A 749 -37.80 -39.14 -3.65
N ARG A 750 -37.82 -40.46 -3.40
CA ARG A 750 -38.43 -41.46 -4.31
C ARG A 750 -37.85 -41.34 -5.73
N GLY A 751 -38.59 -41.81 -6.73
CA GLY A 751 -38.12 -41.73 -8.12
C GLY A 751 -38.85 -40.70 -8.95
N GLY A 752 -38.82 -40.89 -10.26
CA GLY A 752 -39.58 -40.03 -11.18
C GLY A 752 -38.77 -39.04 -11.99
N THR A 753 -37.58 -38.69 -11.50
CA THR A 753 -36.74 -37.74 -12.22
C THR A 753 -35.69 -38.46 -13.10
N VAL A 754 -35.58 -38.02 -14.35
CA VAL A 754 -34.51 -38.48 -15.23
C VAL A 754 -33.35 -37.47 -15.15
N TYR A 755 -32.18 -37.97 -14.78
CA TYR A 755 -30.98 -37.14 -14.74
C TYR A 755 -30.15 -37.37 -15.98
N VAL A 756 -29.95 -36.33 -16.77
CA VAL A 756 -29.03 -36.42 -17.90
C VAL A 756 -27.70 -35.68 -17.65
N LEU A 757 -26.62 -36.45 -17.75
CA LEU A 757 -25.30 -36.04 -17.32
C LEU A 757 -24.26 -36.21 -18.45
N ASP A 758 -23.47 -35.18 -18.68
CA ASP A 758 -22.35 -35.28 -19.62
C ASP A 758 -21.11 -35.71 -18.82
N GLU A 759 -20.20 -36.45 -19.45
CA GLU A 759 -19.06 -37.08 -18.78
C GLU A 759 -18.84 -36.71 -17.29
N PRO A 760 -19.62 -37.31 -16.37
CA PRO A 760 -19.67 -36.81 -14.98
C PRO A 760 -18.35 -36.87 -14.18
N THR A 761 -17.35 -37.54 -14.75
CA THR A 761 -16.06 -37.71 -14.07
C THR A 761 -14.99 -36.80 -14.68
N THR A 762 -15.43 -35.67 -15.24
CA THR A 762 -14.48 -34.69 -15.78
C THR A 762 -13.58 -34.18 -14.66
N GLY A 763 -12.27 -34.24 -14.88
CA GLY A 763 -11.30 -33.80 -13.88
C GLY A 763 -11.21 -34.69 -12.66
N LEU A 764 -11.63 -35.94 -12.80
CA LEU A 764 -11.59 -36.89 -11.69
C LEU A 764 -10.53 -37.96 -11.87
N HIS A 765 -9.84 -38.24 -10.77
CA HIS A 765 -8.86 -39.30 -10.71
C HIS A 765 -9.57 -40.68 -10.72
N PRO A 766 -8.94 -41.74 -11.28
CA PRO A 766 -9.55 -43.06 -11.15
C PRO A 766 -10.05 -43.40 -9.73
N ALA A 767 -9.37 -42.90 -8.70
CA ALA A 767 -9.76 -43.14 -7.32
C ALA A 767 -10.98 -42.32 -6.91
N ASP A 768 -11.13 -41.14 -7.50
CA ASP A 768 -12.26 -40.25 -7.21
C ASP A 768 -13.55 -40.84 -7.77
N VAL A 769 -13.48 -41.45 -8.95
CA VAL A 769 -14.71 -41.86 -9.62
C VAL A 769 -15.45 -42.95 -8.86
N GLU A 770 -14.69 -43.79 -8.16
CA GLU A 770 -15.26 -44.76 -7.25
C GLU A 770 -16.24 -44.12 -6.24
N ARG A 771 -15.81 -43.03 -5.61
CA ARG A 771 -16.64 -42.26 -4.68
C ARG A 771 -17.84 -41.59 -5.39
N LEU A 772 -17.66 -41.16 -6.64
CA LEU A 772 -18.74 -40.54 -7.40
C LEU A 772 -19.83 -41.57 -7.80
N GLN A 773 -19.37 -42.73 -8.24
CA GLN A 773 -20.23 -43.82 -8.70
C GLN A 773 -21.19 -44.37 -7.62
N ARG A 774 -20.75 -44.38 -6.36
CA ARG A 774 -21.60 -44.79 -5.24
C ARG A 774 -22.78 -43.85 -5.06
N GLN A 775 -22.59 -42.58 -5.38
CA GLN A 775 -23.67 -41.60 -5.24
C GLN A 775 -24.67 -41.74 -6.39
N LEU A 776 -24.16 -42.08 -7.57
CA LEU A 776 -25.01 -42.35 -8.73
C LEU A 776 -25.85 -43.61 -8.50
N VAL A 777 -25.27 -44.60 -7.81
CA VAL A 777 -26.01 -45.79 -7.36
C VAL A 777 -27.17 -45.40 -6.43
N LYS A 778 -26.88 -44.55 -5.44
CA LYS A 778 -27.89 -44.08 -4.50
C LYS A 778 -29.12 -43.51 -5.18
N LEU A 779 -28.90 -42.60 -6.13
CA LEU A 779 -30.04 -41.92 -6.75
C LEU A 779 -30.86 -42.80 -7.73
N VAL A 780 -30.27 -43.91 -8.20
CA VAL A 780 -30.99 -44.90 -9.00
C VAL A 780 -31.80 -45.85 -8.08
N ASP A 781 -31.25 -46.11 -6.90
CA ASP A 781 -31.98 -46.80 -5.82
C ASP A 781 -33.24 -46.04 -5.43
N ALA A 782 -33.20 -44.72 -5.58
CA ALA A 782 -34.36 -43.87 -5.29
C ALA A 782 -35.52 -44.06 -6.30
N GLY A 783 -35.24 -44.66 -7.45
CA GLY A 783 -36.21 -44.81 -8.54
C GLY A 783 -36.02 -43.80 -9.66
N ASN A 784 -34.80 -43.32 -9.83
CA ASN A 784 -34.54 -42.28 -10.81
C ASN A 784 -33.76 -42.87 -11.99
N THR A 785 -33.67 -42.16 -13.10
CA THR A 785 -32.91 -42.69 -14.23
C THR A 785 -31.76 -41.74 -14.61
N VAL A 786 -30.54 -42.23 -14.56
CA VAL A 786 -29.41 -41.43 -15.03
C VAL A 786 -28.96 -41.91 -16.40
N ILE A 787 -28.87 -40.95 -17.31
CA ILE A 787 -28.32 -41.16 -18.64
C ILE A 787 -27.10 -40.26 -18.71
N ALA A 788 -25.95 -40.87 -18.94
CA ALA A 788 -24.69 -40.16 -18.86
C ALA A 788 -23.95 -40.39 -20.16
N VAL A 789 -23.69 -39.33 -20.93
CA VAL A 789 -22.73 -39.43 -22.03
C VAL A 789 -21.32 -39.64 -21.46
N GLU A 790 -20.67 -40.72 -21.88
CA GLU A 790 -19.53 -41.26 -21.14
C GLU A 790 -18.40 -41.72 -22.08
N HIS A 791 -17.16 -41.47 -21.65
CA HIS A 791 -15.96 -41.69 -22.47
C HIS A 791 -14.98 -42.70 -21.87
N LYS A 792 -15.09 -42.95 -20.56
CA LYS A 792 -14.19 -43.89 -19.92
C LYS A 792 -14.83 -45.21 -19.48
N MET A 793 -14.12 -46.29 -19.77
CA MET A 793 -14.62 -47.62 -19.65
C MET A 793 -14.75 -48.07 -18.21
N GLN A 794 -14.05 -47.39 -17.30
CA GLN A 794 -14.17 -47.62 -15.86
C GLN A 794 -15.62 -47.43 -15.42
N VAL A 795 -16.22 -46.35 -15.89
CA VAL A 795 -17.59 -45.97 -15.55
C VAL A 795 -18.62 -46.74 -16.36
N VAL A 796 -18.31 -46.97 -17.63
CA VAL A 796 -19.17 -47.73 -18.54
C VAL A 796 -19.31 -49.20 -18.11
N ALA A 797 -18.28 -49.71 -17.43
CA ALA A 797 -18.24 -51.06 -16.93
C ALA A 797 -19.14 -51.30 -15.70
N ALA A 798 -19.56 -50.23 -15.04
CA ALA A 798 -20.47 -50.35 -13.90
C ALA A 798 -21.87 -49.77 -14.16
N SER A 799 -22.19 -49.50 -15.44
CA SER A 799 -23.56 -49.16 -15.83
C SER A 799 -24.45 -50.38 -15.74
N ASP A 800 -25.75 -50.19 -15.97
CA ASP A 800 -26.73 -51.29 -16.10
C ASP A 800 -27.09 -51.59 -17.56
N TRP A 801 -26.92 -50.57 -18.42
CA TRP A 801 -27.17 -50.65 -19.87
C TRP A 801 -26.17 -49.76 -20.62
N VAL A 802 -25.99 -49.98 -21.93
CA VAL A 802 -25.04 -49.20 -22.75
C VAL A 802 -25.55 -48.96 -24.18
N LEU A 803 -25.38 -47.74 -24.68
CA LEU A 803 -25.73 -47.37 -26.06
C LEU A 803 -24.49 -46.91 -26.84
N ASP A 804 -24.02 -47.76 -27.73
CA ASP A 804 -22.86 -47.43 -28.54
C ASP A 804 -23.30 -46.72 -29.81
N ILE A 805 -22.82 -45.51 -30.00
CA ILE A 805 -23.29 -44.66 -31.07
C ILE A 805 -22.30 -44.59 -32.21
N GLY A 806 -22.84 -44.61 -33.43
CA GLY A 806 -22.17 -44.42 -34.72
C GLY A 806 -20.84 -45.12 -34.87
N PRO A 807 -20.57 -45.68 -36.06
CA PRO A 807 -19.27 -46.31 -36.33
C PRO A 807 -18.14 -45.32 -36.11
N GLY A 808 -18.09 -44.26 -36.92
CA GLY A 808 -17.05 -43.25 -36.82
C GLY A 808 -17.60 -41.89 -36.45
N ALA A 809 -16.91 -40.86 -36.91
CA ALA A 809 -17.30 -39.50 -36.62
C ALA A 809 -18.01 -38.89 -37.82
N GLY A 810 -18.81 -37.87 -37.57
CA GLY A 810 -19.45 -37.06 -38.62
C GLY A 810 -20.35 -37.85 -39.56
N GLU A 811 -20.04 -37.80 -40.86
CA GLU A 811 -20.79 -38.54 -41.89
C GLU A 811 -20.65 -40.05 -41.71
N ASP A 812 -19.48 -40.45 -41.20
CA ASP A 812 -19.16 -41.86 -40.94
C ASP A 812 -19.81 -42.41 -39.65
N GLY A 813 -20.43 -41.55 -38.85
CA GLY A 813 -21.15 -41.97 -37.62
C GLY A 813 -22.65 -41.74 -37.65
N GLY A 814 -23.28 -41.70 -36.47
CA GLY A 814 -24.69 -41.33 -36.34
C GLY A 814 -25.68 -42.48 -36.24
N ARG A 815 -25.16 -43.69 -36.23
CA ARG A 815 -25.97 -44.91 -36.18
C ARG A 815 -25.94 -45.45 -34.76
N LEU A 816 -27.02 -46.10 -34.35
CA LEU A 816 -26.98 -46.91 -33.15
C LEU A 816 -26.24 -48.16 -33.56
N VAL A 817 -25.08 -48.42 -32.98
CA VAL A 817 -24.25 -49.54 -33.47
C VAL A 817 -24.15 -50.72 -32.51
N ALA A 818 -24.56 -50.53 -31.26
CA ALA A 818 -24.71 -51.61 -30.30
C ALA A 818 -25.47 -51.06 -29.11
N GLN A 819 -26.21 -51.94 -28.45
CA GLN A 819 -26.95 -51.62 -27.23
C GLN A 819 -27.14 -52.90 -26.40
N GLY A 820 -27.18 -52.76 -25.07
CA GLY A 820 -27.26 -53.91 -24.15
C GLY A 820 -26.55 -53.63 -22.83
N THR A 821 -26.40 -54.65 -21.98
CA THR A 821 -25.60 -54.53 -20.75
C THR A 821 -24.12 -54.35 -21.14
N PRO A 822 -23.25 -53.90 -20.21
CA PRO A 822 -21.84 -53.78 -20.60
C PRO A 822 -21.24 -55.08 -21.15
N ALA A 823 -21.48 -56.19 -20.45
CA ALA A 823 -21.07 -57.55 -20.85
C ALA A 823 -21.60 -58.00 -22.20
N GLU A 824 -22.85 -57.67 -22.51
CA GLU A 824 -23.44 -57.93 -23.83
C GLU A 824 -22.70 -57.13 -24.91
N VAL A 825 -22.63 -55.81 -24.71
CA VAL A 825 -21.94 -54.88 -25.63
C VAL A 825 -20.43 -55.09 -25.81
N ALA A 826 -19.79 -55.77 -24.86
CA ALA A 826 -18.36 -56.02 -24.88
C ALA A 826 -18.00 -57.08 -25.90
N GLN A 827 -19.04 -57.73 -26.44
CA GLN A 827 -18.89 -58.80 -27.44
C GLN A 827 -19.50 -58.41 -28.79
N ALA A 828 -20.14 -57.24 -28.84
CA ALA A 828 -20.80 -56.74 -30.05
C ALA A 828 -19.88 -56.52 -31.25
N ALA A 829 -20.45 -56.81 -32.42
CA ALA A 829 -19.76 -56.74 -33.70
C ALA A 829 -19.95 -55.37 -34.33
N GLY A 830 -18.92 -54.92 -35.04
CA GLY A 830 -18.92 -53.60 -35.65
C GLY A 830 -19.00 -52.53 -34.59
N SER A 831 -18.30 -52.73 -33.48
CA SER A 831 -18.19 -51.75 -32.40
C SER A 831 -16.72 -51.46 -32.18
N VAL A 832 -16.39 -50.18 -32.03
CA VAL A 832 -15.00 -49.80 -31.80
C VAL A 832 -14.70 -49.71 -30.29
N THR A 833 -15.73 -49.48 -29.47
CA THR A 833 -15.56 -49.51 -28.04
C THR A 833 -15.56 -50.90 -27.42
N ALA A 834 -16.15 -51.89 -28.11
CA ALA A 834 -16.28 -53.26 -27.57
C ALA A 834 -14.99 -53.79 -26.97
N PRO A 835 -13.91 -53.94 -27.78
CA PRO A 835 -12.64 -54.43 -27.23
C PRO A 835 -12.18 -53.73 -25.95
N TYR A 836 -12.32 -52.41 -25.89
CA TYR A 836 -11.91 -51.58 -24.74
C TYR A 836 -12.80 -51.76 -23.51
N LEU A 837 -14.11 -51.92 -23.74
CA LEU A 837 -15.05 -52.27 -22.68
C LEU A 837 -14.67 -53.63 -22.12
N ARG A 838 -14.37 -54.58 -23.01
CA ARG A 838 -13.95 -55.94 -22.66
C ARG A 838 -12.68 -55.99 -21.77
N ALA A 839 -11.65 -55.21 -22.12
CA ALA A 839 -10.45 -55.06 -21.28
C ALA A 839 -10.77 -54.51 -19.87
N ALA A 840 -11.73 -53.59 -19.80
CA ALA A 840 -12.26 -53.01 -18.56
C ALA A 840 -13.04 -54.01 -17.70
N LEU A 841 -13.71 -54.94 -18.34
CA LEU A 841 -14.54 -55.91 -17.64
C LEU A 841 -13.73 -57.08 -17.11
N ARG A 842 -13.97 -57.39 -15.84
CA ARG A 842 -13.30 -58.51 -15.17
C ARG A 842 -14.01 -58.85 -13.86
N PRO B 8 35.49 -23.31 -31.93
CA PRO B 8 35.57 -24.07 -33.17
C PRO B 8 34.64 -25.29 -33.21
N ASP B 9 33.47 -25.18 -32.57
CA ASP B 9 32.55 -26.33 -32.43
C ASP B 9 31.07 -25.94 -32.59
N PHE B 10 30.46 -26.37 -33.69
CA PHE B 10 29.03 -26.11 -33.89
C PHE B 10 28.26 -27.38 -34.28
N PRO B 11 27.39 -27.85 -33.36
CA PRO B 11 26.63 -29.06 -33.70
C PRO B 11 25.52 -28.74 -34.71
N ASP B 12 25.51 -29.46 -35.83
CA ASP B 12 24.49 -29.32 -36.87
C ASP B 12 23.07 -29.45 -36.29
N GLY B 13 22.11 -28.79 -36.93
CA GLY B 13 20.75 -28.73 -36.37
C GLY B 13 20.76 -28.04 -35.01
N GLY B 14 21.77 -27.20 -34.79
CA GLY B 14 21.83 -26.29 -33.65
C GLY B 14 21.67 -24.88 -34.19
N PHE B 15 21.02 -24.80 -35.36
CA PHE B 15 21.00 -23.59 -36.15
C PHE B 15 19.59 -23.06 -36.38
N VAL B 16 19.49 -21.73 -36.45
CA VAL B 16 18.30 -21.06 -36.94
C VAL B 16 18.44 -21.01 -38.46
N GLN B 17 17.39 -21.42 -39.16
CA GLN B 17 17.44 -21.59 -40.62
C GLN B 17 16.43 -20.68 -41.29
N VAL B 18 16.93 -19.60 -41.88
CA VAL B 18 16.12 -18.63 -42.62
C VAL B 18 16.14 -18.98 -44.10
N ARG B 19 14.97 -18.92 -44.73
CA ARG B 19 14.81 -19.19 -46.14
C ARG B 19 13.77 -18.23 -46.69
N GLY B 20 14.07 -17.66 -47.84
CA GLY B 20 13.20 -16.69 -48.53
C GLY B 20 12.94 -15.37 -47.80
N ALA B 21 13.97 -14.82 -47.16
CA ALA B 21 13.78 -13.53 -46.49
C ALA B 21 13.97 -12.37 -47.48
N ARG B 22 12.93 -11.54 -47.61
CA ARG B 22 12.97 -10.39 -48.52
C ARG B 22 12.37 -9.10 -47.92
N GLN B 23 12.59 -8.89 -46.62
CA GLN B 23 12.11 -7.68 -45.95
C GLN B 23 12.89 -6.47 -46.42
N HIS B 24 12.16 -5.45 -46.84
CA HIS B 24 12.71 -4.17 -47.32
C HIS B 24 13.56 -4.37 -48.58
N ASN B 25 14.88 -4.26 -48.44
CA ASN B 25 15.75 -4.36 -49.60
C ASN B 25 16.35 -5.75 -49.76
N LEU B 26 15.88 -6.69 -48.93
CA LEU B 26 16.42 -8.05 -48.89
C LEU B 26 16.10 -8.83 -50.14
N LYS B 27 17.12 -9.46 -50.70
CA LYS B 27 17.01 -10.10 -51.99
C LYS B 27 16.88 -11.61 -51.85
N ASP B 28 15.78 -12.01 -51.20
CA ASP B 28 15.27 -13.39 -51.19
C ASP B 28 16.29 -14.37 -50.61
N ILE B 29 16.86 -13.99 -49.47
CA ILE B 29 18.05 -14.64 -48.93
C ILE B 29 17.74 -15.80 -48.00
N SER B 30 18.73 -16.67 -47.86
CA SER B 30 18.67 -17.74 -46.88
C SER B 30 19.98 -17.75 -46.11
N VAL B 31 19.89 -17.69 -44.78
CA VAL B 31 21.04 -17.75 -43.86
C VAL B 31 20.82 -18.75 -42.75
N LYS B 32 21.90 -19.39 -42.30
CA LYS B 32 21.91 -20.07 -41.02
C LYS B 32 22.79 -19.32 -40.02
N VAL B 33 22.28 -19.19 -38.81
CA VAL B 33 23.03 -18.62 -37.71
C VAL B 33 22.88 -19.53 -36.50
N PRO B 34 23.97 -19.74 -35.75
CA PRO B 34 23.89 -20.67 -34.65
C PRO B 34 23.19 -20.07 -33.43
N ARG B 35 22.55 -20.91 -32.64
CA ARG B 35 21.96 -20.44 -31.39
C ARG B 35 22.93 -20.74 -30.25
N ASP B 36 22.72 -20.14 -29.09
CA ASP B 36 23.67 -20.26 -27.97
C ASP B 36 25.06 -19.64 -28.27
N ALA B 37 25.09 -18.54 -29.03
CA ALA B 37 26.36 -17.87 -29.37
C ALA B 37 26.27 -16.32 -29.45
N LEU B 38 27.43 -15.66 -29.52
CA LEU B 38 27.47 -14.26 -29.94
C LEU B 38 27.45 -14.21 -31.46
N VAL B 39 26.35 -13.69 -32.00
CA VAL B 39 26.19 -13.55 -33.44
C VAL B 39 26.14 -12.10 -33.82
N VAL B 40 27.11 -11.66 -34.62
CA VAL B 40 27.20 -10.25 -35.06
C VAL B 40 26.82 -10.04 -36.53
N PHE B 41 25.95 -9.06 -36.77
CA PHE B 41 25.40 -8.81 -38.08
C PHE B 41 26.04 -7.55 -38.57
N THR B 42 26.91 -7.70 -39.58
CA THR B 42 27.77 -6.60 -39.99
C THR B 42 27.55 -6.18 -41.45
N GLY B 43 28.06 -5.00 -41.79
CA GLY B 43 27.93 -4.45 -43.13
C GLY B 43 27.76 -2.94 -43.17
N VAL B 44 27.72 -2.42 -44.39
CA VAL B 44 27.54 -1.00 -44.67
C VAL B 44 26.19 -0.53 -44.11
N SER B 45 26.01 0.78 -44.05
CA SER B 45 24.76 1.41 -43.66
C SER B 45 23.77 1.43 -44.83
N GLY B 46 22.56 0.97 -44.58
CA GLY B 46 21.55 0.82 -45.64
C GLY B 46 21.62 -0.52 -46.35
N SER B 47 22.47 -1.42 -45.85
CA SER B 47 22.72 -2.70 -46.51
C SER B 47 21.72 -3.79 -46.14
N GLY B 48 21.05 -3.64 -45.00
CA GLY B 48 20.05 -4.62 -44.57
C GLY B 48 20.29 -5.32 -43.25
N LYS B 49 21.38 -5.03 -42.57
CA LYS B 49 21.60 -5.55 -41.21
C LYS B 49 20.34 -5.55 -40.31
N SER B 50 19.70 -4.39 -40.15
CA SER B 50 18.52 -4.38 -39.27
C SER B 50 17.24 -4.89 -39.88
N SER B 51 17.16 -4.97 -41.20
CA SER B 51 15.98 -5.54 -41.86
C SER B 51 15.89 -7.01 -41.53
N LEU B 52 17.05 -7.65 -41.44
CA LEU B 52 17.18 -9.07 -41.15
C LEU B 52 17.13 -9.40 -39.65
N ALA B 53 17.93 -8.70 -38.84
CA ALA B 53 18.02 -8.93 -37.40
C ALA B 53 16.72 -8.57 -36.62
N PHE B 54 16.17 -7.39 -36.89
CA PHE B 54 14.97 -6.88 -36.22
C PHE B 54 13.72 -7.03 -37.08
N GLY B 55 13.85 -6.75 -38.37
CA GLY B 55 12.70 -6.72 -39.28
C GLY B 55 12.21 -8.09 -39.69
N THR B 56 13.10 -9.07 -39.62
CA THR B 56 12.79 -10.43 -40.01
C THR B 56 12.82 -11.37 -38.81
N LEU B 57 13.97 -11.46 -38.15
CA LEU B 57 14.18 -12.46 -37.10
C LEU B 57 13.51 -12.08 -35.78
N TYR B 58 13.73 -10.85 -35.30
CA TYR B 58 13.02 -10.43 -34.10
C TYR B 58 11.53 -10.42 -34.36
N ALA B 59 11.11 -9.81 -35.47
CA ALA B 59 9.69 -9.59 -35.71
C ALA B 59 8.89 -10.91 -35.80
N GLU B 60 9.50 -11.94 -36.40
CA GLU B 60 8.86 -13.24 -36.55
C GLU B 60 8.68 -13.95 -35.20
N ALA B 61 9.77 -14.11 -34.47
CA ALA B 61 9.72 -14.73 -33.14
C ALA B 61 8.55 -14.16 -32.36
N GLN B 62 8.42 -12.83 -32.42
CA GLN B 62 7.38 -12.05 -31.78
C GLN B 62 5.97 -12.36 -32.31
N ARG B 63 5.83 -12.37 -33.64
CA ARG B 63 4.53 -12.68 -34.23
C ARG B 63 4.03 -14.07 -33.83
N ARG B 64 4.94 -15.05 -33.88
CA ARG B 64 4.60 -16.46 -33.67
C ARG B 64 4.27 -16.82 -32.23
N TYR B 65 4.78 -16.03 -31.29
CA TYR B 65 4.52 -16.25 -29.90
C TYR B 65 3.18 -15.61 -29.56
N LEU B 66 3.02 -14.34 -29.91
CA LEU B 66 1.80 -13.58 -29.62
C LEU B 66 0.53 -14.21 -30.21
N GLU B 67 0.66 -14.82 -31.39
CA GLU B 67 -0.43 -15.57 -32.02
C GLU B 67 -0.75 -16.87 -31.30
N SER B 68 0.22 -17.38 -30.55
CA SER B 68 0.10 -18.69 -29.89
C SER B 68 -0.44 -18.51 -28.48
N VAL B 69 -0.07 -17.39 -27.87
CA VAL B 69 -0.53 -17.03 -26.53
C VAL B 69 -1.98 -16.54 -26.57
N SER B 70 -2.31 -15.68 -27.53
CA SER B 70 -3.69 -15.23 -27.74
C SER B 70 -4.08 -15.40 -29.21
N PRO B 71 -4.67 -16.54 -29.57
CA PRO B 71 -5.00 -16.85 -30.97
C PRO B 71 -6.00 -15.87 -31.61
N TYR B 72 -7.29 -16.05 -31.29
CA TYR B 72 -8.40 -15.19 -31.69
C TYR B 72 -8.08 -13.68 -31.80
N ALA B 73 -8.24 -12.98 -30.66
CA ALA B 73 -8.10 -11.52 -30.61
C ALA B 73 -6.76 -10.98 -31.12
N ARG B 74 -5.68 -11.69 -30.86
CA ARG B 74 -4.35 -11.31 -31.35
C ARG B 74 -3.85 -12.23 -32.47
N ARG B 75 -4.58 -12.22 -33.58
CA ARG B 75 -4.06 -12.65 -34.86
C ARG B 75 -4.42 -11.49 -35.78
N LEU B 76 -4.64 -10.34 -35.14
CA LEU B 76 -5.22 -9.16 -35.80
C LEU B 76 -4.36 -7.90 -35.68
N PHE B 77 -3.50 -7.84 -34.66
CA PHE B 77 -2.53 -6.75 -34.48
C PHE B 77 -1.69 -6.55 -35.74
N ASN B 78 -1.38 -7.68 -36.37
CA ASN B 78 -0.64 -7.76 -37.62
C ASN B 78 -1.32 -7.05 -38.81
N GLN B 79 -2.03 -5.96 -38.52
CA GLN B 79 -2.69 -5.12 -39.52
C GLN B 79 -1.70 -4.27 -40.33
N ALA B 80 -0.45 -4.23 -39.87
CA ALA B 80 0.63 -3.56 -40.57
C ALA B 80 1.92 -4.36 -40.44
N GLY B 81 1.84 -5.49 -39.73
CA GLY B 81 3.02 -6.28 -39.41
C GLY B 81 3.02 -7.69 -39.95
N VAL B 82 3.83 -7.92 -40.97
CA VAL B 82 4.12 -9.28 -41.42
C VAL B 82 5.41 -9.28 -42.26
N PRO B 83 6.51 -9.81 -41.67
CA PRO B 83 7.78 -9.88 -42.42
C PRO B 83 7.65 -10.80 -43.63
N ASP B 84 8.14 -10.34 -44.77
CA ASP B 84 8.20 -11.16 -45.98
C ASP B 84 9.32 -12.19 -45.83
N VAL B 85 8.93 -13.40 -45.47
CA VAL B 85 9.88 -14.51 -45.30
C VAL B 85 9.14 -15.83 -45.51
N ASP B 86 9.74 -16.74 -46.27
CA ASP B 86 9.16 -18.07 -46.50
C ASP B 86 9.24 -18.96 -45.26
N ALA B 87 10.43 -19.07 -44.65
CA ALA B 87 10.62 -19.98 -43.52
C ALA B 87 11.69 -19.57 -42.51
N ILE B 88 11.46 -19.92 -41.24
CA ILE B 88 12.48 -19.87 -40.19
C ILE B 88 12.40 -21.09 -39.26
N ASP B 89 13.33 -22.03 -39.41
CA ASP B 89 13.43 -23.12 -38.46
C ASP B 89 14.42 -22.78 -37.35
N GLY B 90 14.17 -23.29 -36.16
CA GLY B 90 15.12 -23.25 -35.07
C GLY B 90 15.06 -22.02 -34.19
N LEU B 91 14.03 -21.21 -34.37
CA LEU B 91 13.95 -19.87 -33.78
C LEU B 91 13.25 -19.86 -32.43
N PRO B 92 13.94 -19.43 -31.35
CA PRO B 92 13.27 -19.34 -30.07
C PRO B 92 12.66 -17.96 -29.79
N PRO B 93 11.91 -17.81 -28.69
CA PRO B 93 11.39 -16.49 -28.30
C PRO B 93 12.48 -15.40 -28.24
N ALA B 94 12.12 -14.16 -28.60
CA ALA B 94 13.08 -13.07 -28.73
C ALA B 94 12.80 -11.96 -27.75
N VAL B 95 13.86 -11.33 -27.23
CA VAL B 95 13.77 -10.09 -26.42
C VAL B 95 14.65 -8.97 -27.05
N ALA B 96 14.03 -7.83 -27.38
CA ALA B 96 14.76 -6.68 -27.93
C ALA B 96 15.19 -5.68 -26.84
N LEU B 97 16.47 -5.37 -26.78
CA LEU B 97 16.96 -4.43 -25.74
C LEU B 97 17.06 -2.96 -26.19
N GLN B 98 16.42 -2.64 -27.31
CA GLN B 98 16.26 -1.26 -27.79
C GLN B 98 14.94 -1.22 -28.51
N GLN B 99 14.07 -0.28 -28.11
CA GLN B 99 12.71 -0.19 -28.67
C GLN B 99 12.66 0.18 -30.16
N ALA B 100 11.50 -0.07 -30.76
CA ALA B 100 11.26 0.10 -32.19
C ALA B 100 11.68 1.47 -32.67
N ARG B 101 11.77 1.60 -34.00
CA ARG B 101 12.31 2.79 -34.63
C ARG B 101 11.58 4.07 -34.24
N GLY B 102 10.28 4.12 -34.47
CA GLY B 102 9.57 5.41 -34.36
C GLY B 102 8.73 5.61 -33.11
N THR B 103 9.09 4.92 -32.03
CA THR B 103 8.36 4.99 -30.76
C THR B 103 8.92 6.09 -29.86
N PRO B 104 8.05 6.82 -29.15
CA PRO B 104 8.59 7.77 -28.19
C PRO B 104 9.10 7.06 -26.93
N THR B 105 10.37 7.31 -26.60
CA THR B 105 11.00 6.94 -25.32
C THR B 105 10.03 7.10 -24.14
N ALA B 106 9.82 6.03 -23.37
CA ALA B 106 8.96 6.11 -22.20
C ALA B 106 9.62 6.99 -21.14
N ARG B 107 8.81 7.75 -20.41
CA ARG B 107 9.31 8.55 -19.28
C ARG B 107 9.67 7.63 -18.11
N SER B 108 10.93 7.66 -17.69
CA SER B 108 11.38 6.85 -16.58
C SER B 108 12.56 7.46 -15.93
N SER B 109 13.13 6.69 -15.00
CA SER B 109 14.38 7.01 -14.36
C SER B 109 15.26 5.78 -14.41
N VAL B 110 16.55 5.96 -14.12
CA VAL B 110 17.49 4.84 -14.03
C VAL B 110 17.01 3.85 -12.94
N GLY B 111 16.59 4.40 -11.80
CA GLY B 111 16.07 3.61 -10.68
C GLY B 111 14.97 2.61 -10.94
N SER B 112 14.06 2.90 -11.85
CA SER B 112 12.99 1.95 -12.19
C SER B 112 13.39 0.93 -13.24
N VAL B 113 13.94 1.40 -14.37
CA VAL B 113 14.51 0.53 -15.40
C VAL B 113 15.33 -0.63 -14.81
N THR B 114 16.21 -0.30 -13.86
CA THR B 114 17.12 -1.28 -13.24
C THR B 114 16.46 -2.15 -12.17
N THR B 115 15.22 -1.78 -11.80
CA THR B 115 14.41 -2.31 -10.66
C THR B 115 14.88 -1.88 -9.27
N LEU B 116 15.95 -1.08 -9.22
CA LEU B 116 16.67 -0.82 -7.97
C LEU B 116 15.89 0.06 -7.03
N SER B 117 15.17 1.03 -7.59
CA SER B 117 14.35 1.97 -6.82
C SER B 117 13.38 1.27 -5.86
N ASN B 118 12.71 0.23 -6.35
CA ASN B 118 11.76 -0.51 -5.55
C ASN B 118 12.41 -1.29 -4.40
N LEU B 119 13.63 -1.78 -4.61
CA LEU B 119 14.35 -2.50 -3.58
C LEU B 119 14.75 -1.60 -2.42
N LEU B 120 15.06 -0.34 -2.71
CA LEU B 120 15.43 0.56 -1.64
C LEU B 120 14.26 1.30 -1.00
N ARG B 121 13.10 1.34 -1.66
CA ARG B 121 11.89 1.75 -0.96
C ARG B 121 11.62 0.67 0.07
N MET B 122 11.92 -0.59 -0.27
CA MET B 122 11.62 -1.72 0.59
C MET B 122 12.56 -1.70 1.78
N LEU B 123 13.82 -1.41 1.51
CA LEU B 123 14.84 -1.22 2.53
C LEU B 123 14.50 -0.11 3.53
N TYR B 124 14.05 1.04 3.04
CA TYR B 124 13.70 2.16 3.90
C TYR B 124 12.48 1.82 4.78
N SER B 125 11.54 1.07 4.22
CA SER B 125 10.35 0.62 4.93
C SER B 125 10.67 -0.25 6.13
N ARG B 126 11.47 -1.30 5.93
CA ARG B 126 11.71 -2.32 6.96
C ARG B 126 12.91 -2.07 7.82
N ALA B 127 14.00 -1.60 7.22
CA ALA B 127 15.19 -1.21 7.96
C ALA B 127 15.14 0.30 7.95
N GLY B 128 16.11 0.97 8.54
CA GLY B 128 16.04 2.44 8.42
C GLY B 128 15.39 3.15 9.59
N ASP B 129 15.85 4.37 9.82
CA ASP B 129 15.69 5.03 11.09
C ASP B 129 14.47 5.93 11.16
N TYR B 130 13.52 5.54 12.02
CA TYR B 130 12.25 6.25 12.17
C TYR B 130 12.30 7.22 13.34
N PRO B 131 11.68 8.40 13.18
CA PRO B 131 11.37 9.21 14.35
C PRO B 131 10.52 8.39 15.33
N PRO B 132 10.91 8.35 16.61
CA PRO B 132 10.37 7.45 17.66
C PRO B 132 8.91 7.62 18.08
N GLY B 133 8.06 8.15 17.22
CA GLY B 133 6.63 8.21 17.50
C GLY B 133 5.72 7.84 16.33
N GLN B 134 6.33 7.56 15.17
CA GLN B 134 5.62 7.19 13.94
C GLN B 134 5.75 5.70 13.58
N GLY B 135 4.75 5.16 12.88
CA GLY B 135 4.72 3.73 12.54
C GLY B 135 5.29 3.47 11.16
N ILE B 136 5.20 2.22 10.70
CA ILE B 136 5.75 1.84 9.38
C ILE B 136 5.15 2.64 8.22
N VAL B 137 6.03 3.08 7.30
CA VAL B 137 5.60 3.59 6.00
C VAL B 137 5.87 2.41 5.08
N TYR B 138 4.89 2.06 4.25
CA TYR B 138 5.07 0.95 3.32
C TYR B 138 5.88 1.37 2.09
N ALA B 139 6.27 0.42 1.25
CA ALA B 139 7.14 0.69 0.11
C ALA B 139 6.61 1.77 -0.86
N GLU B 140 5.30 1.78 -1.09
CA GLU B 140 4.63 2.79 -1.94
C GLU B 140 4.65 4.21 -1.37
N GLY B 141 4.82 4.33 -0.06
CA GLY B 141 4.90 5.64 0.58
C GLY B 141 6.19 6.41 0.29
N PHE B 142 7.12 5.72 -0.36
CA PHE B 142 8.44 6.26 -0.71
C PHE B 142 8.56 6.59 -2.22
N SER B 143 7.51 6.34 -3.00
CA SER B 143 7.48 6.74 -4.41
C SER B 143 6.71 8.04 -4.64
N PRO B 144 7.23 8.90 -5.51
CA PRO B 144 6.47 10.12 -5.81
C PRO B 144 5.38 9.94 -6.88
N ASN B 145 5.18 8.70 -7.32
CA ASN B 145 4.19 8.39 -8.34
C ASN B 145 2.91 7.71 -7.81
N THR B 146 2.69 7.71 -6.50
CA THR B 146 1.49 7.11 -5.92
C THR B 146 0.75 8.11 -5.03
N PRO B 147 -0.59 7.95 -4.88
CA PRO B 147 -1.24 8.79 -3.86
C PRO B 147 -0.62 8.61 -2.47
N GLU B 148 -0.15 7.40 -2.17
CA GLU B 148 0.43 7.07 -0.86
C GLU B 148 1.77 7.76 -0.57
N GLY B 149 2.57 8.02 -1.61
CA GLY B 149 3.87 8.68 -1.43
C GLY B 149 3.99 10.15 -1.86
N ALA B 150 3.20 10.55 -2.85
CA ALA B 150 3.30 11.88 -3.45
C ALA B 150 2.90 13.01 -2.49
N CYS B 151 3.76 14.02 -2.41
CA CYS B 151 3.53 15.22 -1.59
C CYS B 151 2.21 15.90 -1.93
N PRO B 152 1.39 16.18 -0.89
CA PRO B 152 0.05 16.76 -1.04
C PRO B 152 -0.05 18.00 -1.94
N GLU B 153 0.81 19.01 -1.75
CA GLU B 153 0.64 20.24 -2.53
C GLU B 153 1.10 20.27 -4.00
N CYS B 154 2.23 19.64 -4.29
CA CYS B 154 2.77 19.66 -5.64
C CYS B 154 2.34 18.42 -6.39
N HIS B 155 1.80 17.45 -5.64
CA HIS B 155 1.40 16.14 -6.14
C HIS B 155 2.59 15.40 -6.75
N GLY B 156 3.76 15.61 -6.15
CA GLY B 156 4.94 14.86 -6.52
C GLY B 156 5.81 15.46 -7.61
N LEU B 157 5.46 16.68 -8.03
CA LEU B 157 6.22 17.41 -9.05
C LEU B 157 7.42 18.14 -8.46
N GLY B 158 7.30 18.52 -7.19
CA GLY B 158 8.39 19.21 -6.52
C GLY B 158 8.31 20.70 -6.73
N ARG B 159 7.44 21.10 -7.66
CA ARG B 159 7.23 22.50 -8.09
C ARG B 159 5.78 22.92 -7.92
N VAL B 160 5.60 24.20 -7.58
CA VAL B 160 4.28 24.80 -7.40
C VAL B 160 4.13 26.16 -8.12
N TYR B 161 2.94 26.41 -8.66
CA TYR B 161 2.64 27.68 -9.33
C TYR B 161 1.87 28.62 -8.43
N THR B 162 2.21 29.90 -8.43
CA THR B 162 1.33 30.89 -7.82
C THR B 162 1.00 32.01 -8.82
N VAL B 163 0.05 32.86 -8.44
CA VAL B 163 -0.24 34.09 -9.17
C VAL B 163 -0.10 35.23 -8.18
N THR B 164 0.07 36.46 -8.68
CA THR B 164 0.28 37.60 -7.81
C THR B 164 -0.33 38.86 -8.45
N GLU B 165 -0.49 39.95 -7.67
CA GLU B 165 -0.99 41.23 -8.22
C GLU B 165 -0.11 41.76 -9.35
N ASP B 166 1.18 41.47 -9.23
CA ASP B 166 2.19 41.92 -10.13
C ASP B 166 2.26 41.09 -11.43
N SER B 167 1.99 39.80 -11.35
CA SER B 167 2.01 38.94 -12.53
C SER B 167 0.70 39.08 -13.31
N MET B 168 -0.37 39.41 -12.60
CA MET B 168 -1.69 39.56 -13.19
C MET B 168 -2.02 40.97 -13.68
N VAL B 169 -1.44 42.00 -13.04
CA VAL B 169 -1.58 43.41 -13.44
C VAL B 169 -0.20 44.08 -13.61
N PRO B 170 0.46 43.89 -14.77
CA PRO B 170 1.81 44.44 -15.00
C PRO B 170 1.91 45.96 -14.85
N ASP B 171 0.96 46.65 -15.47
CA ASP B 171 0.89 48.10 -15.43
C ASP B 171 -0.36 48.51 -14.65
N PRO B 172 -0.19 48.95 -13.39
CA PRO B 172 -1.22 49.51 -12.48
C PRO B 172 -1.79 50.92 -12.81
N SER B 173 -1.10 51.71 -13.62
CA SER B 173 -1.63 53.01 -14.08
C SER B 173 -2.89 52.86 -14.91
N LEU B 174 -2.94 51.77 -15.67
CA LEU B 174 -4.11 51.34 -16.45
C LEU B 174 -5.40 51.18 -15.64
N THR B 175 -6.52 51.36 -16.34
CA THR B 175 -7.88 51.19 -15.80
C THR B 175 -8.40 49.78 -16.07
N ILE B 176 -9.42 49.31 -15.35
CA ILE B 176 -10.00 48.01 -15.70
C ILE B 176 -10.53 47.98 -17.15
N ARG B 177 -11.14 49.07 -17.59
CA ARG B 177 -11.66 49.17 -18.94
C ARG B 177 -10.55 49.11 -20.00
N GLU B 178 -9.42 49.78 -19.76
CA GLU B 178 -8.28 49.57 -20.64
C GLU B 178 -7.36 48.42 -20.22
N ARG B 179 -7.95 47.36 -19.66
CA ARG B 179 -7.23 46.10 -19.38
C ARG B 179 -6.12 46.18 -18.30
N ALA B 180 -6.39 46.82 -17.16
CA ALA B 180 -5.49 46.76 -16.00
C ALA B 180 -5.13 45.31 -15.70
N VAL B 181 -6.14 44.49 -15.43
CA VAL B 181 -5.91 43.06 -15.21
C VAL B 181 -5.76 42.32 -16.54
N ALA B 182 -4.50 42.19 -16.96
CA ALA B 182 -4.12 41.58 -18.23
C ALA B 182 -4.25 40.06 -18.26
N ALA B 183 -4.33 39.45 -17.07
CA ALA B 183 -4.51 37.99 -16.97
C ALA B 183 -5.88 37.44 -17.42
N TRP B 184 -6.91 38.28 -17.54
CA TRP B 184 -8.24 37.81 -17.97
C TRP B 184 -8.26 37.47 -19.45
N PRO B 185 -9.30 36.76 -19.92
CA PRO B 185 -9.26 36.35 -21.32
C PRO B 185 -9.35 37.55 -22.23
N GLN B 186 -9.01 37.35 -23.50
CA GLN B 186 -8.82 38.44 -24.42
C GLN B 186 -10.08 39.13 -24.94
N ALA B 187 -11.05 38.38 -25.46
CA ALA B 187 -12.09 39.07 -26.27
C ALA B 187 -13.41 39.23 -25.50
N TRP B 188 -14.38 38.34 -25.73
CA TRP B 188 -15.61 38.37 -24.97
C TRP B 188 -15.39 38.20 -23.45
N GLY B 189 -14.41 37.38 -23.07
CA GLY B 189 -14.17 36.97 -21.70
C GLY B 189 -13.79 38.11 -20.80
N GLY B 190 -12.92 38.97 -21.28
CA GLY B 190 -12.47 40.16 -20.54
C GLY B 190 -13.57 41.19 -20.49
N GLN B 191 -14.27 41.35 -21.60
CA GLN B 191 -15.40 42.26 -21.68
C GLN B 191 -16.53 41.88 -20.72
N ASN B 192 -16.82 40.57 -20.65
CA ASN B 192 -17.78 39.98 -19.71
C ASN B 192 -17.45 40.22 -18.21
N GLN B 193 -16.20 40.07 -17.83
CA GLN B 193 -15.84 40.30 -16.43
C GLN B 193 -15.97 41.79 -16.05
N ARG B 194 -15.65 42.66 -17.01
CA ARG B 194 -15.78 44.09 -16.86
C ARG B 194 -17.23 44.51 -16.68
N ASP B 195 -18.10 44.06 -17.59
CA ASP B 195 -19.52 44.27 -17.48
C ASP B 195 -20.09 43.73 -16.16
N ILE B 196 -19.55 42.62 -15.67
CA ILE B 196 -19.98 42.05 -14.38
C ILE B 196 -19.69 43.03 -13.27
N LEU B 197 -18.48 43.60 -13.28
CA LEU B 197 -18.10 44.64 -12.31
C LEU B 197 -18.91 45.94 -12.38
N VAL B 198 -19.25 46.42 -13.59
CA VAL B 198 -20.20 47.54 -13.66
C VAL B 198 -21.55 47.19 -12.98
N THR B 199 -22.16 46.06 -13.34
CA THR B 199 -23.38 45.59 -12.64
C THR B 199 -23.16 45.56 -11.12
N LEU B 200 -22.04 44.98 -10.68
CA LEU B 200 -21.67 44.93 -9.26
C LEU B 200 -21.42 46.29 -8.58
N GLY B 201 -21.25 47.34 -9.39
CA GLY B 201 -21.14 48.71 -8.92
C GLY B 201 -19.72 49.08 -8.54
N ILE B 202 -18.75 48.39 -9.16
CA ILE B 202 -17.31 48.66 -9.03
C ILE B 202 -16.79 49.58 -10.16
N ASP B 203 -15.86 50.49 -9.84
CA ASP B 203 -15.41 51.50 -10.81
C ASP B 203 -14.32 50.96 -11.74
N VAL B 204 -14.73 50.67 -12.98
CA VAL B 204 -13.83 50.20 -14.04
C VAL B 204 -13.15 51.33 -14.83
N ASP B 205 -13.34 52.57 -14.38
CA ASP B 205 -12.91 53.75 -15.10
C ASP B 205 -12.04 54.62 -14.23
N VAL B 206 -11.33 53.98 -13.30
CA VAL B 206 -10.34 54.64 -12.44
C VAL B 206 -9.05 53.81 -12.47
N PRO B 207 -7.88 54.47 -12.61
CA PRO B 207 -6.61 53.74 -12.52
C PRO B 207 -6.58 52.66 -11.43
N TRP B 208 -6.07 51.48 -11.77
CA TRP B 208 -6.08 50.34 -10.85
C TRP B 208 -5.56 50.76 -9.46
N ARG B 209 -4.34 51.33 -9.42
CA ARG B 209 -3.66 51.75 -8.18
C ARG B 209 -4.51 52.62 -7.20
N GLU B 210 -5.55 53.29 -7.69
CA GLU B 210 -6.39 54.18 -6.89
C GLU B 210 -7.71 53.54 -6.45
N LEU B 211 -7.87 52.24 -6.73
CA LEU B 211 -8.95 51.47 -6.16
C LEU B 211 -8.57 51.10 -4.73
N PRO B 212 -9.56 50.99 -3.81
CA PRO B 212 -9.26 50.50 -2.45
C PRO B 212 -8.45 49.18 -2.41
N GLU B 213 -7.63 49.00 -1.38
CA GLU B 213 -6.82 47.79 -1.21
C GLU B 213 -7.63 46.48 -1.27
N GLU B 214 -8.86 46.53 -0.76
CA GLU B 214 -9.70 45.33 -0.67
C GLU B 214 -10.48 45.03 -1.94
N THR B 215 -10.73 46.06 -2.76
CA THR B 215 -11.32 45.87 -4.09
C THR B 215 -10.38 45.12 -5.07
N ARG B 216 -9.12 45.53 -5.13
CA ARG B 216 -8.09 44.87 -5.93
C ARG B 216 -7.83 43.44 -5.47
N HIS B 217 -7.76 43.22 -4.16
CA HIS B 217 -7.52 41.88 -3.61
C HIS B 217 -8.69 40.93 -3.93
N TRP B 218 -9.91 41.44 -3.90
CA TRP B 218 -11.09 40.67 -4.26
C TRP B 218 -11.11 40.35 -5.76
N ILE B 219 -10.99 41.37 -6.60
CA ILE B 219 -11.00 41.18 -8.06
C ILE B 219 -10.01 40.10 -8.47
N LEU B 220 -8.83 40.13 -7.86
CA LEU B 220 -7.69 39.27 -8.17
C LEU B 220 -7.68 37.89 -7.53
N PHE B 221 -8.24 37.75 -6.33
CA PHE B 221 -7.99 36.52 -5.56
C PHE B 221 -9.21 35.76 -5.04
N THR B 222 -10.34 36.43 -4.90
CA THR B 222 -11.51 35.80 -4.27
C THR B 222 -12.00 34.50 -4.93
N ASP B 223 -12.59 33.63 -4.11
CA ASP B 223 -13.18 32.39 -4.62
C ASP B 223 -14.69 32.56 -4.78
N GLU B 224 -15.21 33.72 -4.38
CA GLU B 224 -16.58 34.10 -4.65
C GLU B 224 -16.85 34.34 -6.15
N GLN B 225 -18.11 34.03 -6.51
CA GLN B 225 -18.58 34.08 -7.87
C GLN B 225 -20.05 34.50 -7.87
N PRO B 226 -20.35 35.79 -7.65
CA PRO B 226 -21.71 36.22 -7.82
C PRO B 226 -22.17 36.13 -9.26
N VAL B 227 -23.47 35.88 -9.42
CA VAL B 227 -24.10 35.63 -10.69
C VAL B 227 -24.99 36.83 -10.88
N VAL B 228 -24.74 37.58 -11.94
CA VAL B 228 -25.42 38.87 -12.10
C VAL B 228 -25.98 39.10 -13.52
N PRO B 229 -26.99 39.98 -13.63
CA PRO B 229 -27.52 40.49 -14.90
C PRO B 229 -26.50 41.27 -15.68
N VAL B 230 -26.28 40.86 -16.92
CA VAL B 230 -25.29 41.52 -17.78
C VAL B 230 -25.92 42.31 -18.95
N TYR B 231 -25.55 43.58 -19.06
CA TYR B 231 -26.12 44.50 -20.03
C TYR B 231 -25.00 45.09 -20.94
N PRO B 232 -24.55 44.33 -21.95
CA PRO B 232 -23.43 44.85 -22.72
C PRO B 232 -23.71 46.18 -23.42
N GLY B 233 -22.72 47.07 -23.45
CA GLY B 233 -22.85 48.32 -24.17
C GLY B 233 -23.29 49.55 -23.39
N LEU B 234 -24.10 49.33 -22.35
CA LEU B 234 -24.61 50.43 -21.52
C LEU B 234 -23.49 51.10 -20.78
N THR B 235 -23.66 52.35 -20.40
CA THR B 235 -22.68 53.03 -19.56
C THR B 235 -22.90 52.56 -18.12
N PRO B 236 -21.94 52.84 -17.20
CA PRO B 236 -22.21 52.50 -15.80
C PRO B 236 -23.52 53.09 -15.25
N ALA B 237 -23.79 54.37 -15.51
CA ALA B 237 -25.00 55.06 -15.01
C ALA B 237 -26.28 54.49 -15.61
N GLU B 238 -26.23 54.13 -16.90
CA GLU B 238 -27.36 53.48 -17.55
C GLU B 238 -27.58 52.09 -17.01
N THR B 239 -26.48 51.44 -16.61
CA THR B 239 -26.52 50.04 -16.14
C THR B 239 -27.29 49.94 -14.82
N GLN B 240 -27.07 50.91 -13.93
CA GLN B 240 -27.61 50.92 -12.58
C GLN B 240 -29.09 51.18 -12.53
N ARG B 241 -29.62 51.82 -13.57
CA ARG B 241 -31.03 52.11 -13.60
C ARG B 241 -31.79 51.11 -14.42
N ALA B 242 -31.10 50.43 -15.32
CA ALA B 242 -31.59 49.18 -15.88
C ALA B 242 -31.87 48.18 -14.74
N LEU B 243 -30.97 48.12 -13.76
CA LEU B 243 -31.10 47.27 -12.57
C LEU B 243 -32.25 47.73 -11.69
N LYS B 244 -32.22 49.01 -11.32
CA LYS B 244 -33.26 49.64 -10.49
C LYS B 244 -34.67 49.23 -10.92
N LYS B 245 -34.99 49.41 -12.20
CA LYS B 245 -36.32 49.10 -12.73
C LYS B 245 -36.49 47.68 -13.28
N LYS B 246 -35.50 46.82 -13.01
CA LYS B 246 -35.55 45.38 -13.35
C LYS B 246 -35.67 45.07 -14.86
N MET B 247 -34.99 45.85 -15.70
CA MET B 247 -34.95 45.59 -17.13
C MET B 247 -34.28 44.24 -17.40
N GLU B 248 -34.87 43.45 -18.30
CA GLU B 248 -34.39 42.12 -18.68
C GLU B 248 -33.02 42.22 -19.36
N PRO B 249 -32.01 41.43 -18.91
CA PRO B 249 -30.66 41.57 -19.50
C PRO B 249 -30.41 40.64 -20.71
N SER B 250 -29.24 40.74 -21.35
CA SER B 250 -28.91 39.81 -22.45
C SER B 250 -28.67 38.38 -21.98
N TYR B 251 -28.00 38.25 -20.84
CA TYR B 251 -27.69 36.95 -20.27
C TYR B 251 -27.29 37.18 -18.83
N MET B 252 -27.17 36.11 -18.06
CA MET B 252 -26.67 36.17 -16.68
C MET B 252 -25.20 35.77 -16.69
N GLY B 253 -24.37 36.61 -16.10
CA GLY B 253 -22.93 36.39 -16.03
C GLY B 253 -22.49 36.03 -14.63
N THR B 254 -21.48 35.15 -14.55
CA THR B 254 -20.89 34.69 -13.29
C THR B 254 -19.47 35.26 -13.10
N PHE B 255 -19.25 36.06 -12.04
CA PHE B 255 -17.90 36.61 -11.80
C PHE B 255 -16.86 35.51 -11.64
N SER B 256 -15.67 35.68 -12.19
CA SER B 256 -14.58 34.83 -11.80
C SER B 256 -13.29 35.64 -11.70
N SER B 257 -12.60 35.50 -10.56
CA SER B 257 -11.40 36.30 -10.21
C SER B 257 -10.19 36.11 -11.14
N ALA B 258 -9.28 37.07 -11.20
CA ALA B 258 -8.09 36.92 -12.04
C ALA B 258 -7.42 35.60 -11.74
N ARG B 259 -7.21 35.30 -10.45
CA ARG B 259 -6.61 34.04 -10.04
C ARG B 259 -7.38 32.79 -10.48
N ARG B 260 -8.69 32.77 -10.20
CA ARG B 260 -9.58 31.70 -10.62
CA ARG B 260 -9.54 31.67 -10.61
C ARG B 260 -9.45 31.44 -12.11
N HIS B 261 -9.50 32.50 -12.91
CA HIS B 261 -9.46 32.28 -14.35
C HIS B 261 -8.19 31.58 -14.75
N VAL B 262 -7.04 32.12 -14.33
CA VAL B 262 -5.73 31.60 -14.63
C VAL B 262 -5.54 30.15 -14.16
N LEU B 263 -5.84 29.87 -12.90
CA LEU B 263 -5.62 28.53 -12.36
C LEU B 263 -6.60 27.52 -12.92
N HIS B 264 -7.86 27.91 -13.03
CA HIS B 264 -8.85 27.01 -13.60
C HIS B 264 -8.55 26.65 -15.05
N THR B 265 -8.21 27.64 -15.87
CA THR B 265 -7.93 27.34 -17.27
C THR B 265 -6.70 26.44 -17.40
N PHE B 266 -5.56 26.83 -16.84
CA PHE B 266 -4.36 26.01 -16.85
C PHE B 266 -4.59 24.51 -16.53
N ALA B 267 -5.46 24.22 -15.56
CA ALA B 267 -5.69 22.85 -15.09
C ALA B 267 -6.66 22.05 -15.96
N ASN B 268 -7.57 22.74 -16.65
CA ASN B 268 -8.68 22.09 -17.31
C ASN B 268 -8.64 22.20 -18.83
N THR B 269 -8.00 23.25 -19.36
CA THR B 269 -7.93 23.47 -20.80
C THR B 269 -7.21 22.34 -21.54
N GLU B 270 -7.60 22.16 -22.80
CA GLU B 270 -7.07 21.14 -23.70
C GLU B 270 -6.49 21.78 -24.99
N SER B 271 -6.41 23.11 -24.98
CA SER B 271 -5.73 23.87 -26.02
C SER B 271 -4.25 24.01 -25.66
N ALA B 272 -3.39 23.97 -26.68
CA ALA B 272 -1.96 24.15 -26.49
C ALA B 272 -1.61 25.62 -26.23
N SER B 273 -2.30 26.50 -26.95
CA SER B 273 -2.03 27.95 -26.93
C SER B 273 -2.62 28.66 -25.73
N MET B 274 -3.67 28.06 -25.16
CA MET B 274 -4.31 28.57 -23.95
C MET B 274 -3.40 28.43 -22.75
N LYS B 275 -3.12 27.18 -22.41
CA LYS B 275 -2.22 26.80 -21.31
C LYS B 275 -1.00 27.72 -21.24
N LYS B 276 -0.28 27.82 -22.36
CA LYS B 276 0.89 28.70 -22.49
C LYS B 276 0.60 30.19 -22.26
N ARG B 277 -0.54 30.68 -22.75
CA ARG B 277 -0.87 32.10 -22.56
C ARG B 277 -1.03 32.39 -21.07
N VAL B 278 -1.87 31.58 -20.45
CA VAL B 278 -2.21 31.69 -19.05
C VAL B 278 -0.98 31.44 -18.12
N GLN B 279 -0.02 30.66 -18.60
CA GLN B 279 1.21 30.38 -17.84
C GLN B 279 2.10 31.59 -17.68
N GLY B 280 1.90 32.56 -18.56
CA GLY B 280 2.63 33.83 -18.54
C GLY B 280 2.36 34.67 -17.32
N TYR B 281 1.20 34.47 -16.70
CA TYR B 281 0.79 35.24 -15.53
C TYR B 281 1.02 34.43 -14.25
N MET B 282 1.66 33.28 -14.39
CA MET B 282 1.92 32.47 -13.21
C MET B 282 3.39 32.13 -12.98
N ILE B 283 3.77 32.20 -11.70
CA ILE B 283 5.18 32.05 -11.26
C ILE B 283 5.45 30.67 -10.67
N SER B 284 6.50 30.02 -11.19
CA SER B 284 6.96 28.69 -10.74
C SER B 284 7.98 28.77 -9.61
N GLU B 285 7.80 27.93 -8.58
CA GLU B 285 8.67 27.94 -7.41
C GLU B 285 8.81 26.58 -6.71
N GLU B 286 9.96 26.36 -6.09
CA GLU B 286 10.19 25.18 -5.27
C GLU B 286 9.01 25.01 -4.32
N CYS B 287 8.49 23.78 -4.21
CA CYS B 287 7.31 23.56 -3.40
C CYS B 287 7.57 23.75 -1.90
N PRO B 288 6.78 24.63 -1.25
CA PRO B 288 6.90 25.05 0.15
C PRO B 288 6.94 23.94 1.19
N LEU B 289 6.15 22.88 1.01
CA LEU B 289 6.11 21.74 1.93
C LEU B 289 7.31 20.78 1.80
N CYS B 290 7.47 20.15 0.64
CA CYS B 290 8.52 19.15 0.46
C CYS B 290 9.89 19.71 0.15
N HIS B 291 9.95 20.97 -0.26
CA HIS B 291 11.21 21.62 -0.60
C HIS B 291 11.91 20.96 -1.81
N GLY B 292 11.13 20.55 -2.81
CA GLY B 292 11.70 19.98 -4.03
C GLY B 292 11.90 18.46 -4.04
N LYS B 293 12.04 17.87 -2.86
CA LYS B 293 11.93 16.43 -2.63
C LYS B 293 10.46 16.24 -2.78
N ARG B 294 10.00 15.18 -3.42
CA ARG B 294 8.63 15.21 -3.91
C ARG B 294 7.68 14.32 -3.14
N LEU B 295 8.03 14.03 -1.89
CA LEU B 295 7.36 13.02 -1.08
C LEU B 295 6.75 13.60 0.18
N ARG B 296 5.94 12.79 0.87
CA ARG B 296 5.32 13.19 2.13
C ARG B 296 6.34 13.37 3.22
N GLN B 297 6.05 14.25 4.16
CA GLN B 297 6.95 14.50 5.27
C GLN B 297 7.27 13.23 6.09
N GLU B 298 6.31 12.30 6.18
CA GLU B 298 6.52 11.06 6.93
C GLU B 298 7.51 10.07 6.26
N ALA B 299 7.57 10.10 4.94
CA ALA B 299 8.55 9.32 4.19
C ALA B 299 9.92 10.00 4.23
N LEU B 300 9.93 11.33 4.25
CA LEU B 300 11.17 12.11 4.36
C LEU B 300 11.91 11.94 5.68
N ASN B 301 11.14 11.70 6.73
CA ASN B 301 11.68 11.58 8.06
C ASN B 301 12.40 10.26 8.32
N VAL B 302 12.04 9.25 7.53
CA VAL B 302 12.75 7.95 7.60
C VAL B 302 14.10 8.08 6.92
N THR B 303 15.14 7.69 7.63
CA THR B 303 16.50 7.91 7.18
C THR B 303 17.35 6.63 7.15
N PHE B 304 18.42 6.65 6.35
CA PHE B 304 19.40 5.59 6.31
C PHE B 304 20.76 6.22 6.01
N ALA B 305 21.76 5.84 6.82
CA ALA B 305 23.10 6.43 6.81
C ALA B 305 23.07 7.95 6.88
N GLY B 306 21.97 8.51 7.36
CA GLY B 306 21.86 9.93 7.62
C GLY B 306 21.00 10.64 6.61
N LEU B 307 20.76 9.97 5.46
CA LEU B 307 20.05 10.57 4.30
C LEU B 307 18.62 10.07 4.12
N ASP B 308 17.71 10.97 3.77
CA ASP B 308 16.41 10.55 3.26
C ASP B 308 16.58 9.91 1.85
N ILE B 309 15.53 9.22 1.37
CA ILE B 309 15.63 8.36 0.17
C ILE B 309 15.92 9.20 -1.08
N THR B 310 15.40 10.42 -1.06
CA THR B 310 15.54 11.37 -2.14
C THR B 310 16.98 11.85 -2.28
N GLU B 311 17.64 12.07 -1.15
CA GLU B 311 19.03 12.51 -1.13
C GLU B 311 19.94 11.37 -1.55
N LEU B 312 19.51 10.15 -1.25
CA LEU B 312 20.25 8.95 -1.61
C LEU B 312 20.07 8.66 -3.11
N SER B 313 18.87 8.94 -3.62
CA SER B 313 18.55 8.71 -5.04
C SER B 313 19.20 9.73 -5.99
N ARG B 314 19.93 10.70 -5.47
CA ARG B 314 20.63 11.63 -6.34
C ARG B 314 22.14 11.44 -6.37
N LEU B 315 22.61 10.37 -5.73
CA LEU B 315 24.01 10.00 -5.68
C LEU B 315 24.42 9.07 -6.83
N PRO B 316 25.72 9.09 -7.20
CA PRO B 316 26.17 8.15 -8.21
C PRO B 316 25.94 6.72 -7.73
N LEU B 317 25.46 5.86 -8.61
CA LEU B 317 25.34 4.44 -8.32
C LEU B 317 26.56 3.88 -7.62
N ALA B 318 27.73 4.47 -7.87
CA ALA B 318 28.97 4.00 -7.26
C ALA B 318 29.04 4.28 -5.75
N ARG B 319 28.61 5.48 -5.34
CA ARG B 319 28.57 5.85 -3.91
C ARG B 319 27.55 5.00 -3.14
N VAL B 320 26.36 4.83 -3.71
CA VAL B 320 25.30 3.98 -3.18
C VAL B 320 25.82 2.57 -2.88
N SER B 321 26.61 2.01 -3.79
CA SER B 321 27.21 0.70 -3.58
C SER B 321 28.21 0.72 -2.42
N GLU B 322 28.96 1.83 -2.30
CA GLU B 322 30.01 1.88 -1.27
C GLU B 322 29.50 2.16 0.15
N LEU B 323 28.26 2.65 0.29
CA LEU B 323 27.65 2.71 1.63
C LEU B 323 26.81 1.50 2.09
N LEU B 324 26.21 0.82 1.10
CA LEU B 324 25.48 -0.43 1.29
C LEU B 324 26.36 -1.64 1.55
N ARG B 325 27.58 -1.58 1.03
CA ARG B 325 28.52 -2.71 0.99
C ARG B 325 28.97 -3.22 2.36
N PRO B 326 29.36 -2.31 3.30
CA PRO B 326 29.64 -2.80 4.66
C PRO B 326 28.52 -3.62 5.28
N TYR B 327 27.27 -3.17 5.14
CA TYR B 327 26.09 -3.85 5.69
C TYR B 327 25.80 -5.25 5.12
N ALA B 328 26.01 -5.40 3.81
CA ALA B 328 25.97 -6.70 3.13
C ALA B 328 27.02 -7.66 3.65
N GLU B 329 28.24 -7.14 3.86
CA GLU B 329 29.38 -7.97 4.27
C GLU B 329 29.52 -8.10 5.79
N GLU B 330 28.64 -7.43 6.54
CA GLU B 330 28.56 -7.49 8.02
C GLU B 330 29.82 -6.92 8.69
N ARG B 331 30.36 -5.87 8.09
CA ARG B 331 31.61 -5.30 8.55
C ARG B 331 31.49 -3.82 8.91
N GLU B 332 30.28 -3.30 9.09
CA GLU B 332 30.15 -1.89 9.44
C GLU B 332 30.61 -1.65 10.87
N PRO B 333 31.08 -0.43 11.17
CA PRO B 333 31.51 -0.12 12.53
C PRO B 333 30.45 -0.54 13.56
N GLY B 334 30.89 -1.23 14.61
CA GLY B 334 30.01 -1.59 15.72
C GLY B 334 28.86 -2.48 15.33
N HIS B 335 29.16 -3.49 14.52
CA HIS B 335 28.16 -4.44 14.03
C HIS B 335 27.65 -5.37 15.13
N ALA B 336 28.56 -5.90 15.94
CA ALA B 336 28.22 -6.90 16.97
C ALA B 336 27.29 -6.32 18.05
N GLU B 337 27.40 -5.02 18.26
CA GLU B 337 26.58 -4.30 19.26
C GLU B 337 25.24 -3.94 18.63
N ARG B 338 25.16 -4.05 17.31
CA ARG B 338 23.91 -3.85 16.57
C ARG B 338 23.08 -5.13 16.55
N VAL B 339 23.71 -6.27 16.34
CA VAL B 339 23.02 -7.56 16.44
C VAL B 339 22.66 -7.88 17.91
N LYS B 340 23.43 -7.35 18.84
CA LYS B 340 23.15 -7.55 20.25
C LYS B 340 21.95 -6.72 20.73
N ASN B 341 21.80 -5.51 20.18
CA ASN B 341 20.77 -4.57 20.66
C ASN B 341 19.53 -4.46 19.77
N ARG B 342 19.71 -4.75 18.46
CA ARG B 342 18.61 -4.77 17.50
C ARG B 342 18.84 -5.87 16.45
N PRO B 343 18.66 -7.14 16.85
CA PRO B 343 18.97 -8.28 15.99
C PRO B 343 18.16 -8.36 14.69
N GLU B 344 16.87 -8.05 14.72
CA GLU B 344 16.07 -8.27 13.51
C GLU B 344 16.30 -7.23 12.39
N GLN B 345 16.61 -5.99 12.76
CA GLN B 345 17.02 -4.98 11.78
C GLN B 345 18.40 -5.30 11.16
N ALA B 346 19.31 -5.88 11.95
CA ALA B 346 20.61 -6.33 11.45
C ALA B 346 20.46 -7.43 10.39
N ILE B 347 19.59 -8.41 10.68
CA ILE B 347 19.24 -9.48 9.74
C ILE B 347 18.65 -8.91 8.46
N ALA B 348 17.63 -8.08 8.60
CA ALA B 348 16.89 -7.52 7.47
C ALA B 348 17.78 -6.66 6.59
N LEU B 349 18.32 -5.58 7.17
CA LEU B 349 19.31 -4.73 6.51
C LEU B 349 20.31 -5.53 5.68
N GLN B 350 20.89 -6.58 6.27
CA GLN B 350 21.93 -7.35 5.60
C GLN B 350 21.39 -8.05 4.35
N ARG B 351 20.20 -8.65 4.45
CA ARG B 351 19.60 -9.39 3.34
C ARG B 351 19.34 -8.44 2.18
N MET B 352 18.67 -7.33 2.49
CA MET B 352 18.28 -6.30 1.53
C MET B 352 19.43 -5.49 0.95
N ALA B 353 20.48 -5.25 1.73
CA ALA B 353 21.69 -4.59 1.23
C ALA B 353 22.45 -5.53 0.31
N ALA B 354 22.45 -6.81 0.63
CA ALA B 354 23.12 -7.83 -0.16
C ALA B 354 22.61 -7.98 -1.59
N ASP B 355 21.29 -7.90 -1.82
CA ASP B 355 20.81 -8.01 -3.19
C ASP B 355 20.85 -6.71 -3.95
N LEU B 356 20.88 -5.59 -3.23
CA LEU B 356 21.20 -4.32 -3.87
C LEU B 356 22.66 -4.31 -4.33
N VAL B 357 23.58 -4.63 -3.42
CA VAL B 357 25.01 -4.63 -3.75
C VAL B 357 25.29 -5.56 -4.95
N LYS B 358 24.63 -6.72 -4.98
CA LYS B 358 24.82 -7.75 -6.00
C LYS B 358 24.44 -7.31 -7.42
N ARG B 359 23.41 -6.47 -7.51
CA ARG B 359 22.91 -5.89 -8.77
C ARG B 359 23.69 -4.66 -9.19
N LEU B 360 24.06 -3.85 -8.21
CA LEU B 360 24.91 -2.70 -8.42
C LEU B 360 26.27 -3.10 -8.96
N ASP B 361 26.69 -4.33 -8.68
CA ASP B 361 27.98 -4.85 -9.12
C ASP B 361 28.00 -5.08 -10.62
N VAL B 362 26.92 -5.63 -11.14
CA VAL B 362 26.72 -5.85 -12.57
C VAL B 362 26.80 -4.49 -13.27
N LEU B 363 26.06 -3.49 -12.80
CA LEU B 363 26.08 -2.14 -13.40
C LEU B 363 27.49 -1.51 -13.36
N LEU B 364 28.14 -1.56 -12.19
CA LEU B 364 29.47 -0.99 -12.01
C LEU B 364 30.51 -1.63 -12.93
N HIS B 365 30.35 -2.94 -13.20
CA HIS B 365 31.23 -3.69 -14.10
C HIS B 365 31.10 -3.31 -15.57
N LEU B 366 29.87 -3.13 -16.07
CA LEU B 366 29.68 -2.36 -17.29
C LEU B 366 30.25 -1.02 -16.80
N GLY B 367 30.13 0.09 -17.48
CA GLY B 367 30.78 1.25 -16.84
C GLY B 367 29.87 2.32 -16.27
N LEU B 368 28.78 1.91 -15.62
CA LEU B 368 27.67 2.82 -15.40
C LEU B 368 27.47 3.32 -13.95
N GLY B 369 28.44 3.09 -13.09
CA GLY B 369 28.39 3.60 -11.72
C GLY B 369 28.41 5.11 -11.55
N TYR B 370 28.51 5.84 -12.66
CA TYR B 370 28.51 7.31 -12.61
C TYR B 370 27.10 7.95 -12.66
N LEU B 371 26.07 7.15 -12.88
CA LEU B 371 24.72 7.69 -13.00
C LEU B 371 24.01 7.71 -11.63
N GLY B 372 22.98 8.55 -11.49
CA GLY B 372 22.20 8.58 -10.27
C GLY B 372 20.96 7.78 -10.58
N LEU B 373 20.22 7.38 -9.55
CA LEU B 373 19.00 6.62 -9.78
C LEU B 373 17.80 7.47 -10.15
N ASP B 374 17.88 8.77 -9.88
CA ASP B 374 16.82 9.72 -10.27
C ASP B 374 16.96 10.30 -11.72
N ARG B 375 18.12 10.05 -12.33
CA ARG B 375 18.43 10.49 -13.69
C ARG B 375 17.33 10.00 -14.62
N SER B 376 16.69 10.92 -15.33
CA SER B 376 15.61 10.60 -16.28
C SER B 376 16.11 9.91 -17.54
N THR B 377 15.39 8.88 -17.99
CA THR B 377 15.80 8.06 -19.13
C THR B 377 15.74 8.76 -20.50
N PRO B 378 14.81 9.74 -20.67
CA PRO B 378 14.86 10.58 -21.89
C PRO B 378 16.13 11.44 -21.99
N THR B 379 16.83 11.65 -20.88
CA THR B 379 18.10 12.39 -20.91
C THR B 379 19.33 11.48 -21.07
N LEU B 380 19.08 10.18 -21.25
CA LEU B 380 20.15 9.20 -21.49
C LEU B 380 20.41 9.01 -22.98
N SER B 381 21.63 8.62 -23.33
CA SER B 381 21.95 8.28 -24.70
C SER B 381 21.41 6.86 -24.98
N PRO B 382 21.31 6.46 -26.27
CA PRO B 382 20.77 5.15 -26.58
C PRO B 382 21.65 4.00 -26.12
N GLY B 383 22.95 4.11 -26.34
CA GLY B 383 23.89 3.10 -25.85
C GLY B 383 23.88 3.02 -24.32
N GLU B 384 23.81 4.16 -23.66
CA GLU B 384 23.76 4.22 -22.21
C GLU B 384 22.59 3.43 -21.67
N LEU B 385 21.39 3.62 -22.24
CA LEU B 385 20.27 2.87 -21.71
C LEU B 385 20.10 1.41 -22.16
N GLN B 386 20.58 1.08 -23.35
CA GLN B 386 20.64 -0.30 -23.79
C GLN B 386 21.58 -1.11 -22.91
N ARG B 387 22.63 -0.48 -22.44
CA ARG B 387 23.58 -1.11 -21.52
C ARG B 387 22.99 -1.25 -20.12
N LEU B 388 22.17 -0.28 -19.71
CA LEU B 388 21.41 -0.40 -18.45
C LEU B 388 20.45 -1.57 -18.53
N ARG B 389 19.88 -1.73 -19.72
CA ARG B 389 18.92 -2.76 -20.03
C ARG B 389 19.59 -4.13 -20.10
N LEU B 390 20.81 -4.16 -20.62
CA LEU B 390 21.62 -5.37 -20.67
C LEU B 390 21.96 -5.83 -19.26
N ALA B 391 22.55 -4.94 -18.48
CA ALA B 391 22.86 -5.18 -17.06
C ALA B 391 21.64 -5.75 -16.31
N THR B 392 20.44 -5.22 -16.59
CA THR B 392 19.19 -5.61 -15.93
C THR B 392 18.79 -7.03 -16.27
N GLN B 393 19.10 -7.45 -17.48
CA GLN B 393 18.81 -8.80 -17.95
C GLN B 393 19.70 -9.83 -17.30
N LEU B 394 20.87 -9.38 -16.83
CA LEU B 394 21.86 -10.28 -16.27
C LEU B 394 21.45 -10.81 -14.87
N TYR B 395 20.49 -10.12 -14.23
CA TYR B 395 19.86 -10.63 -13.00
C TYR B 395 18.35 -10.89 -13.13
N SER B 396 17.86 -10.96 -14.36
CA SER B 396 16.59 -11.61 -14.66
C SER B 396 16.87 -13.12 -14.73
N ASN B 397 15.81 -13.92 -14.62
CA ASN B 397 16.03 -15.36 -14.74
C ASN B 397 15.45 -15.96 -16.01
N LEU B 398 15.56 -15.21 -17.10
CA LEU B 398 15.13 -15.69 -18.41
C LEU B 398 16.05 -16.77 -18.94
N PHE B 399 15.43 -17.84 -19.43
CA PHE B 399 16.17 -18.97 -19.93
C PHE B 399 15.63 -19.26 -21.32
N GLY B 400 16.54 -19.53 -22.26
CA GLY B 400 16.17 -20.04 -23.57
C GLY B 400 15.61 -19.03 -24.54
N VAL B 401 15.93 -17.74 -24.35
CA VAL B 401 15.51 -16.67 -25.27
C VAL B 401 16.66 -16.21 -26.16
N VAL B 402 16.35 -15.53 -27.27
CA VAL B 402 17.34 -14.81 -28.09
C VAL B 402 17.26 -13.33 -27.76
N TYR B 403 18.40 -12.77 -27.37
CA TYR B 403 18.45 -11.33 -27.17
C TYR B 403 18.95 -10.67 -28.44
N VAL B 404 18.30 -9.57 -28.80
CA VAL B 404 18.61 -8.82 -29.99
C VAL B 404 19.03 -7.38 -29.65
N LEU B 405 20.27 -7.04 -30.02
CA LEU B 405 20.88 -5.75 -29.67
C LEU B 405 21.35 -4.92 -30.87
N ASP B 406 21.25 -3.60 -30.72
CA ASP B 406 21.61 -2.63 -31.76
C ASP B 406 22.74 -1.72 -31.30
N GLU B 407 23.97 -2.06 -31.67
CA GLU B 407 25.17 -1.34 -31.24
C GLU B 407 25.25 -1.15 -29.73
N PRO B 408 25.36 -2.26 -28.97
CA PRO B 408 25.50 -2.02 -27.53
C PRO B 408 26.76 -1.18 -27.20
N SER B 409 27.68 -1.06 -28.16
CA SER B 409 28.95 -0.33 -28.01
C SER B 409 28.92 1.16 -28.34
N ALA B 410 27.78 1.66 -28.84
CA ALA B 410 27.63 3.09 -29.11
C ALA B 410 27.89 3.92 -27.85
N GLY B 411 28.86 4.84 -27.92
CA GLY B 411 29.21 5.68 -26.78
C GLY B 411 30.30 5.10 -25.91
N LEU B 412 30.72 3.87 -26.19
CA LEU B 412 31.76 3.23 -25.41
C LEU B 412 33.16 3.68 -25.83
N HIS B 413 34.06 3.79 -24.86
CA HIS B 413 35.47 4.05 -25.11
C HIS B 413 36.18 2.73 -25.36
N PRO B 414 37.20 2.70 -26.26
CA PRO B 414 37.86 1.45 -26.58
C PRO B 414 38.50 0.78 -25.38
N ALA B 415 38.58 1.51 -24.26
CA ALA B 415 39.13 1.00 -23.01
C ALA B 415 38.09 0.18 -22.29
N ASP B 416 36.82 0.37 -22.65
CA ASP B 416 35.72 -0.21 -21.93
C ASP B 416 34.94 -1.29 -22.70
N THR B 417 35.43 -1.69 -23.87
CA THR B 417 34.70 -2.70 -24.69
C THR B 417 34.84 -4.09 -24.12
N GLU B 418 35.93 -4.34 -23.41
CA GLU B 418 36.15 -5.63 -22.76
C GLU B 418 35.13 -5.87 -21.64
N ALA B 419 34.75 -4.81 -20.94
CA ALA B 419 33.68 -4.86 -19.94
C ALA B 419 32.33 -5.21 -20.59
N LEU B 420 32.06 -4.61 -21.76
CA LEU B 420 30.89 -4.96 -22.58
C LEU B 420 30.90 -6.42 -23.02
N LEU B 421 32.04 -6.90 -23.53
CA LEU B 421 32.18 -8.30 -23.94
C LEU B 421 31.97 -9.33 -22.82
N SER B 422 32.54 -9.07 -21.63
CA SER B 422 32.28 -9.91 -20.44
C SER B 422 30.77 -10.05 -20.15
N ALA B 423 30.04 -8.95 -20.32
CA ALA B 423 28.60 -8.90 -20.03
C ALA B 423 27.80 -9.72 -21.02
N LEU B 424 28.12 -9.58 -22.31
CA LEU B 424 27.51 -10.38 -23.34
C LEU B 424 27.76 -11.88 -23.12
N GLU B 425 28.97 -12.23 -22.70
CA GLU B 425 29.33 -13.62 -22.42
C GLU B 425 28.52 -14.20 -21.26
N ASN B 426 28.37 -13.40 -20.20
CA ASN B 426 27.62 -13.79 -19.01
C ASN B 426 26.16 -14.09 -19.33
N LEU B 427 25.58 -13.27 -20.22
CA LEU B 427 24.21 -13.45 -20.71
C LEU B 427 24.00 -14.74 -21.48
N LYS B 428 24.91 -14.98 -22.42
CA LYS B 428 24.92 -16.18 -23.26
C LYS B 428 24.92 -17.44 -22.41
N ARG B 429 25.87 -17.53 -21.47
CA ARG B 429 25.99 -18.67 -20.54
C ARG B 429 24.80 -18.82 -19.57
N GLY B 430 23.80 -17.96 -19.70
CA GLY B 430 22.53 -18.16 -19.00
C GLY B 430 21.62 -19.14 -19.72
N GLY B 431 22.11 -19.77 -20.79
CA GLY B 431 21.27 -20.55 -21.69
C GLY B 431 20.52 -19.73 -22.73
N ASN B 432 21.05 -18.55 -23.07
CA ASN B 432 20.46 -17.65 -24.07
C ASN B 432 21.32 -17.47 -25.32
N SER B 433 20.72 -16.95 -26.40
CA SER B 433 21.44 -16.68 -27.64
C SER B 433 21.50 -15.16 -27.84
N LEU B 434 22.42 -14.69 -28.69
CA LEU B 434 22.62 -13.25 -28.87
C LEU B 434 22.73 -12.83 -30.31
N PHE B 435 21.83 -11.95 -30.75
CA PHE B 435 21.94 -11.35 -32.07
C PHE B 435 22.32 -9.88 -31.95
N VAL B 436 23.53 -9.53 -32.39
CA VAL B 436 23.99 -8.16 -32.28
C VAL B 436 24.28 -7.50 -33.64
N VAL B 437 23.65 -6.36 -33.92
CA VAL B 437 24.09 -5.52 -35.05
C VAL B 437 25.13 -4.50 -34.60
N GLU B 438 26.30 -4.56 -35.21
CA GLU B 438 27.46 -3.85 -34.69
C GLU B 438 28.39 -3.34 -35.78
N HIS B 439 29.07 -2.24 -35.49
CA HIS B 439 30.09 -1.67 -36.41
C HIS B 439 31.48 -1.66 -35.80
N ASP B 440 31.56 -1.92 -34.50
CA ASP B 440 32.80 -1.91 -33.75
C ASP B 440 33.62 -3.13 -34.09
N LEU B 441 34.82 -2.88 -34.63
CA LEU B 441 35.69 -3.93 -35.16
C LEU B 441 36.21 -4.85 -34.05
N ASP B 442 36.38 -4.28 -32.86
CA ASP B 442 36.86 -5.01 -31.69
C ASP B 442 35.82 -6.01 -31.13
N VAL B 443 34.54 -5.65 -31.18
CA VAL B 443 33.43 -6.55 -30.85
C VAL B 443 33.34 -7.66 -31.89
N ILE B 444 33.38 -7.26 -33.17
CA ILE B 444 33.33 -8.14 -34.34
C ILE B 444 34.46 -9.18 -34.33
N ARG B 445 35.64 -8.77 -33.90
CA ARG B 445 36.79 -9.68 -33.81
C ARG B 445 36.54 -10.87 -32.89
N ARG B 446 35.76 -10.64 -31.83
CA ARG B 446 35.48 -11.65 -30.80
C ARG B 446 34.17 -12.45 -30.96
N ALA B 447 33.34 -12.06 -31.92
CA ALA B 447 32.12 -12.84 -32.23
C ALA B 447 32.40 -14.32 -32.49
N ASP B 448 31.39 -15.14 -32.22
CA ASP B 448 31.40 -16.56 -32.55
C ASP B 448 31.07 -16.76 -34.03
N TRP B 449 30.12 -15.97 -34.50
CA TRP B 449 29.61 -16.10 -35.86
C TRP B 449 29.37 -14.70 -36.37
N LEU B 450 29.19 -14.57 -37.66
CA LEU B 450 29.19 -13.27 -38.32
C LEU B 450 28.38 -13.39 -39.59
N VAL B 451 27.41 -12.49 -39.76
CA VAL B 451 26.63 -12.40 -40.99
C VAL B 451 26.91 -11.05 -41.66
N ASP B 452 27.65 -11.09 -42.77
CA ASP B 452 28.02 -9.88 -43.52
C ASP B 452 26.97 -9.59 -44.58
N VAL B 453 26.41 -8.39 -44.57
CA VAL B 453 25.32 -8.08 -45.50
C VAL B 453 25.69 -7.18 -46.73
N GLY B 454 25.24 -7.63 -47.90
CA GLY B 454 25.33 -6.93 -49.21
C GLY B 454 26.70 -6.43 -49.55
N PRO B 455 26.93 -6.03 -50.83
CA PRO B 455 28.09 -5.19 -51.07
C PRO B 455 27.89 -3.79 -50.45
N GLU B 456 26.83 -3.09 -50.87
CA GLU B 456 26.61 -1.70 -50.48
C GLU B 456 25.19 -1.43 -49.97
N ALA B 457 24.65 -0.25 -50.26
CA ALA B 457 23.37 0.18 -49.68
C ALA B 457 22.13 -0.01 -50.59
N GLY B 458 20.95 0.03 -49.97
CA GLY B 458 19.67 -0.08 -50.67
C GLY B 458 19.61 -1.21 -51.69
N GLU B 459 19.42 -0.84 -52.95
CA GLU B 459 19.39 -1.77 -54.08
C GLU B 459 20.70 -2.52 -54.35
N LYS B 460 21.83 -1.89 -54.05
CA LYS B 460 23.13 -2.50 -54.31
C LYS B 460 23.56 -3.48 -53.20
N GLY B 461 22.80 -3.52 -52.11
CA GLY B 461 23.06 -4.45 -51.02
C GLY B 461 21.97 -5.50 -50.88
N GLY B 462 21.57 -5.77 -49.64
CA GLY B 462 20.51 -6.74 -49.39
C GLY B 462 20.82 -8.20 -49.61
N GLU B 463 22.07 -8.53 -49.94
CA GLU B 463 22.46 -9.93 -50.10
C GLU B 463 23.41 -10.35 -48.99
N ILE B 464 23.63 -11.65 -48.83
CA ILE B 464 24.49 -12.13 -47.74
C ILE B 464 25.85 -12.49 -48.30
N LEU B 465 26.86 -11.75 -47.91
CA LEU B 465 28.22 -11.98 -48.38
C LEU B 465 28.90 -13.17 -47.71
N TYR B 466 28.68 -13.32 -46.41
CA TYR B 466 29.30 -14.37 -45.61
C TYR B 466 28.44 -14.69 -44.41
N SER B 467 28.46 -15.95 -43.98
CA SER B 467 27.91 -16.34 -42.70
C SER B 467 28.73 -17.47 -42.12
N GLY B 468 29.55 -17.14 -41.13
CA GLY B 468 30.39 -18.12 -40.44
C GLY B 468 31.24 -17.44 -39.39
N PRO B 469 32.23 -18.18 -38.84
CA PRO B 469 33.18 -17.65 -37.86
C PRO B 469 34.04 -16.53 -38.45
N PRO B 470 34.35 -15.48 -37.65
CA PRO B 470 34.95 -14.25 -38.16
C PRO B 470 36.16 -14.42 -39.09
N GLU B 471 37.05 -15.38 -38.78
CA GLU B 471 38.31 -15.50 -39.50
C GLU B 471 38.15 -15.89 -40.97
N GLY B 472 37.05 -16.57 -41.28
CA GLY B 472 36.78 -17.03 -42.64
C GLY B 472 36.44 -15.92 -43.61
N LEU B 473 36.43 -14.69 -43.09
CA LEU B 473 36.11 -13.50 -43.87
C LEU B 473 37.35 -12.95 -44.60
N LYS B 474 38.44 -13.71 -44.55
CA LYS B 474 39.66 -13.37 -45.27
C LYS B 474 39.57 -13.82 -46.72
N HIS B 475 38.75 -14.84 -46.96
CA HIS B 475 38.55 -15.39 -48.30
C HIS B 475 37.38 -14.72 -49.03
N VAL B 476 36.90 -13.59 -48.49
CA VAL B 476 35.75 -12.88 -49.04
C VAL B 476 36.14 -11.42 -49.34
N PRO B 477 36.70 -11.21 -50.56
CA PRO B 477 37.36 -9.95 -50.94
C PRO B 477 36.40 -8.77 -51.15
N GLU B 478 35.17 -9.08 -51.57
CA GLU B 478 34.16 -8.06 -51.91
C GLU B 478 33.49 -7.46 -50.66
N SER B 479 33.82 -8.03 -49.50
CA SER B 479 33.31 -7.60 -48.19
C SER B 479 34.13 -6.45 -47.65
N GLN B 480 33.46 -5.34 -47.34
CA GLN B 480 34.13 -4.15 -46.81
C GLN B 480 34.55 -4.27 -45.34
N THR B 481 33.83 -5.08 -44.57
CA THR B 481 34.21 -5.28 -43.17
C THR B 481 35.48 -6.13 -43.09
N GLY B 482 35.54 -7.22 -43.85
CA GLY B 482 36.76 -8.03 -43.98
C GLY B 482 38.03 -7.26 -44.36
N GLN B 483 37.87 -6.27 -45.23
CA GLN B 483 38.98 -5.42 -45.67
C GLN B 483 39.61 -4.65 -44.51
N TYR B 484 38.76 -4.07 -43.66
CA TYR B 484 39.17 -3.31 -42.48
C TYR B 484 39.74 -4.18 -41.38
N LEU B 485 39.26 -5.43 -41.34
CA LEU B 485 39.51 -6.34 -40.22
C LEU B 485 40.65 -7.34 -40.49
N PHE B 486 41.01 -7.55 -41.77
CA PHE B 486 42.05 -8.52 -42.15
C PHE B 486 43.07 -8.06 -43.22
N ALA B 487 42.71 -7.05 -44.02
CA ALA B 487 43.57 -6.58 -45.13
C ALA B 487 44.33 -5.34 -44.71
N ASP B 488 43.86 -4.74 -43.60
CA ASP B 488 44.42 -3.52 -43.02
C ASP B 488 44.13 -2.26 -43.87
N ARG B 489 42.87 -2.15 -44.32
CA ARG B 489 42.38 -0.96 -45.04
C ARG B 489 42.35 0.26 -44.12
N HIS B 490 43.00 1.34 -44.56
CA HIS B 490 43.13 2.56 -43.78
C HIS B 490 43.24 3.80 -44.70
N THR B 491 43.08 4.99 -44.13
CA THR B 491 43.26 6.23 -44.89
C THR B 491 44.76 6.59 -44.94
N GLU B 492 45.10 7.67 -45.63
CA GLU B 492 46.44 8.25 -45.49
C GLU B 492 46.48 9.15 -44.23
N PRO B 493 47.69 9.42 -43.68
CA PRO B 493 47.80 10.32 -42.51
C PRO B 493 47.41 11.77 -42.83
N HIS B 494 46.90 12.47 -41.82
CA HIS B 494 46.30 13.80 -41.97
C HIS B 494 47.21 14.86 -41.36
N THR B 495 47.46 15.95 -42.10
CA THR B 495 48.23 17.03 -41.50
C THR B 495 47.25 18.07 -40.95
N PRO B 496 47.42 18.42 -39.67
CA PRO B 496 46.53 19.30 -38.93
C PRO B 496 46.61 20.75 -39.39
N ARG B 497 45.45 21.38 -39.59
CA ARG B 497 45.36 22.77 -40.00
C ARG B 497 45.64 23.68 -38.81
N GLU B 498 46.07 24.91 -39.11
CA GLU B 498 46.36 25.93 -38.10
C GLU B 498 45.08 26.63 -37.64
N PRO B 499 44.97 26.90 -36.32
CA PRO B 499 43.78 27.61 -35.88
C PRO B 499 43.77 29.07 -36.36
N ALA B 500 42.58 29.53 -36.76
CA ALA B 500 42.35 30.90 -37.12
C ALA B 500 42.22 31.78 -35.86
N GLY B 501 42.12 31.14 -34.70
CA GLY B 501 41.87 31.82 -33.44
C GLY B 501 41.55 30.82 -32.34
N TRP B 502 41.13 31.33 -31.20
CA TRP B 502 40.78 30.48 -30.06
C TRP B 502 39.65 31.14 -29.34
N LEU B 503 38.50 30.48 -29.29
CA LEU B 503 37.43 30.89 -28.39
C LEU B 503 37.63 30.29 -27.00
N GLU B 504 37.47 31.12 -25.97
CA GLU B 504 37.57 30.63 -24.59
C GLU B 504 36.22 30.37 -23.93
N LEU B 505 36.05 29.16 -23.41
CA LEU B 505 34.98 28.84 -22.44
C LEU B 505 35.54 28.69 -21.00
N ASN B 506 35.21 29.65 -20.16
CA ASN B 506 35.84 29.81 -18.85
C ASN B 506 34.85 29.65 -17.70
N GLY B 507 35.38 29.27 -16.53
CA GLY B 507 34.58 29.11 -15.33
C GLY B 507 33.37 28.22 -15.50
N VAL B 508 33.56 27.06 -16.11
CA VAL B 508 32.44 26.16 -16.39
C VAL B 508 32.16 25.20 -15.24
N THR B 509 30.92 25.27 -14.79
CA THR B 509 30.45 24.62 -13.57
C THR B 509 29.09 24.02 -13.91
N ARG B 510 29.10 22.70 -14.10
CA ARG B 510 27.88 21.88 -14.16
C ARG B 510 28.22 20.40 -14.13
N ASN B 511 27.28 19.64 -13.55
CA ASN B 511 27.42 18.21 -13.32
C ASN B 511 28.80 17.87 -12.78
N ASN B 512 29.60 17.30 -13.65
CA ASN B 512 30.91 16.73 -13.39
C ASN B 512 32.02 17.77 -13.16
N LEU B 513 31.78 18.98 -13.66
CA LEU B 513 32.83 19.98 -13.84
C LEU B 513 32.59 21.17 -12.96
N ASP B 514 33.62 21.57 -12.21
CA ASP B 514 33.60 22.83 -11.46
C ASP B 514 34.78 23.72 -11.83
N ASN B 515 34.49 25.00 -11.99
CA ASN B 515 35.40 26.03 -12.50
C ASN B 515 36.48 25.57 -13.51
N LEU B 516 36.05 24.91 -14.58
CA LEU B 516 36.96 24.41 -15.61
C LEU B 516 37.17 25.43 -16.72
N ASP B 517 38.45 25.69 -17.04
CA ASP B 517 38.81 26.57 -18.16
C ASP B 517 39.23 25.80 -19.41
N VAL B 518 38.61 26.12 -20.54
CA VAL B 518 38.83 25.46 -21.83
C VAL B 518 39.02 26.46 -23.02
N ARG B 519 39.83 26.10 -24.03
CA ARG B 519 39.92 26.87 -25.31
C ARG B 519 39.64 25.98 -26.53
N PHE B 520 38.82 26.48 -27.45
CA PHE B 520 38.57 25.76 -28.72
C PHE B 520 39.19 26.54 -29.88
N PRO B 521 39.95 25.88 -30.76
CA PRO B 521 40.57 26.53 -31.90
C PRO B 521 39.57 26.78 -33.04
N LEU B 522 39.56 27.99 -33.58
CA LEU B 522 38.60 28.36 -34.62
C LEU B 522 39.15 27.97 -36.01
N GLY B 523 38.25 27.61 -36.94
CA GLY B 523 38.60 27.41 -38.36
C GLY B 523 39.20 26.06 -38.69
N VAL B 524 38.85 25.07 -37.86
CA VAL B 524 39.57 23.82 -37.72
C VAL B 524 38.51 22.82 -37.26
N MET B 525 38.79 21.51 -37.30
CA MET B 525 37.96 20.50 -36.61
C MET B 525 38.57 19.93 -35.32
N THR B 526 37.84 20.06 -34.21
CA THR B 526 38.25 19.55 -32.90
C THR B 526 37.41 18.32 -32.48
N SER B 527 38.08 17.30 -31.93
CA SER B 527 37.45 16.14 -31.27
C SER B 527 37.59 16.23 -29.74
N VAL B 528 36.46 16.03 -29.05
CA VAL B 528 36.41 16.02 -27.58
C VAL B 528 36.20 14.57 -27.19
N THR B 529 37.17 14.02 -26.47
CA THR B 529 37.24 12.58 -26.25
C THR B 529 37.45 12.29 -24.79
N GLY B 530 37.57 11.01 -24.45
CA GLY B 530 37.64 10.56 -23.07
C GLY B 530 36.59 9.50 -22.74
N VAL B 531 36.67 9.00 -21.52
CA VAL B 531 35.91 7.82 -21.15
C VAL B 531 34.42 8.15 -20.93
N SER B 532 33.57 7.13 -20.96
CA SER B 532 32.12 7.35 -20.86
C SER B 532 31.77 7.85 -19.45
N GLY B 533 30.98 8.92 -19.37
CA GLY B 533 30.73 9.62 -18.11
C GLY B 533 31.78 10.63 -17.66
N SER B 534 32.79 10.88 -18.50
CA SER B 534 33.90 11.78 -18.14
C SER B 534 33.54 13.25 -18.20
N GLY B 535 32.55 13.60 -19.00
CA GLY B 535 32.06 14.99 -19.05
C GLY B 535 31.99 15.64 -20.42
N LYS B 536 32.15 14.86 -21.49
CA LYS B 536 32.23 15.39 -22.86
C LYS B 536 30.95 16.10 -23.32
N SER B 537 29.80 15.42 -23.23
CA SER B 537 28.55 16.10 -23.66
C SER B 537 28.20 17.27 -22.80
N THR B 538 28.40 17.17 -21.50
CA THR B 538 28.16 18.32 -20.60
C THR B 538 28.98 19.56 -21.01
N LEU B 539 30.25 19.35 -21.35
CA LEU B 539 31.12 20.45 -21.84
C LEU B 539 30.68 21.01 -23.17
N VAL B 540 30.32 20.12 -24.09
CA VAL B 540 30.11 20.51 -25.46
C VAL B 540 28.64 20.71 -25.76
N SER B 541 27.85 19.66 -25.61
CA SER B 541 26.44 19.68 -25.99
C SER B 541 25.64 20.61 -25.08
N GLN B 542 26.09 20.70 -23.82
CA GLN B 542 25.39 21.45 -22.76
C GLN B 542 26.00 22.83 -22.48
N ALA B 543 27.22 22.89 -21.93
CA ALA B 543 27.80 24.20 -21.55
C ALA B 543 28.16 25.08 -22.74
N LEU B 544 28.91 24.52 -23.69
CA LEU B 544 29.35 25.30 -24.85
C LEU B 544 28.17 25.82 -25.67
N VAL B 545 27.22 24.95 -25.94
CA VAL B 545 26.03 25.25 -26.74
C VAL B 545 25.14 26.28 -26.03
N ASP B 546 24.96 26.13 -24.72
CA ASP B 546 24.14 27.03 -23.93
C ASP B 546 24.76 28.42 -23.88
N ALA B 547 26.08 28.47 -23.70
CA ALA B 547 26.79 29.75 -23.64
C ALA B 547 26.82 30.46 -25.00
N LEU B 548 26.87 29.71 -26.08
CA LEU B 548 26.88 30.29 -27.42
C LEU B 548 25.53 30.83 -27.86
N ALA B 549 24.47 30.06 -27.64
CA ALA B 549 23.11 30.46 -27.99
C ALA B 549 22.66 31.71 -27.24
N ALA B 550 23.23 31.92 -26.05
CA ALA B 550 22.98 33.11 -25.26
C ALA B 550 23.70 34.34 -25.81
N HIS B 551 24.98 34.16 -26.20
CA HIS B 551 25.78 35.23 -26.82
C HIS B 551 25.19 35.76 -28.13
N PHE B 552 24.61 34.86 -28.94
CA PHE B 552 23.85 35.27 -30.13
C PHE B 552 22.37 35.46 -29.74
N GLY B 553 21.55 35.90 -30.69
CA GLY B 553 20.12 36.10 -30.42
C GLY B 553 19.39 34.85 -29.93
N GLN B 554 19.69 33.72 -30.58
CA GLN B 554 18.96 32.45 -30.44
C GLN B 554 18.85 31.91 -29.03
N GLY B 572 23.70 25.43 -14.61
CA GLY B 572 25.05 25.53 -15.16
C GLY B 572 25.52 26.95 -15.43
N SER B 573 26.84 27.14 -15.42
CA SER B 573 27.43 28.45 -15.73
C SER B 573 28.78 28.31 -16.43
N ALA B 574 29.03 29.20 -17.38
CA ALA B 574 30.31 29.34 -18.07
C ALA B 574 30.33 30.67 -18.82
N ARG B 575 31.51 31.28 -18.93
CA ARG B 575 31.63 32.53 -19.70
C ARG B 575 32.57 32.41 -20.88
N LEU B 576 32.17 32.99 -22.01
CA LEU B 576 33.00 32.92 -23.20
C LEU B 576 33.83 34.18 -23.42
N GLY B 577 34.66 34.12 -24.45
CA GLY B 577 35.46 35.27 -24.82
C GLY B 577 36.92 34.98 -25.10
N GLY B 578 37.18 34.35 -26.23
CA GLY B 578 38.52 34.51 -26.84
C GLY B 578 38.37 35.45 -28.02
N ASP B 579 38.45 34.88 -29.21
CA ASP B 579 38.25 35.61 -30.46
C ASP B 579 36.80 35.49 -30.94
N LEU B 580 35.87 35.90 -30.06
CA LEU B 580 34.43 35.92 -30.32
C LEU B 580 34.00 36.72 -31.55
N ALA B 581 34.85 37.66 -31.95
CA ALA B 581 34.60 38.53 -33.09
C ALA B 581 34.55 37.76 -34.42
N GLN B 582 35.05 36.53 -34.42
CA GLN B 582 35.22 35.75 -35.65
C GLN B 582 34.10 34.75 -35.94
N ILE B 583 33.16 34.60 -35.01
CA ILE B 583 31.99 33.75 -35.20
C ILE B 583 30.69 34.53 -35.13
N THR B 584 29.69 34.08 -35.91
CA THR B 584 28.43 34.79 -36.09
C THR B 584 27.21 33.90 -35.79
N ARG B 585 27.36 32.60 -36.05
CA ARG B 585 26.26 31.64 -35.91
C ARG B 585 26.69 30.38 -35.19
N LEU B 586 25.72 29.77 -34.52
CA LEU B 586 25.85 28.43 -33.96
C LEU B 586 24.83 27.53 -34.63
N VAL B 587 25.26 26.35 -35.02
CA VAL B 587 24.33 25.28 -35.35
C VAL B 587 24.77 23.93 -34.75
N ARG B 588 23.88 23.30 -34.00
CA ARG B 588 24.12 21.97 -33.47
C ARG B 588 23.39 20.94 -34.30
N VAL B 589 24.05 19.82 -34.55
CA VAL B 589 23.46 18.71 -35.30
C VAL B 589 23.46 17.46 -34.40
N ASP B 590 22.27 17.07 -33.97
CA ASP B 590 22.07 15.95 -33.04
C ASP B 590 21.45 14.67 -33.65
N GLN B 591 21.51 13.57 -32.89
CA GLN B 591 20.91 12.26 -33.26
C GLN B 591 19.37 12.22 -33.23
N LYS B 592 18.76 13.21 -32.58
CA LYS B 592 17.29 13.36 -32.49
C LYS B 592 16.59 13.33 -33.85
N PRO B 593 15.39 12.70 -33.93
CA PRO B 593 14.71 12.45 -35.21
C PRO B 593 14.36 13.74 -35.96
N ILE B 594 14.23 13.68 -37.28
CA ILE B 594 13.86 14.89 -38.05
C ILE B 594 12.41 15.34 -37.77
N GLY B 595 11.59 14.42 -37.27
CA GLY B 595 10.22 14.70 -36.83
C GLY B 595 9.66 13.49 -36.09
N ARG B 596 8.54 13.67 -35.39
CA ARG B 596 8.00 12.58 -34.56
C ARG B 596 6.78 11.81 -35.06
N THR B 597 6.24 12.23 -36.21
CA THR B 597 5.13 11.54 -36.86
C THR B 597 5.48 11.29 -38.32
N PRO B 598 4.71 10.42 -39.01
CA PRO B 598 4.87 10.23 -40.46
C PRO B 598 4.66 11.49 -41.31
N ARG B 599 4.01 12.52 -40.75
CA ARG B 599 3.90 13.84 -41.40
C ARG B 599 5.23 14.40 -41.93
N SER B 600 6.29 14.20 -41.16
CA SER B 600 7.63 14.68 -41.49
C SER B 600 8.39 13.65 -42.32
N ASN B 601 9.05 14.14 -43.38
CA ASN B 601 10.00 13.35 -44.15
C ASN B 601 11.17 14.20 -44.63
N MET B 602 12.05 13.58 -45.40
CA MET B 602 13.25 14.22 -45.94
C MET B 602 12.93 15.30 -46.97
N ALA B 603 11.88 15.07 -47.77
CA ALA B 603 11.49 16.00 -48.82
C ALA B 603 11.06 17.34 -48.24
N THR B 604 10.16 17.26 -47.25
CA THR B 604 9.59 18.43 -46.63
C THR B 604 10.56 19.17 -45.68
N TYR B 605 11.56 18.43 -45.17
CA TYR B 605 12.57 18.94 -44.23
C TYR B 605 13.58 19.86 -44.90
N THR B 606 14.13 19.38 -46.02
CA THR B 606 15.07 20.15 -46.84
C THR B 606 14.32 21.29 -47.48
N GLY B 607 13.07 21.04 -47.85
CA GLY B 607 12.22 22.06 -48.44
C GLY B 607 12.09 21.91 -49.94
N LEU B 608 12.70 20.86 -50.50
CA LEU B 608 12.66 20.59 -51.94
C LEU B 608 11.24 20.36 -52.48
N PHE B 609 10.29 20.11 -51.57
CA PHE B 609 8.89 19.91 -51.91
C PHE B 609 8.20 21.18 -52.42
N ASP B 610 8.75 22.34 -52.05
CA ASP B 610 8.28 23.64 -52.53
C ASP B 610 8.32 23.76 -54.05
N GLN B 611 9.38 23.21 -54.64
CA GLN B 611 9.59 23.28 -56.08
C GLN B 611 8.84 22.17 -56.80
N VAL B 612 8.62 21.06 -56.09
CA VAL B 612 7.85 19.94 -56.64
C VAL B 612 6.36 20.32 -56.73
N ARG B 613 5.81 20.82 -55.63
CA ARG B 613 4.43 21.30 -55.60
C ARG B 613 4.18 22.43 -56.61
N LYS B 614 5.22 23.22 -56.89
CA LYS B 614 5.12 24.31 -57.86
C LYS B 614 5.25 23.83 -59.31
N LEU B 615 5.94 22.70 -59.49
CA LEU B 615 6.05 22.04 -60.79
C LEU B 615 4.73 21.36 -61.15
N PHE B 616 3.98 20.93 -60.14
CA PHE B 616 2.65 20.39 -60.32
C PHE B 616 1.63 21.52 -60.53
N ALA B 617 2.08 22.76 -60.37
CA ALA B 617 1.27 23.92 -60.73
C ALA B 617 1.58 24.35 -62.16
N ALA B 618 2.58 23.71 -62.76
CA ALA B 618 3.02 23.98 -64.14
C ALA B 618 2.39 23.04 -65.17
N THR B 619 1.72 21.99 -64.68
CA THR B 619 1.04 21.03 -65.56
C THR B 619 -0.26 21.63 -66.11
N PRO B 620 -0.47 21.50 -67.45
CA PRO B 620 -1.69 21.99 -68.12
C PRO B 620 -3.00 21.39 -67.60
N LEU B 621 -2.90 20.22 -66.95
CA LEU B 621 -4.05 19.58 -66.30
C LEU B 621 -4.49 20.37 -65.07
N ALA B 622 -3.51 20.96 -64.38
CA ALA B 622 -3.77 21.82 -63.23
C ALA B 622 -4.28 23.21 -63.65
N LYS B 623 -4.46 23.40 -64.94
CA LYS B 623 -5.03 24.63 -65.49
C LYS B 623 -6.49 24.44 -65.88
N LYS B 624 -6.90 23.20 -66.17
CA LYS B 624 -8.29 22.91 -66.49
C LYS B 624 -9.15 23.05 -65.23
N ARG B 625 -8.64 22.53 -64.11
CA ARG B 625 -9.19 22.83 -62.79
C ARG B 625 -8.33 23.92 -62.16
N GLY B 626 -8.89 24.65 -61.19
CA GLY B 626 -8.17 25.74 -60.55
C GLY B 626 -7.17 25.29 -59.51
N TYR B 627 -6.44 24.22 -59.82
CA TYR B 627 -5.51 23.58 -58.88
C TYR B 627 -4.41 24.53 -58.41
N ASN B 628 -4.62 25.06 -57.21
CA ASN B 628 -3.70 25.98 -56.57
C ASN B 628 -2.51 25.21 -56.03
N ALA B 629 -1.30 25.73 -56.28
CA ALA B 629 -0.09 25.17 -55.67
C ALA B 629 -0.27 25.21 -54.16
N GLY B 630 -0.80 24.11 -53.63
CA GLY B 630 -1.35 24.06 -52.29
C GLY B 630 -2.42 22.99 -52.22
N ARG B 631 -2.73 22.41 -53.37
CA ARG B 631 -3.51 21.17 -53.42
C ARG B 631 -2.59 19.97 -53.29
N PHE B 632 -1.31 20.19 -53.60
CA PHE B 632 -0.30 19.14 -53.61
C PHE B 632 0.44 19.05 -52.27
N SER B 633 0.07 19.94 -51.35
CA SER B 633 0.55 19.90 -49.97
C SER B 633 -0.34 18.98 -49.15
N PHE B 634 0.27 18.09 -48.39
CA PHE B 634 -0.47 17.20 -47.51
C PHE B 634 -0.69 17.82 -46.12
N ASN B 635 -0.15 19.04 -45.96
CA ASN B 635 -0.19 19.79 -44.71
C ASN B 635 -1.34 20.81 -44.64
N VAL B 636 -2.06 20.98 -45.74
CA VAL B 636 -3.20 21.91 -45.78
C VAL B 636 -4.44 21.24 -46.38
N LYS B 637 -5.61 21.60 -45.84
CA LYS B 637 -6.90 21.04 -46.27
C LYS B 637 -7.18 21.28 -47.76
N GLY B 638 -7.86 20.32 -48.38
CA GLY B 638 -8.17 20.39 -49.82
C GLY B 638 -7.81 19.12 -50.58
N GLY B 639 -6.59 19.08 -51.12
CA GLY B 639 -6.14 17.98 -51.96
C GLY B 639 -5.55 16.76 -51.25
N ARG B 640 -5.58 16.77 -49.92
CA ARG B 640 -5.09 15.66 -49.11
C ARG B 640 -6.20 14.66 -48.75
N CYS B 641 -5.80 13.49 -48.27
CA CYS B 641 -6.73 12.47 -47.75
C CYS B 641 -7.35 12.93 -46.43
N GLU B 642 -8.58 12.51 -46.17
CA GLU B 642 -9.32 13.00 -45.00
C GLU B 642 -9.69 11.91 -43.98
N HIS B 643 -8.79 10.95 -43.80
CA HIS B 643 -8.86 10.01 -42.69
C HIS B 643 -7.58 10.15 -41.87
N CYS B 644 -6.49 10.46 -42.56
CA CYS B 644 -5.17 10.63 -41.96
C CYS B 644 -4.72 12.09 -41.98
N GLN B 645 -5.53 12.92 -42.63
CA GLN B 645 -5.21 14.33 -42.94
C GLN B 645 -3.82 14.59 -43.55
N GLY B 646 -3.36 13.67 -44.40
CA GLY B 646 -2.09 13.84 -45.10
C GLY B 646 -0.90 13.14 -44.48
N GLU B 647 -1.10 12.50 -43.33
CA GLU B 647 -0.02 11.71 -42.71
C GLU B 647 0.23 10.48 -43.55
N GLY B 648 -0.83 9.96 -44.17
CA GLY B 648 -0.76 8.76 -44.99
C GLY B 648 -0.68 7.49 -44.16
N TRP B 649 -0.70 7.66 -42.83
CA TRP B 649 -0.53 6.57 -41.87
C TRP B 649 -1.39 6.83 -40.64
N VAL B 650 -1.74 5.76 -39.91
CA VAL B 650 -2.63 5.87 -38.75
C VAL B 650 -2.13 5.09 -37.54
N MET B 651 -2.36 5.66 -36.36
CA MET B 651 -1.96 5.04 -35.10
C MET B 651 -2.84 3.82 -34.81
N VAL B 652 -2.23 2.75 -34.32
CA VAL B 652 -2.96 1.53 -33.97
C VAL B 652 -2.55 0.99 -32.60
N PRO B 658 3.57 -1.40 -26.81
CA PRO B 658 4.07 -0.20 -27.47
C PRO B 658 3.22 0.19 -28.68
N SER B 659 3.50 1.37 -29.23
CA SER B 659 2.71 1.90 -30.34
C SER B 659 3.47 1.84 -31.67
N VAL B 660 2.78 1.32 -32.70
CA VAL B 660 3.33 1.16 -34.06
C VAL B 660 2.38 1.77 -35.11
N TYR B 661 2.89 2.10 -36.29
CA TYR B 661 2.07 2.73 -37.33
C TYR B 661 1.55 1.75 -38.39
N ALA B 662 0.42 2.11 -38.99
CA ALA B 662 -0.26 1.30 -40.01
C ALA B 662 -0.59 2.14 -41.25
N PRO B 663 -0.81 1.49 -42.41
CA PRO B 663 -1.25 2.23 -43.59
C PRO B 663 -2.69 2.72 -43.46
N CYS B 664 -2.98 3.88 -44.06
CA CYS B 664 -4.30 4.53 -43.98
C CYS B 664 -5.43 3.69 -44.60
N PRO B 665 -6.58 3.57 -43.90
CA PRO B 665 -7.72 2.83 -44.45
C PRO B 665 -8.31 3.44 -45.73
N VAL B 666 -8.12 4.74 -45.94
CA VAL B 666 -8.75 5.44 -47.06
C VAL B 666 -7.82 5.70 -48.27
N CYS B 667 -6.73 6.44 -48.04
CA CYS B 667 -5.77 6.74 -49.12
C CYS B 667 -4.78 5.60 -49.38
N HIS B 668 -4.79 4.61 -48.49
CA HIS B 668 -3.98 3.39 -48.61
C HIS B 668 -2.48 3.65 -48.73
N GLY B 669 -1.93 4.33 -47.73
CA GLY B 669 -0.53 4.74 -47.74
C GLY B 669 -0.18 5.57 -48.96
N THR B 670 -0.70 6.80 -49.01
CA THR B 670 -0.53 7.67 -50.19
C THR B 670 -0.57 9.16 -49.82
N ARG B 671 -1.46 9.51 -48.90
CA ARG B 671 -1.67 10.88 -48.39
C ARG B 671 -2.76 11.67 -49.14
N TYR B 672 -3.04 11.28 -50.39
CA TYR B 672 -3.87 12.11 -51.28
C TYR B 672 -5.17 11.46 -51.74
N ASN B 673 -6.15 12.32 -52.07
CA ASN B 673 -7.44 11.88 -52.59
C ASN B 673 -7.36 11.48 -54.07
N ALA B 674 -8.46 10.93 -54.59
CA ALA B 674 -8.52 10.44 -55.97
C ALA B 674 -8.36 11.54 -57.02
N GLU B 675 -8.82 12.75 -56.71
CA GLU B 675 -8.81 13.87 -57.65
C GLU B 675 -7.39 14.39 -57.96
N THR B 676 -6.59 14.58 -56.90
CA THR B 676 -5.20 15.06 -57.03
C THR B 676 -4.31 14.09 -57.82
N LEU B 677 -4.51 12.80 -57.59
CA LEU B 677 -3.71 11.77 -58.27
C LEU B 677 -4.20 11.45 -59.68
N GLU B 678 -4.92 12.39 -60.28
CA GLU B 678 -5.28 12.34 -61.70
C GLU B 678 -4.39 13.31 -62.49
N VAL B 679 -3.47 13.96 -61.78
CA VAL B 679 -2.50 14.86 -62.38
C VAL B 679 -1.10 14.24 -62.27
N GLU B 680 -0.45 14.05 -63.41
CA GLU B 680 0.89 13.45 -63.46
C GLU B 680 1.90 14.44 -64.02
N TYR B 681 3.10 14.46 -63.42
CA TYR B 681 4.23 15.18 -63.98
C TYR B 681 5.20 14.19 -64.63
N ARG B 682 5.20 14.18 -65.97
CA ARG B 682 6.07 13.30 -66.77
C ARG B 682 6.01 11.80 -66.23
N GLY B 683 4.61 11.32 -66.50
CA GLY B 683 4.29 9.95 -66.12
C GLY B 683 4.53 9.64 -64.66
N LYS B 684 4.56 10.68 -63.83
CA LYS B 684 4.78 10.55 -62.39
C LYS B 684 3.78 11.39 -61.59
N ASN B 685 3.00 10.73 -60.75
CA ASN B 685 2.08 11.41 -59.83
C ASN B 685 2.87 12.10 -58.71
N ILE B 686 2.16 12.89 -57.89
CA ILE B 686 2.76 13.48 -56.69
C ILE B 686 3.15 12.41 -55.65
N ALA B 687 2.39 11.30 -55.60
CA ALA B 687 2.72 10.16 -54.76
C ALA B 687 3.88 9.36 -55.32
N ASP B 688 3.88 9.17 -56.65
CA ASP B 688 4.94 8.46 -57.36
C ASP B 688 6.30 9.07 -57.09
N VAL B 689 6.40 10.40 -57.17
CA VAL B 689 7.66 11.11 -56.91
C VAL B 689 8.11 10.98 -55.45
N LEU B 690 7.15 10.81 -54.55
CA LEU B 690 7.46 10.60 -53.12
C LEU B 690 8.00 9.19 -52.89
N ALA B 691 7.58 8.26 -53.75
CA ALA B 691 8.12 6.91 -53.72
C ALA B 691 9.52 6.83 -54.36
N LEU B 692 10.02 7.99 -54.81
CA LEU B 692 11.32 8.05 -55.46
C LEU B 692 12.47 8.06 -54.45
N THR B 693 13.34 7.05 -54.60
CA THR B 693 14.66 7.00 -53.99
C THR B 693 15.42 8.28 -54.37
N VAL B 694 16.34 8.74 -53.51
CA VAL B 694 17.11 9.96 -53.86
C VAL B 694 17.91 9.77 -55.18
N ASP B 695 18.59 8.64 -55.30
CA ASP B 695 19.39 8.32 -56.49
C ASP B 695 18.57 8.39 -57.79
N GLU B 696 17.32 7.92 -57.73
CA GLU B 696 16.38 7.98 -58.86
C GLU B 696 15.90 9.40 -59.12
N ALA B 697 15.52 10.12 -58.06
CA ALA B 697 15.05 11.51 -58.19
C ALA B 697 16.14 12.41 -58.75
N HIS B 698 17.40 12.06 -58.46
CA HIS B 698 18.59 12.73 -59.01
C HIS B 698 18.67 12.62 -60.53
N ASP B 699 18.20 11.49 -61.07
CA ASP B 699 18.15 11.26 -62.52
C ASP B 699 16.93 11.93 -63.13
N PHE B 700 15.79 11.79 -62.45
CA PHE B 700 14.51 12.31 -62.91
C PHE B 700 14.42 13.85 -62.85
N PHE B 701 15.20 14.46 -61.94
CA PHE B 701 15.17 15.93 -61.77
C PHE B 701 16.48 16.59 -62.19
N ALA B 702 17.14 16.01 -63.20
CA ALA B 702 18.45 16.47 -63.67
C ALA B 702 18.44 17.90 -64.26
N ASP B 703 17.28 18.56 -64.23
CA ASP B 703 17.12 19.88 -64.86
C ASP B 703 16.49 20.92 -63.92
N GLU B 704 15.82 20.45 -62.87
CA GLU B 704 15.21 21.35 -61.91
C GLU B 704 16.24 21.71 -60.83
N SER B 705 17.06 22.73 -61.12
CA SER B 705 18.22 23.11 -60.24
C SER B 705 17.89 23.14 -58.72
N ALA B 706 16.76 23.87 -58.40
CA ALA B 706 16.38 24.01 -56.98
C ALA B 706 16.03 22.66 -56.32
N ILE B 707 15.88 21.61 -57.13
CA ILE B 707 15.74 20.26 -56.57
C ILE B 707 17.05 19.44 -56.71
N PHE B 708 17.64 19.43 -57.91
CA PHE B 708 18.86 18.66 -58.18
C PHE B 708 19.99 18.91 -57.16
N ARG B 709 20.27 20.18 -56.93
CA ARG B 709 21.34 20.61 -56.01
C ARG B 709 21.14 20.03 -54.61
N ALA B 710 19.89 20.05 -54.15
CA ALA B 710 19.53 19.53 -52.83
C ALA B 710 19.62 18.00 -52.77
N LEU B 711 19.27 17.34 -53.87
CA LEU B 711 19.35 15.88 -53.94
C LEU B 711 20.80 15.41 -53.95
N ASP B 712 21.67 16.27 -54.48
CA ASP B 712 23.08 15.98 -54.60
C ASP B 712 23.84 16.09 -53.27
N THR B 713 23.30 16.84 -52.30
CA THR B 713 23.90 16.89 -50.96
C THR B 713 23.59 15.63 -50.20
N LEU B 714 22.33 15.19 -50.31
CA LEU B 714 21.84 13.95 -49.69
C LEU B 714 22.59 12.71 -50.18
N ARG B 715 23.01 12.71 -51.44
CA ARG B 715 23.83 11.64 -52.00
C ARG B 715 25.26 11.67 -51.46
N GLU B 716 25.84 12.87 -51.38
CA GLU B 716 27.19 13.09 -50.84
C GLU B 716 27.26 12.56 -49.41
N VAL B 717 26.22 12.86 -48.65
CA VAL B 717 26.06 12.40 -47.28
C VAL B 717 25.83 10.89 -47.20
N GLY B 718 25.28 10.32 -48.27
CA GLY B 718 25.15 8.87 -48.37
C GLY B 718 23.73 8.33 -48.32
N LEU B 719 22.75 9.22 -48.43
CA LEU B 719 21.34 8.87 -48.22
C LEU B 719 20.57 8.69 -49.54
N GLY B 720 21.27 8.21 -50.56
CA GLY B 720 20.65 7.95 -51.87
C GLY B 720 19.63 6.82 -51.88
N TYR B 721 19.64 6.01 -50.82
CA TYR B 721 18.75 4.84 -50.69
C TYR B 721 17.38 5.15 -50.05
N LEU B 722 17.26 6.33 -49.46
CA LEU B 722 16.03 6.75 -48.79
C LEU B 722 15.01 7.32 -49.78
N ARG B 723 13.74 6.93 -49.61
CA ARG B 723 12.63 7.51 -50.39
C ARG B 723 12.30 8.91 -49.93
N LEU B 724 11.97 9.77 -50.90
CA LEU B 724 11.66 11.18 -50.64
C LEU B 724 10.66 11.43 -49.51
N GLY B 725 9.60 10.64 -49.44
CA GLY B 725 8.55 10.84 -48.43
C GLY B 725 8.46 9.75 -47.39
N GLN B 726 9.59 9.07 -47.14
CA GLN B 726 9.66 8.03 -46.15
C GLN B 726 9.42 8.64 -44.77
N PRO B 727 8.34 8.20 -44.08
CA PRO B 727 7.99 8.72 -42.76
C PRO B 727 9.22 8.93 -41.89
N ALA B 728 9.21 9.99 -41.08
CA ALA B 728 10.33 10.31 -40.20
C ALA B 728 10.60 9.18 -39.20
N THR B 729 9.58 8.35 -39.01
CA THR B 729 9.53 7.28 -38.01
C THR B 729 10.13 5.95 -38.51
N GLU B 730 10.63 5.96 -39.74
CA GLU B 730 11.27 4.80 -40.36
C GLU B 730 12.78 4.98 -40.39
N LEU B 731 13.23 6.17 -40.02
CA LEU B 731 14.63 6.58 -40.02
C LEU B 731 15.37 6.23 -38.74
N SER B 732 16.65 5.91 -38.86
CA SER B 732 17.46 5.37 -37.77
C SER B 732 17.96 6.37 -36.70
N GLY B 733 18.30 7.60 -37.09
CA GLY B 733 18.95 8.49 -36.10
C GLY B 733 20.33 8.92 -36.58
N GLY B 734 21.17 7.94 -36.90
CA GLY B 734 22.35 8.15 -37.77
C GLY B 734 21.94 8.72 -39.12
N GLU B 735 20.83 8.22 -39.67
CA GLU B 735 20.18 8.74 -40.90
C GLU B 735 19.60 10.16 -40.74
N ALA B 736 18.83 10.42 -39.68
CA ALA B 736 18.32 11.77 -39.36
C ALA B 736 19.42 12.82 -39.17
N GLN B 737 20.52 12.41 -38.54
CA GLN B 737 21.67 13.29 -38.33
C GLN B 737 22.26 13.73 -39.69
N ARG B 738 22.43 12.79 -40.59
CA ARG B 738 22.96 13.10 -41.93
C ARG B 738 22.03 13.95 -42.80
N ILE B 739 20.71 13.82 -42.62
CA ILE B 739 19.73 14.74 -43.24
C ILE B 739 19.88 16.19 -42.71
N LYS B 740 20.28 16.31 -41.45
CA LYS B 740 20.46 17.62 -40.83
C LYS B 740 21.72 18.23 -41.41
N LEU B 741 22.81 17.46 -41.33
CA LEU B 741 24.10 17.84 -41.89
C LEU B 741 23.98 18.24 -43.36
N ALA B 742 23.19 17.50 -44.13
CA ALA B 742 23.00 17.81 -45.57
C ALA B 742 22.26 19.13 -45.81
N THR B 743 21.41 19.54 -44.87
CA THR B 743 20.70 20.81 -44.97
C THR B 743 21.68 21.96 -44.72
N GLU B 744 22.69 21.70 -43.89
CA GLU B 744 23.71 22.69 -43.55
C GLU B 744 24.77 22.91 -44.63
N LEU B 745 25.18 21.83 -45.30
CA LEU B 745 26.29 21.85 -46.28
C LEU B 745 26.25 22.99 -47.30
N ARG B 746 25.06 23.48 -47.64
CA ARG B 746 24.98 24.54 -48.65
C ARG B 746 24.66 25.93 -48.08
N ARG B 747 24.08 25.96 -46.90
CA ARG B 747 23.92 27.22 -46.16
C ARG B 747 25.26 27.59 -45.47
N SER B 748 26.16 26.60 -45.36
CA SER B 748 27.52 26.83 -44.87
C SER B 748 28.26 27.63 -45.92
N GLY B 749 27.82 27.47 -47.17
CA GLY B 749 28.32 28.17 -48.34
C GLY B 749 29.48 29.06 -47.97
N ARG B 750 29.17 30.30 -47.58
CA ARG B 750 30.17 31.23 -47.10
C ARG B 750 29.68 31.90 -45.79
N GLY B 751 30.61 32.12 -44.85
CA GLY B 751 30.28 32.67 -43.53
C GLY B 751 31.00 32.01 -42.36
N GLY B 752 30.73 32.46 -41.14
CA GLY B 752 31.47 32.06 -39.95
C GLY B 752 30.61 31.43 -38.86
N THR B 753 30.31 30.14 -39.03
CA THR B 753 29.44 29.40 -38.13
C THR B 753 30.20 28.29 -37.41
N VAL B 754 29.90 28.13 -36.13
CA VAL B 754 30.44 27.00 -35.36
C VAL B 754 29.41 25.88 -35.32
N TYR B 755 29.82 24.70 -35.79
CA TYR B 755 28.98 23.50 -35.77
C TYR B 755 29.39 22.61 -34.63
N VAL B 756 28.43 22.30 -33.76
CA VAL B 756 28.66 21.30 -32.72
C VAL B 756 27.87 20.03 -33.03
N LEU B 757 28.58 18.92 -33.02
CA LEU B 757 28.06 17.66 -33.44
C LEU B 757 28.37 16.63 -32.35
N ASP B 758 27.37 15.86 -31.93
CA ASP B 758 27.62 14.73 -31.03
C ASP B 758 27.70 13.41 -31.78
N GLU B 759 28.93 12.89 -31.95
CA GLU B 759 29.18 11.64 -32.66
C GLU B 759 28.58 11.61 -34.05
N PRO B 760 29.22 12.31 -34.99
CA PRO B 760 28.72 12.41 -36.37
C PRO B 760 28.65 11.04 -37.06
N THR B 761 29.34 10.05 -36.47
CA THR B 761 29.41 8.69 -37.01
C THR B 761 28.58 7.75 -36.16
N THR B 762 27.27 7.96 -36.13
CA THR B 762 26.39 7.19 -35.25
C THR B 762 26.16 5.74 -35.75
N GLY B 763 25.44 5.57 -36.85
CA GLY B 763 25.16 4.21 -37.34
C GLY B 763 25.98 3.90 -38.58
N LEU B 764 27.26 4.26 -38.52
CA LEU B 764 28.14 4.28 -39.68
C LEU B 764 29.20 3.20 -39.62
N HIS B 765 29.39 2.50 -40.73
CA HIS B 765 30.46 1.54 -40.90
C HIS B 765 31.79 2.32 -41.08
N PRO B 766 32.94 1.71 -40.72
CA PRO B 766 34.25 2.32 -41.01
C PRO B 766 34.47 2.89 -42.42
N ALA B 767 33.78 2.33 -43.40
CA ALA B 767 33.85 2.80 -44.77
C ALA B 767 32.91 3.97 -45.01
N ASP B 768 31.90 4.09 -44.15
CA ASP B 768 30.95 5.19 -44.24
C ASP B 768 31.54 6.46 -43.60
N VAL B 769 32.36 6.30 -42.56
CA VAL B 769 32.92 7.46 -41.86
C VAL B 769 34.01 8.18 -42.66
N GLU B 770 34.69 7.46 -43.53
CA GLU B 770 35.73 8.04 -44.38
C GLU B 770 35.13 9.07 -45.34
N ARG B 771 33.88 8.82 -45.74
CA ARG B 771 33.18 9.73 -46.63
C ARG B 771 32.36 10.78 -45.91
N LEU B 772 32.25 10.66 -44.59
CA LEU B 772 31.59 11.68 -43.80
C LEU B 772 32.62 12.72 -43.40
N GLN B 773 33.85 12.27 -43.14
CA GLN B 773 35.00 13.15 -42.91
C GLN B 773 35.07 14.22 -43.98
N ARG B 774 34.95 13.79 -45.24
CA ARG B 774 34.95 14.65 -46.42
C ARG B 774 33.95 15.79 -46.34
N GLN B 775 32.76 15.50 -45.83
CA GLN B 775 31.72 16.52 -45.70
C GLN B 775 32.08 17.46 -44.57
N LEU B 776 32.77 16.94 -43.56
CA LEU B 776 33.17 17.78 -42.41
C LEU B 776 34.28 18.71 -42.83
N VAL B 777 35.21 18.17 -43.63
CA VAL B 777 36.33 18.94 -44.19
C VAL B 777 35.70 20.01 -45.05
N LYS B 778 34.72 19.62 -45.85
CA LYS B 778 33.98 20.52 -46.71
C LYS B 778 33.53 21.81 -45.98
N LEU B 779 32.97 21.72 -44.79
CA LEU B 779 32.50 22.98 -44.17
C LEU B 779 33.57 23.79 -43.42
N VAL B 780 34.72 23.16 -43.19
CA VAL B 780 35.94 23.84 -42.74
C VAL B 780 36.58 24.64 -43.89
N ASP B 781 36.56 24.09 -45.10
CA ASP B 781 37.09 24.76 -46.29
C ASP B 781 36.32 26.05 -46.57
N ALA B 782 35.08 26.09 -46.08
CA ALA B 782 34.22 27.25 -46.24
C ALA B 782 34.45 28.24 -45.11
N GLY B 783 35.46 27.97 -44.28
CA GLY B 783 35.88 28.89 -43.24
C GLY B 783 35.02 28.79 -42.00
N ASN B 784 34.60 27.57 -41.67
CA ASN B 784 33.81 27.31 -40.45
C ASN B 784 34.62 26.59 -39.39
N THR B 785 33.95 26.26 -38.29
CA THR B 785 34.57 25.56 -37.18
C THR B 785 33.64 24.43 -36.79
N VAL B 786 34.15 23.20 -36.75
CA VAL B 786 33.36 22.07 -36.29
C VAL B 786 33.93 21.38 -35.05
N ILE B 787 33.06 21.23 -34.05
CA ILE B 787 33.38 20.63 -32.75
C ILE B 787 32.53 19.39 -32.54
N ALA B 788 33.18 18.23 -32.44
CA ALA B 788 32.50 16.94 -32.35
C ALA B 788 32.92 16.16 -31.12
N VAL B 789 31.95 15.72 -30.31
CA VAL B 789 32.22 14.74 -29.22
C VAL B 789 32.30 13.35 -29.81
N GLU B 790 33.45 12.71 -29.63
CA GLU B 790 33.83 11.54 -30.42
C GLU B 790 34.28 10.36 -29.57
N HIS B 791 33.90 9.15 -29.99
CA HIS B 791 34.28 7.92 -29.30
C HIS B 791 35.15 6.97 -30.17
N LYS B 792 35.16 7.15 -31.48
CA LYS B 792 35.96 6.31 -32.38
C LYS B 792 37.25 7.01 -32.80
N MET B 793 38.38 6.37 -32.52
CA MET B 793 39.72 6.91 -32.82
C MET B 793 40.02 6.96 -34.32
N GLN B 794 39.07 6.48 -35.14
CA GLN B 794 39.15 6.60 -36.59
C GLN B 794 39.00 8.06 -37.03
N VAL B 795 38.10 8.78 -36.37
CA VAL B 795 37.87 10.16 -36.74
C VAL B 795 38.77 11.12 -35.97
N VAL B 796 39.11 10.75 -34.74
CA VAL B 796 40.02 11.53 -33.91
C VAL B 796 41.39 11.70 -34.59
N ALA B 797 41.81 10.66 -35.32
CA ALA B 797 43.05 10.70 -36.06
C ALA B 797 42.98 11.72 -37.20
N ALA B 798 41.78 11.94 -37.71
CA ALA B 798 41.56 12.90 -38.80
C ALA B 798 41.27 14.34 -38.34
N SER B 799 41.51 14.61 -37.06
CA SER B 799 41.19 15.92 -36.51
C SER B 799 42.39 16.84 -36.53
N ASP B 800 42.13 18.14 -36.36
CA ASP B 800 43.21 19.12 -36.27
C ASP B 800 43.55 19.40 -34.81
N TRP B 801 42.69 18.98 -33.89
CA TRP B 801 42.85 19.24 -32.44
C TRP B 801 42.01 18.26 -31.62
N VAL B 802 42.51 17.90 -30.44
CA VAL B 802 41.80 17.01 -29.52
C VAL B 802 41.80 17.60 -28.10
N LEU B 803 40.65 17.52 -27.45
CA LEU B 803 40.51 17.83 -26.01
C LEU B 803 40.15 16.54 -25.27
N ASP B 804 41.06 16.06 -24.42
CA ASP B 804 40.86 14.80 -23.72
C ASP B 804 40.35 14.97 -22.30
N ILE B 805 39.14 14.48 -22.04
CA ILE B 805 38.48 14.83 -20.77
C ILE B 805 38.47 13.73 -19.72
N GLY B 806 38.71 14.18 -18.48
CA GLY B 806 38.58 13.44 -17.21
C GLY B 806 39.51 12.26 -17.18
N PRO B 807 40.22 12.04 -16.06
CA PRO B 807 40.98 10.79 -16.03
C PRO B 807 40.04 9.63 -16.28
N GLY B 808 39.00 9.52 -15.43
CA GLY B 808 37.95 8.52 -15.63
C GLY B 808 36.53 9.10 -15.68
N ALA B 809 35.57 8.30 -15.24
CA ALA B 809 34.15 8.64 -15.24
C ALA B 809 33.71 9.38 -13.98
N GLY B 810 32.70 10.23 -14.11
CA GLY B 810 32.08 10.90 -13.00
C GLY B 810 33.02 11.65 -12.07
N GLU B 811 33.01 11.26 -10.80
CA GLU B 811 33.79 11.97 -9.80
C GLU B 811 35.27 11.70 -9.96
N ASP B 812 35.60 10.63 -10.68
CA ASP B 812 36.96 10.36 -11.10
C ASP B 812 37.30 11.07 -12.42
N GLY B 813 36.41 11.96 -12.89
CA GLY B 813 36.59 12.66 -14.16
C GLY B 813 36.47 14.18 -14.13
N GLY B 814 36.07 14.74 -15.28
CA GLY B 814 35.75 16.17 -15.41
C GLY B 814 36.92 17.15 -15.51
N ARG B 815 38.11 16.61 -15.77
CA ARG B 815 39.31 17.44 -15.91
CA ARG B 815 39.34 17.40 -15.90
C ARG B 815 39.81 17.36 -17.34
N LEU B 816 40.57 18.37 -17.77
CA LEU B 816 41.17 18.40 -19.10
C LEU B 816 42.53 17.74 -18.96
N VAL B 817 42.62 16.45 -19.29
CA VAL B 817 43.87 15.70 -19.11
C VAL B 817 44.90 15.88 -20.25
N ALA B 818 44.40 16.20 -21.46
CA ALA B 818 45.27 16.37 -22.63
C ALA B 818 44.64 17.25 -23.71
N GLN B 819 45.48 17.98 -24.42
CA GLN B 819 45.06 18.85 -25.54
C GLN B 819 46.17 19.00 -26.55
N GLY B 820 45.80 19.05 -27.82
CA GLY B 820 46.77 19.20 -28.91
C GLY B 820 46.30 18.54 -30.20
N THR B 821 47.15 18.58 -31.21
CA THR B 821 46.94 17.78 -32.40
C THR B 821 46.87 16.32 -31.93
N PRO B 822 46.24 15.44 -32.74
CA PRO B 822 46.23 14.02 -32.39
C PRO B 822 47.61 13.45 -32.09
N ALA B 823 48.61 13.73 -32.91
CA ALA B 823 49.98 13.30 -32.64
C ALA B 823 50.49 13.73 -31.27
N GLU B 824 50.19 14.97 -30.88
CA GLU B 824 50.59 15.51 -29.59
C GLU B 824 49.96 14.75 -28.42
N VAL B 825 48.67 14.47 -28.51
CA VAL B 825 47.91 13.72 -27.49
C VAL B 825 48.20 12.20 -27.50
N ALA B 826 48.48 11.66 -28.69
CA ALA B 826 48.89 10.27 -28.80
C ALA B 826 50.06 9.98 -27.85
N GLN B 827 50.82 11.02 -27.50
CA GLN B 827 52.01 10.86 -26.66
C GLN B 827 51.84 11.29 -25.18
N ALA B 828 50.63 11.68 -24.78
CA ALA B 828 50.33 12.11 -23.41
C ALA B 828 50.43 10.95 -22.42
N ALA B 829 51.00 11.20 -21.25
CA ALA B 829 51.27 10.16 -20.24
C ALA B 829 50.02 9.70 -19.46
N GLY B 830 49.32 10.63 -18.82
CA GLY B 830 48.17 10.32 -17.96
C GLY B 830 46.84 10.08 -18.67
N SER B 831 46.86 10.13 -20.00
CA SER B 831 45.68 9.94 -20.83
C SER B 831 45.41 8.47 -21.09
N VAL B 832 44.17 8.04 -20.85
CA VAL B 832 43.76 6.66 -21.15
C VAL B 832 43.45 6.38 -22.64
N THR B 833 43.16 7.43 -23.40
CA THR B 833 42.84 7.26 -24.81
C THR B 833 44.09 7.27 -25.71
N ALA B 834 45.21 7.70 -25.13
CA ALA B 834 46.46 7.91 -25.87
C ALA B 834 46.96 6.68 -26.61
N PRO B 835 47.11 5.52 -25.92
CA PRO B 835 47.52 4.25 -26.56
C PRO B 835 46.69 3.86 -27.78
N TYR B 836 45.37 4.04 -27.69
CA TYR B 836 44.46 3.70 -28.79
C TYR B 836 44.58 4.69 -29.95
N LEU B 837 44.70 5.98 -29.63
CA LEU B 837 44.91 7.01 -30.63
C LEU B 837 46.26 6.80 -31.32
N ARG B 838 47.30 6.51 -30.54
CA ARG B 838 48.62 6.19 -31.07
C ARG B 838 48.57 5.04 -32.07
N ALA B 839 47.90 3.96 -31.71
CA ALA B 839 47.74 2.80 -32.58
C ALA B 839 46.95 3.15 -33.84
N ALA B 840 45.88 3.92 -33.66
CA ALA B 840 45.06 4.40 -34.78
C ALA B 840 45.84 5.29 -35.73
N LEU B 841 46.97 5.82 -35.24
CA LEU B 841 47.90 6.62 -36.07
C LEU B 841 49.02 5.77 -36.73
N ARG B 842 48.65 4.61 -37.25
CA ARG B 842 49.54 3.78 -38.08
C ARG B 842 48.78 3.25 -39.32
N PHE C 10 -30.78 10.92 31.01
CA PHE C 10 -31.04 12.30 31.53
C PHE C 10 -32.31 12.94 30.93
N PRO C 11 -33.42 12.91 31.69
CA PRO C 11 -34.67 13.55 31.30
C PRO C 11 -34.61 15.08 31.39
N ASP C 12 -35.56 15.65 32.13
CA ASP C 12 -35.63 17.08 32.44
C ASP C 12 -36.10 17.22 33.89
N GLY C 13 -35.18 17.60 34.76
CA GLY C 13 -35.41 17.53 36.21
C GLY C 13 -34.48 16.50 36.83
N GLY C 14 -33.49 16.06 36.05
CA GLY C 14 -32.47 15.13 36.51
C GLY C 14 -31.10 15.75 36.49
N PHE C 15 -31.06 17.09 36.51
CA PHE C 15 -29.83 17.88 36.48
C PHE C 15 -29.54 18.56 37.82
N VAL C 16 -28.27 18.53 38.23
CA VAL C 16 -27.78 19.43 39.27
C VAL C 16 -27.56 20.79 38.60
N GLN C 17 -27.85 21.88 39.30
CA GLN C 17 -27.85 23.22 38.69
C GLN C 17 -27.02 24.24 39.48
N VAL C 18 -25.82 24.55 38.96
CA VAL C 18 -24.91 25.53 39.58
C VAL C 18 -25.14 26.95 39.04
N ARG C 19 -25.19 27.93 39.94
CA ARG C 19 -25.31 29.33 39.57
C ARG C 19 -24.39 30.20 40.41
N GLY C 20 -23.67 31.12 39.77
CA GLY C 20 -22.78 32.08 40.45
C GLY C 20 -21.51 31.52 41.07
N ALA C 21 -20.86 30.58 40.38
CA ALA C 21 -19.68 29.88 40.91
C ALA C 21 -18.34 30.65 40.71
N ARG C 22 -17.74 31.05 41.84
CA ARG C 22 -16.57 31.93 41.84
C ARG C 22 -15.30 31.39 42.52
N GLN C 23 -15.32 30.13 42.96
CA GLN C 23 -14.20 29.59 43.73
C GLN C 23 -12.90 29.65 42.92
N HIS C 24 -11.83 30.17 43.53
CA HIS C 24 -10.52 30.32 42.89
C HIS C 24 -10.58 31.18 41.61
N ASN C 25 -10.24 30.60 40.45
CA ASN C 25 -10.21 31.32 39.17
C ASN C 25 -11.50 31.24 38.33
N LEU C 26 -12.49 30.51 38.83
CA LEU C 26 -13.81 30.40 38.18
C LEU C 26 -14.45 31.76 37.90
N LYS C 27 -14.86 31.94 36.64
CA LYS C 27 -15.38 33.23 36.16
C LYS C 27 -16.90 33.50 36.37
N ASP C 28 -17.37 33.34 37.61
CA ASP C 28 -18.78 33.59 38.00
C ASP C 28 -19.73 32.75 37.13
N ILE C 29 -19.48 31.45 37.12
CA ILE C 29 -20.06 30.56 36.08
C ILE C 29 -21.36 29.85 36.47
N SER C 30 -22.06 29.37 35.46
CA SER C 30 -23.28 28.58 35.67
C SER C 30 -23.16 27.31 34.84
N VAL C 31 -23.39 26.15 35.46
CA VAL C 31 -23.36 24.87 34.77
C VAL C 31 -24.56 24.01 35.20
N LYS C 32 -24.99 23.13 34.29
CA LYS C 32 -25.90 22.05 34.64
C LYS C 32 -25.19 20.74 34.31
N VAL C 33 -25.28 19.78 35.22
CA VAL C 33 -24.74 18.43 35.00
C VAL C 33 -25.77 17.37 35.38
N PRO C 34 -25.89 16.29 34.56
CA PRO C 34 -26.89 15.28 34.87
C PRO C 34 -26.52 14.36 36.03
N ARG C 35 -27.52 14.10 36.87
CA ARG C 35 -27.49 13.07 37.91
C ARG C 35 -27.55 11.69 37.25
N ASP C 36 -27.27 10.64 38.02
CA ASP C 36 -27.39 9.25 37.57
C ASP C 36 -26.62 8.97 36.26
N ALA C 37 -25.39 9.48 36.16
CA ALA C 37 -24.58 9.32 34.94
C ALA C 37 -23.09 9.33 35.27
N LEU C 38 -22.27 8.87 34.31
CA LEU C 38 -20.82 9.13 34.31
C LEU C 38 -20.55 10.51 33.68
N VAL C 39 -20.33 11.50 34.55
CA VAL C 39 -19.96 12.88 34.19
C VAL C 39 -18.46 13.04 34.38
N VAL C 40 -17.82 13.68 33.39
CA VAL C 40 -16.37 13.86 33.32
C VAL C 40 -16.00 15.37 33.23
N PHE C 41 -15.07 15.79 34.07
CA PHE C 41 -14.59 17.16 34.13
C PHE C 41 -13.22 17.30 33.48
N THR C 42 -13.22 17.98 32.34
CA THR C 42 -12.06 18.07 31.47
C THR C 42 -11.43 19.46 31.41
N GLY C 43 -10.17 19.50 30.99
CA GLY C 43 -9.43 20.74 30.96
C GLY C 43 -7.95 20.57 31.29
N VAL C 44 -7.22 21.63 30.98
CA VAL C 44 -5.79 21.79 31.14
C VAL C 44 -5.54 21.94 32.66
N SER C 45 -4.36 21.62 33.16
CA SER C 45 -4.15 21.77 34.60
C SER C 45 -4.17 23.26 34.86
N GLY C 46 -4.84 23.63 35.96
CA GLY C 46 -4.95 25.02 36.36
C GLY C 46 -6.17 25.65 35.79
N SER C 47 -6.91 24.93 34.94
CA SER C 47 -8.11 25.46 34.26
C SER C 47 -9.28 25.84 35.20
N GLY C 48 -9.52 25.02 36.23
CA GLY C 48 -10.56 25.29 37.22
C GLY C 48 -11.43 24.06 37.46
N LYS C 49 -11.11 22.98 36.77
CA LYS C 49 -11.89 21.75 36.87
C LYS C 49 -11.92 21.12 38.26
N SER C 50 -10.81 21.14 39.00
CA SER C 50 -10.85 20.69 40.39
C SER C 50 -11.61 21.66 41.29
N SER C 51 -11.49 22.96 41.01
CA SER C 51 -12.17 23.99 41.77
C SER C 51 -13.69 23.88 41.64
N LEU C 52 -14.18 23.27 40.58
CA LEU C 52 -15.62 23.05 40.39
C LEU C 52 -16.12 21.77 41.04
N ALA C 53 -15.57 20.65 40.62
CA ALA C 53 -15.98 19.33 41.08
C ALA C 53 -15.81 19.17 42.59
N PHE C 54 -14.67 19.63 43.13
CA PHE C 54 -14.35 19.52 44.57
C PHE C 54 -14.55 20.82 45.33
N GLY C 55 -14.03 21.93 44.80
CA GLY C 55 -14.05 23.20 45.52
C GLY C 55 -15.44 23.79 45.66
N THR C 56 -16.33 23.49 44.70
CA THR C 56 -17.73 23.93 44.81
C THR C 56 -18.72 22.78 45.03
N LEU C 57 -18.73 21.78 44.16
CA LEU C 57 -19.75 20.73 44.21
C LEU C 57 -19.58 19.77 45.38
N TYR C 58 -18.38 19.19 45.50
CA TYR C 58 -18.10 18.31 46.63
C TYR C 58 -18.21 19.07 47.96
N ALA C 59 -17.60 20.25 48.05
CA ALA C 59 -17.54 20.99 49.30
C ALA C 59 -18.91 21.51 49.78
N GLU C 60 -19.80 21.82 48.84
CA GLU C 60 -21.13 22.33 49.19
C GLU C 60 -22.03 21.21 49.71
N ALA C 61 -21.94 20.04 49.07
CA ALA C 61 -22.70 18.84 49.48
C ALA C 61 -22.46 18.41 50.91
N GLN C 62 -21.21 18.56 51.34
CA GLN C 62 -20.76 18.12 52.65
C GLN C 62 -21.11 19.13 53.71
N ARG C 63 -20.88 20.40 53.42
CA ARG C 63 -21.32 21.51 54.28
C ARG C 63 -22.80 21.36 54.62
N ARG C 64 -23.63 21.31 53.58
CA ARG C 64 -25.08 21.17 53.71
C ARG C 64 -25.49 19.96 54.54
N TYR C 65 -24.83 18.83 54.32
CA TYR C 65 -25.15 17.61 55.01
C TYR C 65 -24.69 17.64 56.47
N LEU C 66 -23.42 17.98 56.70
CA LEU C 66 -22.89 17.99 58.07
C LEU C 66 -23.60 19.00 58.99
N GLU C 67 -23.96 20.17 58.47
CA GLU C 67 -24.71 21.17 59.25
C GLU C 67 -26.16 20.81 59.56
N SER C 68 -26.67 19.78 58.90
CA SER C 68 -28.00 19.27 59.17
C SER C 68 -27.94 18.16 60.22
N VAL C 69 -26.95 17.27 60.04
CA VAL C 69 -26.71 16.10 60.87
C VAL C 69 -26.08 16.48 62.21
N SER C 70 -25.62 17.72 62.32
CA SER C 70 -25.17 18.30 63.57
C SER C 70 -25.27 19.82 63.48
N PRO C 71 -26.47 20.35 63.73
CA PRO C 71 -26.70 21.79 63.57
C PRO C 71 -25.99 22.63 64.63
N TYR C 72 -25.70 22.01 65.78
CA TYR C 72 -24.97 22.65 66.86
C TYR C 72 -23.48 22.69 66.53
N ALA C 73 -22.85 21.52 66.50
CA ALA C 73 -21.39 21.38 66.43
C ALA C 73 -20.81 21.63 65.04
N ARG C 74 -21.27 20.89 64.04
CA ARG C 74 -20.67 20.97 62.70
C ARG C 74 -21.09 22.22 61.91
N ARG C 75 -21.32 23.32 62.63
CA ARG C 75 -21.58 24.61 62.00
C ARG C 75 -20.30 25.45 62.06
N LEU C 76 -19.68 25.50 63.24
CA LEU C 76 -18.48 26.30 63.48
C LEU C 76 -17.32 25.98 62.53
N PHE C 77 -17.15 24.68 62.22
CA PHE C 77 -16.07 24.18 61.34
C PHE C 77 -15.70 25.12 60.19
N ASN C 78 -16.71 25.84 59.70
CA ASN C 78 -16.61 26.75 58.57
C ASN C 78 -15.50 27.80 58.62
N GLN C 79 -14.58 27.66 59.59
CA GLN C 79 -13.32 28.42 59.61
C GLN C 79 -12.51 28.10 58.36
N ALA C 80 -12.67 26.88 57.87
CA ALA C 80 -12.14 26.45 56.58
C ALA C 80 -12.67 27.30 55.41
N GLY C 81 -13.66 28.15 55.69
CA GLY C 81 -14.34 28.93 54.66
C GLY C 81 -15.52 28.18 54.10
N VAL C 82 -16.29 28.84 53.26
CA VAL C 82 -17.43 28.25 52.58
C VAL C 82 -17.16 28.42 51.06
N PRO C 83 -17.64 27.47 50.21
CA PRO C 83 -17.50 27.70 48.77
C PRO C 83 -18.16 28.99 48.30
N ASP C 84 -17.52 29.69 47.36
CA ASP C 84 -18.04 30.93 46.81
C ASP C 84 -18.93 30.62 45.60
N VAL C 85 -20.20 30.38 45.90
CA VAL C 85 -21.22 30.01 44.93
C VAL C 85 -22.58 30.61 45.36
N ASP C 86 -23.39 31.04 44.40
CA ASP C 86 -24.65 31.71 44.69
C ASP C 86 -25.77 30.73 45.02
N ALA C 87 -25.95 29.73 44.17
CA ALA C 87 -26.92 28.67 44.44
C ALA C 87 -26.42 27.35 43.86
N ILE C 88 -26.77 26.25 44.52
CA ILE C 88 -26.65 24.92 43.91
C ILE C 88 -27.92 24.13 44.20
N ASP C 89 -28.63 23.75 43.14
CA ASP C 89 -29.88 23.02 43.27
C ASP C 89 -29.83 21.59 42.67
N GLY C 90 -30.60 20.67 43.25
CA GLY C 90 -30.65 19.28 42.80
C GLY C 90 -29.41 18.46 43.07
N LEU C 91 -28.67 18.80 44.12
CA LEU C 91 -27.37 18.20 44.49
C LEU C 91 -27.43 17.22 45.66
N PRO C 92 -27.22 15.93 45.39
CA PRO C 92 -27.34 14.95 46.45
C PRO C 92 -26.09 14.90 47.36
N PRO C 93 -26.19 14.21 48.53
CA PRO C 93 -25.05 13.93 49.38
C PRO C 93 -23.87 13.38 48.57
N ALA C 94 -22.64 13.68 48.99
CA ALA C 94 -21.43 13.32 48.22
C ALA C 94 -20.39 12.51 48.97
N VAL C 95 -19.63 11.70 48.22
CA VAL C 95 -18.48 10.94 48.75
C VAL C 95 -17.27 11.06 47.80
N ALA C 96 -16.14 11.44 48.37
CA ALA C 96 -14.90 11.51 47.63
C ALA C 96 -14.11 10.25 47.93
N LEU C 97 -13.56 9.63 46.89
CA LEU C 97 -12.74 8.40 47.04
C LEU C 97 -11.23 8.64 47.21
N GLN C 98 -10.83 9.91 47.28
CA GLN C 98 -9.44 10.31 47.53
C GLN C 98 -9.42 11.45 48.55
N GLN C 99 -8.57 11.33 49.56
CA GLN C 99 -8.38 12.38 50.57
C GLN C 99 -7.92 13.70 49.91
N ALA C 100 -8.37 14.82 50.47
CA ALA C 100 -8.05 16.16 49.95
C ALA C 100 -6.54 16.41 49.95
N ARG C 101 -6.03 17.16 48.96
CA ARG C 101 -4.59 17.45 48.92
C ARG C 101 -4.15 18.25 50.12
N GLY C 102 -2.94 17.94 50.60
CA GLY C 102 -2.36 18.58 51.77
C GLY C 102 -2.57 17.78 53.06
N THR C 103 -3.40 16.74 52.98
CA THR C 103 -3.70 15.90 54.15
C THR C 103 -2.70 14.75 54.25
N PRO C 104 -2.25 14.45 55.49
CA PRO C 104 -1.41 13.27 55.70
C PRO C 104 -2.11 11.97 55.28
N THR C 105 -1.38 11.15 54.53
CA THR C 105 -1.80 9.80 54.14
C THR C 105 -1.87 8.90 55.39
N ALA C 106 -3.08 8.62 55.87
CA ALA C 106 -3.29 7.86 57.12
C ALA C 106 -2.64 6.47 57.08
N ARG C 107 -2.14 6.02 58.22
CA ARG C 107 -1.38 4.77 58.28
C ARG C 107 -2.30 3.54 58.36
N SER C 108 -2.41 2.83 57.23
CA SER C 108 -3.33 1.71 57.09
C SER C 108 -2.75 0.56 56.25
N SER C 109 -3.55 -0.50 56.08
CA SER C 109 -3.22 -1.68 55.29
C SER C 109 -4.30 -1.95 54.22
N VAL C 110 -3.94 -2.70 53.18
CA VAL C 110 -4.89 -3.14 52.14
C VAL C 110 -6.08 -3.94 52.73
N GLY C 111 -5.77 -4.97 53.53
CA GLY C 111 -6.78 -5.78 54.19
C GLY C 111 -7.81 -5.03 55.02
N SER C 112 -7.45 -3.85 55.52
CA SER C 112 -8.34 -3.09 56.41
C SER C 112 -9.19 -2.11 55.62
N VAL C 113 -8.57 -1.46 54.64
CA VAL C 113 -9.25 -0.59 53.68
C VAL C 113 -10.41 -1.32 52.98
N THR C 114 -10.15 -2.55 52.54
CA THR C 114 -11.11 -3.34 51.77
C THR C 114 -12.13 -4.08 52.64
N THR C 115 -12.00 -3.92 53.97
CA THR C 115 -12.83 -4.57 55.00
C THR C 115 -12.51 -6.06 55.17
N LEU C 116 -11.56 -6.56 54.40
CA LEU C 116 -11.35 -8.01 54.28
C LEU C 116 -10.65 -8.65 55.47
N SER C 117 -9.81 -7.89 56.17
CA SER C 117 -9.12 -8.36 57.37
C SER C 117 -10.08 -8.65 58.52
N ASN C 118 -11.12 -7.82 58.64
CA ASN C 118 -12.21 -8.06 59.60
C ASN C 118 -12.83 -9.44 59.37
N LEU C 119 -13.13 -9.75 58.11
CA LEU C 119 -13.90 -10.94 57.76
C LEU C 119 -13.12 -12.24 57.82
N LEU C 120 -11.78 -12.16 57.83
CA LEU C 120 -10.98 -13.37 58.05
C LEU C 120 -10.58 -13.62 59.51
N ARG C 121 -10.47 -12.54 60.30
CA ARG C 121 -10.38 -12.65 61.76
C ARG C 121 -11.64 -13.34 62.27
N MET C 122 -12.74 -13.08 61.57
CA MET C 122 -14.05 -13.60 61.89
C MET C 122 -14.11 -15.05 61.46
N LEU C 123 -13.57 -15.32 60.27
CA LEU C 123 -13.42 -16.67 59.75
C LEU C 123 -12.57 -17.56 60.67
N TYR C 124 -11.43 -17.04 61.12
CA TYR C 124 -10.58 -17.76 62.09
C TYR C 124 -11.27 -17.94 63.45
N SER C 125 -12.16 -17.01 63.80
CA SER C 125 -12.89 -17.05 65.08
C SER C 125 -13.79 -18.28 65.21
N ARG C 126 -14.67 -18.50 64.22
CA ARG C 126 -15.65 -19.59 64.23
C ARG C 126 -15.16 -20.90 63.63
N ALA C 127 -14.74 -20.85 62.36
CA ALA C 127 -14.06 -21.96 61.71
C ALA C 127 -12.58 -21.94 62.12
N GLY C 128 -11.81 -22.87 61.58
CA GLY C 128 -10.38 -22.89 61.88
C GLY C 128 -10.00 -24.09 62.72
N ASP C 129 -8.69 -24.40 62.69
CA ASP C 129 -8.18 -25.58 63.38
C ASP C 129 -7.46 -25.19 64.67
N TYR C 130 -8.20 -25.33 65.78
CA TYR C 130 -7.70 -25.05 67.11
C TYR C 130 -6.82 -26.21 67.55
N PRO C 131 -5.84 -25.96 68.44
CA PRO C 131 -5.11 -27.07 69.04
C PRO C 131 -6.07 -27.99 69.81
N PRO C 132 -5.84 -29.31 69.75
CA PRO C 132 -6.72 -30.27 70.43
C PRO C 132 -7.15 -29.81 71.82
N GLY C 133 -8.48 -29.91 72.08
CA GLY C 133 -9.08 -29.61 73.39
C GLY C 133 -8.76 -28.24 73.99
N GLN C 134 -8.73 -27.20 73.13
CA GLN C 134 -8.38 -25.85 73.59
C GLN C 134 -9.53 -24.82 73.42
N GLY C 135 -8.98 -23.40 74.14
CA GLY C 135 -10.00 -22.33 74.42
C GLY C 135 -10.42 -21.62 73.10
N ILE C 136 -11.55 -20.91 73.20
CA ILE C 136 -12.11 -20.16 72.05
C ILE C 136 -11.42 -18.79 71.94
N VAL C 137 -11.12 -18.39 70.71
CA VAL C 137 -10.64 -17.03 70.45
C VAL C 137 -11.59 -16.39 69.45
N TYR C 138 -12.32 -15.36 69.90
CA TYR C 138 -13.27 -14.67 69.03
C TYR C 138 -12.63 -13.55 68.23
N ALA C 139 -13.41 -12.94 67.34
CA ALA C 139 -12.93 -11.82 66.51
C ALA C 139 -12.44 -10.69 67.40
N GLU C 140 -11.48 -9.92 66.89
CA GLU C 140 -10.80 -8.86 67.64
C GLU C 140 -9.72 -9.42 68.58
N GLY C 141 -9.79 -10.72 68.85
CA GLY C 141 -8.68 -11.44 69.46
C GLY C 141 -7.64 -11.79 68.40
N PHE C 142 -7.89 -11.32 67.18
CA PHE C 142 -7.04 -11.59 66.03
C PHE C 142 -6.48 -10.30 65.42
N SER C 143 -6.83 -9.17 66.03
CA SER C 143 -6.33 -7.86 65.64
C SER C 143 -5.18 -7.46 66.57
N PRO C 144 -4.09 -6.89 66.00
CA PRO C 144 -3.05 -6.36 66.87
C PRO C 144 -3.40 -4.97 67.43
N ASN C 145 -4.50 -4.38 66.97
CA ASN C 145 -4.91 -3.03 67.38
C ASN C 145 -6.02 -3.01 68.44
N THR C 146 -6.60 -4.19 68.70
CA THR C 146 -7.56 -4.39 69.79
C THR C 146 -6.85 -5.12 70.94
N PRO C 147 -6.93 -4.57 72.18
CA PRO C 147 -6.28 -5.14 73.38
C PRO C 147 -6.76 -6.54 73.81
N GLU C 148 -7.24 -7.33 72.86
CA GLU C 148 -7.60 -8.71 73.14
C GLU C 148 -6.73 -9.67 72.30
N GLY C 149 -5.89 -9.12 71.44
CA GLY C 149 -5.15 -9.93 70.46
C GLY C 149 -3.64 -9.84 70.39
N ALA C 150 -3.08 -8.74 70.87
CA ALA C 150 -1.64 -8.45 70.74
C ALA C 150 -0.79 -9.03 71.87
N CYS C 151 0.45 -9.41 71.56
CA CYS C 151 1.32 -10.04 72.56
C CYS C 151 1.77 -9.03 73.61
N PRO C 152 1.89 -9.47 74.88
CA PRO C 152 2.29 -8.62 76.01
C PRO C 152 3.55 -7.77 75.78
N GLU C 153 4.57 -8.37 75.17
CA GLU C 153 5.90 -7.74 75.03
C GLU C 153 5.94 -6.46 74.19
N CYS C 154 5.62 -6.57 72.92
CA CYS C 154 5.69 -5.46 71.96
C CYS C 154 4.39 -4.65 71.88
N HIS C 155 3.44 -4.97 72.76
CA HIS C 155 2.10 -4.36 72.80
C HIS C 155 1.30 -4.59 71.51
N GLY C 156 1.88 -5.37 70.58
CA GLY C 156 1.28 -5.64 69.28
C GLY C 156 1.93 -4.89 68.12
N LEU C 157 3.24 -4.68 68.22
CA LEU C 157 4.04 -4.01 67.18
C LEU C 157 5.02 -4.94 66.48
N GLY C 158 5.24 -6.13 67.04
CA GLY C 158 6.21 -7.07 66.49
C GLY C 158 7.65 -6.75 66.87
N ARG C 159 7.86 -5.64 67.58
CA ARG C 159 9.21 -5.20 67.96
C ARG C 159 9.28 -4.57 69.35
N VAL C 160 10.32 -4.95 70.09
CA VAL C 160 10.67 -4.29 71.35
C VAL C 160 11.65 -3.16 71.06
N TYR C 161 11.44 -2.01 71.70
CA TYR C 161 12.30 -0.86 71.47
C TYR C 161 12.98 -0.40 72.76
N THR C 162 14.20 0.13 72.62
CA THR C 162 14.99 0.57 73.77
C THR C 162 15.72 1.90 73.52
N VAL C 163 15.97 2.63 74.61
CA VAL C 163 16.81 3.82 74.57
C VAL C 163 18.03 3.65 75.47
N THR C 164 19.20 3.89 74.89
CA THR C 164 20.48 3.82 75.62
C THR C 164 21.19 5.17 75.60
N GLU C 165 22.47 5.20 75.99
CA GLU C 165 23.27 6.42 75.93
C GLU C 165 23.79 6.71 74.51
N ASP C 166 24.24 5.67 73.82
CA ASP C 166 24.83 5.81 72.47
C ASP C 166 23.77 6.09 71.41
N SER C 167 22.54 5.65 71.69
CA SER C 167 21.41 5.91 70.81
C SER C 167 20.84 7.33 71.02
N MET C 168 20.84 7.79 72.28
CA MET C 168 20.31 9.12 72.62
C MET C 168 21.35 10.26 72.59
N VAL C 169 22.63 9.91 72.71
CA VAL C 169 23.76 10.85 72.57
C VAL C 169 24.83 10.26 71.63
N PRO C 170 24.60 10.33 70.30
CA PRO C 170 25.50 9.76 69.26
C PRO C 170 26.88 10.40 69.17
N ASP C 171 26.98 11.68 69.53
CA ASP C 171 28.27 12.37 69.61
C ASP C 171 28.44 12.95 71.02
N PRO C 172 29.18 12.24 71.90
CA PRO C 172 29.45 12.67 73.28
C PRO C 172 30.55 13.74 73.40
N SER C 173 31.10 14.16 72.26
CA SER C 173 32.07 15.28 72.19
C SER C 173 31.36 16.65 72.25
N LEU C 174 30.06 16.62 72.00
CA LEU C 174 29.21 17.79 72.04
C LEU C 174 28.86 18.25 73.45
N THR C 175 28.44 19.50 73.51
CA THR C 175 28.09 20.23 74.69
C THR C 175 26.57 20.18 74.78
N ILE C 176 26.01 20.19 76.00
CA ILE C 176 24.54 20.22 76.19
C ILE C 176 23.91 21.44 75.49
N ARG C 177 24.61 22.57 75.49
CA ARG C 177 24.17 23.73 74.71
C ARG C 177 24.27 23.50 73.20
N GLU C 178 25.24 22.67 72.77
CA GLU C 178 25.42 22.31 71.36
C GLU C 178 24.53 21.11 71.00
N ARG C 179 23.59 20.82 71.90
CA ARG C 179 22.56 19.79 71.75
C ARG C 179 23.03 18.33 71.77
N ALA C 180 23.88 17.98 72.76
CA ALA C 180 24.45 16.63 72.86
C ALA C 180 23.38 15.55 72.95
N VAL C 181 22.35 15.82 73.75
CA VAL C 181 21.22 14.92 73.84
C VAL C 181 20.25 15.32 72.72
N ALA C 182 20.52 14.73 71.55
CA ALA C 182 19.80 15.00 70.31
C ALA C 182 18.39 14.40 70.38
N ALA C 183 18.21 13.55 71.38
CA ALA C 183 16.98 12.80 71.58
C ALA C 183 15.79 13.61 72.09
N TRP C 184 15.95 14.91 72.32
CA TRP C 184 14.78 15.75 72.63
C TRP C 184 14.47 16.86 71.64
N PRO C 185 13.31 17.55 71.79
CA PRO C 185 12.69 18.36 70.72
C PRO C 185 13.64 19.37 70.03
N GLN C 186 13.27 19.80 68.83
CA GLN C 186 14.22 20.47 67.93
C GLN C 186 14.37 21.98 68.08
N ALA C 187 13.28 22.67 68.38
CA ALA C 187 13.37 24.10 68.57
C ALA C 187 13.28 24.42 70.07
N TRP C 188 12.30 25.25 70.45
CA TRP C 188 12.11 25.69 71.82
C TRP C 188 12.10 24.57 72.85
N GLY C 189 11.50 23.42 72.50
CA GLY C 189 11.40 22.29 73.41
C GLY C 189 12.74 21.78 73.92
N GLY C 190 13.70 21.65 73.01
CA GLY C 190 15.06 21.25 73.36
C GLY C 190 15.81 22.31 74.13
N GLN C 191 15.65 23.56 73.73
CA GLN C 191 16.29 24.68 74.42
C GLN C 191 15.73 24.87 75.85
N ASN C 192 14.42 24.66 76.01
CA ASN C 192 13.73 24.72 77.31
C ASN C 192 14.36 23.79 78.36
N GLN C 193 14.68 22.56 77.95
CA GLN C 193 15.29 21.57 78.84
C GLN C 193 16.78 21.85 79.15
N ARG C 194 17.40 22.74 78.37
CA ARG C 194 18.77 23.17 78.63
C ARG C 194 18.80 24.29 79.68
N ASP C 195 17.83 25.21 79.57
CA ASP C 195 17.72 26.31 80.52
C ASP C 195 17.20 25.84 81.88
N ILE C 196 16.44 24.74 81.90
CA ILE C 196 16.08 24.09 83.17
C ILE C 196 17.36 23.60 83.86
N LEU C 197 18.27 22.99 83.09
CA LEU C 197 19.51 22.46 83.64
C LEU C 197 20.47 23.50 84.24
N VAL C 198 20.54 24.71 83.68
CA VAL C 198 21.44 25.75 84.22
C VAL C 198 20.85 26.36 85.50
N THR C 199 19.53 26.33 85.60
CA THR C 199 18.83 26.66 86.84
C THR C 199 19.15 25.62 87.92
N LEU C 200 19.24 24.35 87.52
CA LEU C 200 19.55 23.25 88.45
C LEU C 200 21.03 23.20 88.84
N GLY C 201 21.87 23.96 88.13
CA GLY C 201 23.29 24.02 88.43
C GLY C 201 24.14 22.98 87.70
N ILE C 202 23.68 22.57 86.52
CA ILE C 202 24.41 21.62 85.67
C ILE C 202 25.19 22.36 84.57
N ASP C 203 26.45 21.98 84.35
CA ASP C 203 27.28 22.65 83.33
C ASP C 203 26.87 22.25 81.90
N VAL C 204 26.44 23.25 81.13
CA VAL C 204 25.94 23.00 79.78
C VAL C 204 26.92 23.41 78.68
N ASP C 205 27.96 24.18 79.02
CA ASP C 205 28.99 24.54 78.04
C ASP C 205 30.27 23.71 78.23
N VAL C 206 30.08 22.46 78.64
CA VAL C 206 31.17 21.50 78.75
C VAL C 206 30.82 20.16 78.04
N PRO C 207 31.77 19.57 77.27
CA PRO C 207 31.55 18.31 76.55
C PRO C 207 30.85 17.25 77.38
N TRP C 208 29.87 16.57 76.78
CA TRP C 208 29.05 15.55 77.47
C TRP C 208 29.89 14.43 78.10
N ARG C 209 30.85 13.88 77.34
CA ARG C 209 31.74 12.80 77.83
C ARG C 209 32.53 13.09 79.13
N GLU C 210 32.56 14.36 79.56
CA GLU C 210 33.32 14.70 80.76
C GLU C 210 32.49 15.18 81.96
N LEU C 211 31.18 15.10 81.84
CA LEU C 211 30.27 15.23 82.99
C LEU C 211 30.27 13.92 83.81
N PRO C 212 30.13 14.03 85.15
CA PRO C 212 30.05 12.84 86.01
C PRO C 212 28.99 11.83 85.54
N GLU C 213 29.22 10.55 85.81
CA GLU C 213 28.30 9.48 85.39
C GLU C 213 26.93 9.64 86.05
N GLU C 214 26.96 10.16 87.29
CA GLU C 214 25.78 10.52 88.07
C GLU C 214 24.88 11.51 87.32
N THR C 215 25.47 12.62 86.88
CA THR C 215 24.78 13.67 86.14
C THR C 215 24.16 13.14 84.84
N ARG C 216 24.90 12.28 84.14
CA ARG C 216 24.49 11.83 82.81
C ARG C 216 23.39 10.78 82.88
N HIS C 217 23.48 9.87 83.86
CA HIS C 217 22.43 8.88 84.09
C HIS C 217 21.11 9.55 84.46
N TRP C 218 21.21 10.59 85.30
CA TRP C 218 20.05 11.38 85.71
C TRP C 218 19.29 12.05 84.56
N ILE C 219 19.99 12.86 83.76
CA ILE C 219 19.39 13.56 82.62
C ILE C 219 18.77 12.57 81.63
N LEU C 220 19.41 11.42 81.47
CA LEU C 220 18.98 10.41 80.50
C LEU C 220 17.77 9.55 80.93
N PHE C 221 17.79 9.02 82.16
CA PHE C 221 16.86 7.93 82.51
C PHE C 221 15.82 8.20 83.60
N THR C 222 16.04 9.20 84.44
CA THR C 222 15.21 9.41 85.64
C THR C 222 13.77 9.81 85.42
N ASP C 223 12.91 9.21 86.24
CA ASP C 223 11.48 9.52 86.23
C ASP C 223 11.18 10.62 87.26
N GLU C 224 11.96 11.70 87.19
CA GLU C 224 11.79 12.87 88.04
C GLU C 224 11.48 14.06 87.13
N GLN C 225 10.61 14.96 87.59
CA GLN C 225 10.16 16.12 86.77
C GLN C 225 10.03 17.44 87.56
N PRO C 226 11.15 18.03 88.02
CA PRO C 226 11.07 19.27 88.82
C PRO C 226 10.53 20.48 88.05
N VAL C 227 9.81 21.35 88.74
CA VAL C 227 9.27 22.58 88.15
C VAL C 227 10.13 23.79 88.59
N VAL C 228 10.82 24.41 87.63
CA VAL C 228 11.90 25.36 87.95
C VAL C 228 11.72 26.78 87.36
N PRO C 229 12.29 27.81 88.04
CA PRO C 229 12.40 29.19 87.53
C PRO C 229 13.30 29.30 86.28
N VAL C 230 12.73 29.72 85.16
CA VAL C 230 13.47 29.74 83.88
C VAL C 230 13.74 31.17 83.37
N TYR C 231 15.02 31.48 83.13
CA TYR C 231 15.46 32.81 82.69
C TYR C 231 16.26 32.73 81.38
N PRO C 232 15.56 32.66 80.23
CA PRO C 232 16.24 32.61 78.91
C PRO C 232 17.05 33.88 78.57
N GLY C 233 18.26 33.69 78.07
CA GLY C 233 19.12 34.81 77.69
C GLY C 233 20.03 35.31 78.80
N LEU C 234 20.13 34.52 79.88
CA LEU C 234 21.08 34.81 80.95
C LEU C 234 22.20 33.78 80.95
N THR C 235 23.38 34.24 81.36
CA THR C 235 24.58 33.42 81.46
C THR C 235 24.42 32.50 82.69
N PRO C 236 25.12 31.34 82.69
CA PRO C 236 25.14 30.42 83.83
C PRO C 236 25.39 31.09 85.19
N ALA C 237 26.26 32.09 85.23
CA ALA C 237 26.56 32.85 86.45
C ALA C 237 25.44 33.82 86.80
N GLU C 238 24.94 34.53 85.79
CA GLU C 238 23.87 35.50 85.94
C GLU C 238 22.57 34.84 86.40
N THR C 239 22.34 33.62 85.92
CA THR C 239 21.16 32.85 86.28
C THR C 239 21.20 32.43 87.75
N GLN C 240 22.41 32.15 88.24
CA GLN C 240 22.60 31.64 89.60
C GLN C 240 22.38 32.72 90.67
N ARG C 241 22.75 33.96 90.34
CA ARG C 241 22.51 35.08 91.24
C ARG C 241 21.11 35.71 91.09
N ALA C 242 20.46 35.44 89.97
CA ALA C 242 19.06 35.82 89.75
C ALA C 242 18.13 34.87 90.51
N LEU C 243 18.61 33.65 90.69
CA LEU C 243 17.92 32.65 91.50
C LEU C 243 18.13 32.95 92.98
N LYS C 244 19.34 33.39 93.33
CA LYS C 244 19.71 33.80 94.70
C LYS C 244 18.83 34.94 95.21
N LYS C 245 18.68 35.99 94.40
CA LYS C 245 17.84 37.14 94.73
C LYS C 245 16.35 36.79 94.73
N LYS C 246 16.01 35.69 94.07
CA LYS C 246 14.62 35.30 93.83
C LYS C 246 13.85 36.34 93.00
N MET C 247 14.50 36.83 91.94
CA MET C 247 13.87 37.76 91.00
C MET C 247 12.96 36.99 90.05
N GLU C 248 12.11 37.71 89.32
CA GLU C 248 11.08 37.10 88.48
C GLU C 248 11.61 36.12 87.43
N PRO C 249 11.19 34.85 87.51
CA PRO C 249 11.37 33.91 86.41
C PRO C 249 10.56 34.35 85.20
N SER C 250 11.05 34.06 84.00
CA SER C 250 10.34 34.43 82.77
C SER C 250 9.16 33.50 82.52
N TYR C 251 9.27 32.27 83.02
CA TYR C 251 8.17 31.29 83.06
C TYR C 251 8.58 30.10 83.95
N MET C 252 7.64 29.20 84.23
CA MET C 252 7.93 28.03 85.04
C MET C 252 8.12 26.83 84.14
N GLY C 253 9.34 26.29 84.12
CA GLY C 253 9.70 25.15 83.27
C GLY C 253 9.64 23.81 83.98
N THR C 254 9.10 22.82 83.29
CA THR C 254 8.95 21.48 83.84
C THR C 254 9.92 20.50 83.14
N PHE C 255 10.85 19.93 83.93
CA PHE C 255 11.83 18.97 83.41
C PHE C 255 11.21 17.66 82.92
N SER C 256 11.85 17.06 81.92
CA SER C 256 11.54 15.72 81.47
C SER C 256 12.84 15.08 80.96
N SER C 257 13.16 13.87 81.45
CA SER C 257 14.38 13.17 81.02
C SER C 257 14.30 12.83 79.54
N ALA C 258 15.44 12.45 78.97
CA ALA C 258 15.49 12.08 77.57
C ALA C 258 14.61 10.86 77.33
N ARG C 259 14.91 9.76 78.04
CA ARG C 259 14.10 8.53 78.02
C ARG C 259 12.59 8.80 78.06
N ARG C 260 12.16 9.57 79.06
CA ARG C 260 10.77 9.97 79.24
C ARG C 260 10.16 10.58 77.97
N HIS C 261 10.75 11.68 77.48
CA HIS C 261 10.28 12.35 76.27
C HIS C 261 10.21 11.44 75.04
N VAL C 262 11.27 10.67 74.80
CA VAL C 262 11.37 9.76 73.65
C VAL C 262 10.23 8.73 73.66
N LEU C 263 10.05 8.08 74.81
CA LEU C 263 8.99 7.08 74.99
C LEU C 263 7.57 7.68 74.95
N HIS C 264 7.37 8.79 75.65
CA HIS C 264 6.07 9.48 75.68
C HIS C 264 5.62 9.96 74.31
N THR C 265 6.58 10.35 73.47
CA THR C 265 6.33 10.85 72.12
C THR C 265 6.09 9.71 71.13
N PHE C 266 6.94 8.69 71.19
CA PHE C 266 6.82 7.51 70.35
C PHE C 266 5.46 6.81 70.51
N ALA C 267 4.95 6.79 71.74
CA ALA C 267 3.71 6.10 72.07
C ALA C 267 2.44 6.82 71.60
N ASN C 268 2.45 8.14 71.56
CA ASN C 268 1.20 8.89 71.33
C ASN C 268 1.24 10.24 70.57
N THR C 269 2.05 10.34 69.51
CA THR C 269 2.09 11.58 68.72
C THR C 269 0.98 11.70 67.66
N GLU C 270 0.65 12.94 67.31
CA GLU C 270 -0.26 13.24 66.21
C GLU C 270 0.49 13.14 64.87
N SER C 271 1.82 13.10 64.95
CA SER C 271 2.68 13.16 63.77
C SER C 271 2.75 11.84 62.99
N ALA C 272 3.45 11.92 61.85
CA ALA C 272 3.87 10.76 61.10
C ALA C 272 5.38 10.84 60.94
N SER C 273 5.91 12.05 61.06
CA SER C 273 7.32 12.37 60.79
C SER C 273 8.13 12.68 62.05
N MET C 274 7.44 13.03 63.14
CA MET C 274 8.07 13.13 64.46
C MET C 274 8.09 11.77 65.14
N LYS C 275 7.54 10.78 64.45
CA LYS C 275 7.55 9.39 64.89
C LYS C 275 8.80 8.72 64.33
N LYS C 276 9.12 9.06 63.08
CA LYS C 276 10.33 8.57 62.40
C LYS C 276 11.59 9.23 62.96
N ARG C 277 11.41 10.42 63.54
CA ARG C 277 12.52 11.20 64.08
C ARG C 277 12.96 10.61 65.41
N VAL C 278 11.98 10.31 66.26
CA VAL C 278 12.17 9.69 67.56
C VAL C 278 12.69 8.25 67.46
N GLN C 279 12.34 7.58 66.36
CA GLN C 279 12.81 6.22 66.08
C GLN C 279 14.32 6.17 65.97
N GLY C 280 14.91 7.23 65.43
CA GLY C 280 16.35 7.31 65.18
C GLY C 280 17.23 7.24 66.41
N TYR C 281 16.63 7.48 67.57
CA TYR C 281 17.35 7.50 68.85
C TYR C 281 17.04 6.28 69.69
N MET C 282 16.59 5.22 69.01
CA MET C 282 16.22 3.96 69.66
C MET C 282 17.01 2.75 69.15
N ILE C 283 16.83 1.61 69.82
CA ILE C 283 17.38 0.32 69.38
C ILE C 283 16.23 -0.56 68.85
N SER C 284 16.47 -1.19 67.70
CA SER C 284 15.43 -1.90 66.94
C SER C 284 15.45 -3.42 67.13
N GLU C 285 14.63 -3.91 68.05
CA GLU C 285 14.73 -5.32 68.46
C GLU C 285 13.53 -6.19 68.07
N GLU C 286 13.83 -7.25 67.33
CA GLU C 286 12.85 -8.28 66.94
C GLU C 286 12.34 -9.02 68.18
N CYS C 287 11.02 -9.03 68.36
CA CYS C 287 10.39 -9.67 69.52
C CYS C 287 10.59 -11.20 69.51
N PRO C 288 11.17 -11.76 70.60
CA PRO C 288 11.34 -13.22 70.72
C PRO C 288 10.04 -14.00 70.98
N LEU C 289 9.11 -13.41 71.75
CA LEU C 289 7.87 -14.08 72.13
C LEU C 289 6.94 -14.43 70.96
N CYS C 290 6.78 -13.49 70.03
CA CYS C 290 5.90 -13.66 68.88
C CYS C 290 6.70 -13.91 67.59
N HIS C 291 8.00 -13.66 67.66
CA HIS C 291 8.93 -13.72 66.53
C HIS C 291 8.65 -12.73 65.39
N GLY C 292 7.91 -11.67 65.71
CA GLY C 292 7.58 -10.62 64.76
C GLY C 292 6.29 -10.89 64.00
N LYS C 293 5.32 -11.50 64.67
CA LYS C 293 4.02 -11.76 64.07
C LYS C 293 2.90 -10.91 64.66
N ARG C 294 3.19 -10.29 65.81
CA ARG C 294 2.37 -9.21 66.43
C ARG C 294 1.16 -9.67 67.26
N LEU C 295 0.94 -10.99 67.32
CA LEU C 295 -0.26 -11.52 67.95
C LEU C 295 0.02 -12.47 69.09
N ARG C 296 -0.93 -12.53 70.03
CA ARG C 296 -0.95 -13.51 71.11
C ARG C 296 -0.78 -14.95 70.59
N GLN C 297 -0.26 -15.84 71.44
CA GLN C 297 0.05 -17.21 71.03
C GLN C 297 -1.18 -18.05 70.76
N GLU C 298 -2.23 -17.83 71.54
CA GLU C 298 -3.49 -18.56 71.37
C GLU C 298 -4.09 -18.35 69.97
N ALA C 299 -3.81 -17.18 69.39
CA ALA C 299 -4.28 -16.83 68.05
C ALA C 299 -3.40 -17.42 66.94
N LEU C 300 -2.12 -17.61 67.23
CA LEU C 300 -1.15 -18.15 66.27
C LEU C 300 -1.38 -19.64 66.09
N ASN C 301 -1.95 -20.25 67.11
CA ASN C 301 -2.18 -21.69 67.16
C ASN C 301 -3.45 -22.15 66.44
N VAL C 302 -4.31 -21.20 66.09
CA VAL C 302 -5.47 -21.50 65.26
C VAL C 302 -5.10 -21.32 63.79
N THR C 303 -5.61 -22.20 62.94
CA THR C 303 -5.06 -22.34 61.60
C THR C 303 -6.14 -22.55 60.53
N PHE C 304 -5.85 -22.10 59.32
CA PHE C 304 -6.74 -22.27 58.18
C PHE C 304 -5.92 -22.58 56.93
N ALA C 305 -6.04 -23.82 56.45
CA ALA C 305 -5.13 -24.41 55.44
C ALA C 305 -3.72 -24.65 56.01
N GLY C 306 -3.67 -24.87 57.32
CA GLY C 306 -2.42 -25.14 58.00
C GLY C 306 -1.54 -23.92 58.19
N LEU C 307 -2.15 -22.73 58.19
CA LEU C 307 -1.40 -21.48 58.42
C LEU C 307 -2.18 -20.38 59.18
N ASP C 308 -1.46 -19.68 60.06
CA ASP C 308 -2.04 -18.61 60.86
C ASP C 308 -2.37 -17.35 60.05
N ILE C 309 -3.17 -16.46 60.64
CA ILE C 309 -3.73 -15.29 59.96
C ILE C 309 -2.68 -14.48 59.23
N THR C 310 -1.54 -14.29 59.89
CA THR C 310 -0.47 -13.45 59.39
C THR C 310 0.23 -14.11 58.21
N GLU C 311 0.42 -15.43 58.30
CA GLU C 311 1.02 -16.15 57.19
C GLU C 311 0.11 -16.06 55.96
N LEU C 312 -1.20 -16.21 56.18
CA LEU C 312 -2.22 -16.01 55.16
C LEU C 312 -2.18 -14.58 54.60
N SER C 313 -2.08 -13.59 55.48
CA SER C 313 -2.11 -12.17 55.11
C SER C 313 -0.94 -11.66 54.23
N ARG C 314 0.08 -12.49 54.06
CA ARG C 314 1.27 -12.16 53.26
C ARG C 314 1.06 -12.44 51.77
N LEU C 315 0.15 -13.35 51.45
CA LEU C 315 -0.15 -13.70 50.05
C LEU C 315 -0.99 -12.62 49.35
N PRO C 316 -0.85 -12.49 48.02
CA PRO C 316 -1.66 -11.61 47.18
C PRO C 316 -3.16 -11.88 47.30
N LEU C 317 -3.99 -10.88 47.00
CA LEU C 317 -5.44 -11.05 47.06
C LEU C 317 -5.90 -12.19 46.13
N ALA C 318 -5.07 -12.50 45.14
CA ALA C 318 -5.32 -13.59 44.21
C ALA C 318 -5.12 -14.97 44.83
N ARG C 319 -3.98 -15.20 45.49
CA ARG C 319 -3.72 -16.49 46.16
C ARG C 319 -4.68 -16.72 47.31
N VAL C 320 -5.03 -15.63 48.00
CA VAL C 320 -6.04 -15.68 49.05
C VAL C 320 -7.35 -16.21 48.48
N SER C 321 -7.77 -15.66 47.33
CA SER C 321 -9.01 -16.07 46.65
C SER C 321 -9.02 -17.53 46.16
N GLU C 322 -7.90 -17.99 45.62
CA GLU C 322 -7.76 -19.40 45.20
C GLU C 322 -7.93 -20.35 46.39
N LEU C 323 -7.21 -20.06 47.48
CA LEU C 323 -7.31 -20.83 48.73
C LEU C 323 -8.74 -20.98 49.26
N LEU C 324 -9.49 -19.89 49.19
CA LEU C 324 -10.77 -19.74 49.87
C LEU C 324 -11.95 -20.37 49.11
N ARG C 325 -11.80 -20.49 47.79
CA ARG C 325 -12.93 -20.83 46.91
C ARG C 325 -13.49 -22.26 47.02
N PRO C 326 -12.62 -23.28 47.27
CA PRO C 326 -13.07 -24.66 47.55
C PRO C 326 -13.99 -24.83 48.76
N TYR C 327 -13.98 -23.86 49.68
CA TYR C 327 -14.79 -23.93 50.90
C TYR C 327 -16.12 -23.17 50.75
N ALA C 328 -16.14 -22.22 49.82
CA ALA C 328 -17.32 -21.37 49.58
C ALA C 328 -18.40 -22.08 48.73
N GLU C 329 -17.97 -23.05 47.92
CA GLU C 329 -18.86 -23.70 46.97
C GLU C 329 -19.15 -25.13 47.41
N GLU C 330 -18.58 -25.50 48.56
CA GLU C 330 -18.82 -26.78 49.27
C GLU C 330 -18.13 -28.00 48.63
N ARG C 331 -16.88 -27.85 48.21
CA ARG C 331 -16.20 -28.90 47.43
C ARG C 331 -14.80 -29.20 47.95
N GLU C 332 -14.52 -28.81 49.20
CA GLU C 332 -13.18 -28.82 49.78
C GLU C 332 -12.60 -30.23 49.99
N PRO C 333 -11.25 -30.35 50.05
CA PRO C 333 -10.64 -31.64 50.38
C PRO C 333 -11.15 -32.16 51.72
N GLY C 334 -11.85 -33.29 51.67
CA GLY C 334 -12.39 -33.95 52.87
C GLY C 334 -13.71 -33.40 53.36
N HIS C 335 -14.56 -32.95 52.42
CA HIS C 335 -15.84 -32.32 52.77
C HIS C 335 -16.83 -33.32 53.40
N ALA C 336 -16.65 -34.60 53.08
CA ALA C 336 -17.30 -35.70 53.80
C ALA C 336 -16.55 -36.00 55.12
N GLU C 337 -17.28 -36.46 56.13
CA GLU C 337 -16.76 -36.74 57.48
C GLU C 337 -16.50 -35.49 58.32
N ARG C 338 -16.72 -34.33 57.70
CA ARG C 338 -16.73 -33.03 58.37
C ARG C 338 -18.19 -32.54 58.45
N VAL C 339 -19.04 -33.14 57.59
CA VAL C 339 -20.45 -32.78 57.50
C VAL C 339 -21.31 -33.46 58.56
N LYS C 340 -20.86 -34.64 59.02
CA LYS C 340 -21.58 -35.39 60.03
C LYS C 340 -21.06 -35.13 61.44
N ASN C 341 -19.73 -35.13 61.59
CA ASN C 341 -19.10 -35.02 62.91
C ASN C 341 -18.93 -33.56 63.35
N ARG C 342 -19.52 -32.64 62.58
CA ARG C 342 -19.50 -31.22 62.89
C ARG C 342 -20.50 -30.47 61.99
N PRO C 343 -21.79 -30.42 62.42
CA PRO C 343 -22.85 -29.84 61.59
C PRO C 343 -22.88 -28.31 61.54
N GLU C 344 -22.62 -27.66 62.73
CA GLU C 344 -22.69 -26.19 62.85
C GLU C 344 -21.73 -25.45 61.91
N GLN C 345 -20.46 -25.85 61.93
CA GLN C 345 -19.40 -25.07 61.29
C GLN C 345 -19.29 -25.20 59.76
N ALA C 346 -19.77 -26.32 59.22
CA ALA C 346 -19.72 -26.57 57.77
C ALA C 346 -20.53 -25.53 56.96
N ILE C 347 -21.68 -25.13 57.51
CA ILE C 347 -22.50 -24.08 56.91
C ILE C 347 -22.08 -22.69 57.38
N ALA C 348 -21.38 -22.64 58.51
CA ALA C 348 -20.84 -21.41 59.06
C ALA C 348 -19.72 -20.84 58.20
N LEU C 349 -18.78 -21.71 57.81
CA LEU C 349 -17.65 -21.26 57.01
C LEU C 349 -18.04 -21.06 55.55
N GLN C 350 -19.03 -21.84 55.09
CA GLN C 350 -19.50 -21.70 53.72
C GLN C 350 -19.93 -20.27 53.44
N ARG C 351 -20.84 -19.74 54.26
CA ARG C 351 -21.36 -18.38 54.07
C ARG C 351 -20.27 -17.32 54.24
N MET C 352 -19.37 -17.51 55.22
CA MET C 352 -18.22 -16.62 55.44
C MET C 352 -17.27 -16.61 54.24
N ALA C 353 -16.87 -17.81 53.80
CA ALA C 353 -15.98 -17.96 52.66
C ALA C 353 -16.64 -17.47 51.36
N ALA C 354 -17.96 -17.57 51.30
CA ALA C 354 -18.75 -17.15 50.13
C ALA C 354 -18.61 -15.66 49.85
N ASP C 355 -18.96 -14.81 50.82
CA ASP C 355 -18.94 -13.36 50.56
C ASP C 355 -17.53 -12.79 50.40
N LEU C 356 -16.59 -13.26 51.22
CA LEU C 356 -15.16 -12.95 51.06
C LEU C 356 -14.70 -13.15 49.61
N VAL C 357 -15.02 -14.31 49.04
CA VAL C 357 -14.74 -14.64 47.63
C VAL C 357 -15.50 -13.76 46.61
N LYS C 358 -16.74 -13.39 46.93
CA LYS C 358 -17.49 -12.42 46.13
C LYS C 358 -16.88 -11.02 46.22
N ARG C 359 -16.33 -10.70 47.40
CA ARG C 359 -15.68 -9.41 47.64
C ARG C 359 -14.33 -9.32 46.94
N LEU C 360 -13.53 -10.38 47.05
CA LEU C 360 -12.25 -10.47 46.35
C LEU C 360 -12.43 -10.50 44.84
N ASP C 361 -13.56 -11.02 44.38
CA ASP C 361 -13.90 -11.07 42.98
C ASP C 361 -13.78 -9.69 42.36
N VAL C 362 -14.54 -8.74 42.92
CA VAL C 362 -14.54 -7.33 42.51
C VAL C 362 -13.15 -6.69 42.50
N LEU C 363 -12.32 -7.04 43.49
CA LEU C 363 -10.95 -6.53 43.58
C LEU C 363 -10.07 -7.13 42.49
N LEU C 364 -10.25 -8.42 42.25
CA LEU C 364 -9.51 -9.17 41.23
C LEU C 364 -9.80 -8.66 39.83
N HIS C 365 -11.09 -8.53 39.53
CA HIS C 365 -11.60 -8.04 38.24
CA HIS C 365 -11.52 -8.06 38.22
C HIS C 365 -11.17 -6.60 37.98
N LEU C 366 -10.79 -5.88 39.03
CA LEU C 366 -10.38 -4.48 38.91
C LEU C 366 -8.88 -4.33 38.60
N GLY C 367 -8.15 -5.45 38.69
CA GLY C 367 -6.71 -5.48 38.37
C GLY C 367 -5.79 -5.48 39.58
N LEU C 368 -6.36 -5.71 40.77
CA LEU C 368 -5.64 -5.51 42.03
C LEU C 368 -5.25 -6.79 42.75
N GLY C 369 -5.24 -7.90 42.03
CA GLY C 369 -4.99 -9.20 42.65
C GLY C 369 -3.60 -9.41 43.22
N TYR C 370 -2.65 -8.60 42.76
CA TYR C 370 -1.23 -8.74 43.09
C TYR C 370 -0.87 -8.15 44.47
N LEU C 371 -1.78 -7.34 45.00
CA LEU C 371 -1.53 -6.68 46.28
C LEU C 371 -1.65 -7.65 47.44
N GLY C 372 -0.68 -7.61 48.34
CA GLY C 372 -0.77 -8.40 49.58
C GLY C 372 -1.68 -7.61 50.47
N LEU C 373 -2.31 -8.25 51.44
CA LEU C 373 -3.25 -7.51 52.29
C LEU C 373 -2.67 -7.00 53.61
N ASP C 374 -1.45 -7.42 53.90
CA ASP C 374 -0.65 -6.82 54.97
C ASP C 374 0.05 -5.57 54.42
N ARG C 375 -0.06 -5.37 53.10
CA ARG C 375 0.53 -4.24 52.38
C ARG C 375 0.06 -2.90 52.90
N SER C 376 1.01 -1.98 53.04
CA SER C 376 0.83 -0.70 53.71
C SER C 376 0.35 0.45 52.79
N THR C 377 -0.75 1.07 53.20
CA THR C 377 -1.40 2.19 52.48
C THR C 377 -0.49 3.36 52.06
N PRO C 378 0.42 3.82 52.95
CA PRO C 378 1.49 4.76 52.55
C PRO C 378 2.36 4.34 51.36
N THR C 379 2.72 3.05 51.29
CA THR C 379 3.61 2.49 50.25
C THR C 379 2.92 2.34 48.88
N LEU C 380 1.72 2.90 48.74
CA LEU C 380 0.83 2.63 47.61
C LEU C 380 0.66 3.87 46.74
N SER C 381 0.51 3.66 45.44
CA SER C 381 0.35 4.77 44.50
C SER C 381 -1.07 5.34 44.58
N PRO C 382 -1.22 6.64 44.31
CA PRO C 382 -2.55 7.23 44.28
C PRO C 382 -3.58 6.45 43.44
N GLY C 383 -3.20 5.98 42.26
CA GLY C 383 -4.07 5.16 41.44
C GLY C 383 -4.52 3.88 42.12
N GLU C 384 -3.55 3.10 42.60
CA GLU C 384 -3.77 1.84 43.36
C GLU C 384 -4.78 1.94 44.51
N LEU C 385 -4.72 3.03 45.30
CA LEU C 385 -5.63 3.17 46.43
C LEU C 385 -6.98 3.78 46.10
N GLN C 386 -7.04 4.57 45.03
CA GLN C 386 -8.31 5.09 44.60
C GLN C 386 -9.17 3.94 44.07
N ARG C 387 -8.52 3.02 43.35
CA ARG C 387 -9.12 1.78 42.84
C ARG C 387 -9.46 0.76 43.93
N LEU C 388 -8.71 0.74 45.02
CA LEU C 388 -9.01 -0.13 46.16
C LEU C 388 -10.23 0.42 46.87
N ARG C 389 -10.30 1.74 46.92
CA ARG C 389 -11.44 2.46 47.44
C ARG C 389 -12.67 2.26 46.56
N LEU C 390 -12.49 2.37 45.25
CA LEU C 390 -13.56 2.16 44.28
C LEU C 390 -14.16 0.76 44.47
N ALA C 391 -13.30 -0.27 44.47
CA ALA C 391 -13.75 -1.65 44.66
C ALA C 391 -14.54 -1.89 45.96
N THR C 392 -14.11 -1.26 47.06
CA THR C 392 -14.77 -1.37 48.36
C THR C 392 -16.20 -0.81 48.29
N GLN C 393 -16.38 0.30 47.57
CA GLN C 393 -17.70 0.92 47.38
C GLN C 393 -18.64 0.07 46.51
N LEU C 394 -18.07 -0.81 45.69
CA LEU C 394 -18.86 -1.70 44.83
C LEU C 394 -19.55 -2.83 45.59
N TYR C 395 -19.33 -2.86 46.91
CA TYR C 395 -19.99 -3.79 47.80
C TYR C 395 -20.28 -3.17 49.18
N SER C 396 -20.66 -1.90 49.21
CA SER C 396 -20.98 -1.21 50.48
C SER C 396 -22.45 -0.80 50.58
N ASN C 397 -23.14 -0.86 49.44
CA ASN C 397 -24.57 -0.56 49.37
C ASN C 397 -24.96 0.90 49.57
N LEU C 398 -24.09 1.84 49.20
CA LEU C 398 -24.47 3.25 49.27
C LEU C 398 -25.43 3.59 48.12
N PHE C 399 -26.58 4.19 48.44
CA PHE C 399 -27.60 4.53 47.43
C PHE C 399 -27.87 6.04 47.39
N GLY C 400 -27.93 6.60 46.19
CA GLY C 400 -28.28 8.01 46.00
C GLY C 400 -27.22 9.03 46.39
N VAL C 401 -25.94 8.68 46.24
CA VAL C 401 -24.87 9.65 46.48
C VAL C 401 -24.18 9.98 45.17
N VAL C 402 -23.44 11.10 45.15
CA VAL C 402 -22.53 11.44 44.06
C VAL C 402 -21.15 10.98 44.50
N TYR C 403 -20.53 10.10 43.74
CA TYR C 403 -19.13 9.77 43.98
C TYR C 403 -18.30 10.76 43.17
N VAL C 404 -17.37 11.41 43.84
CA VAL C 404 -16.54 12.46 43.26
C VAL C 404 -15.10 11.90 43.24
N LEU C 405 -14.62 11.55 42.04
CA LEU C 405 -13.32 10.91 41.85
C LEU C 405 -12.25 11.81 41.21
N ASP C 406 -11.00 11.55 41.54
CA ASP C 406 -9.89 12.38 41.06
C ASP C 406 -8.87 11.55 40.30
N GLU C 407 -9.01 11.49 38.98
CA GLU C 407 -8.09 10.73 38.11
C GLU C 407 -7.93 9.23 38.44
N PRO C 408 -9.02 8.42 38.33
CA PRO C 408 -8.92 6.99 38.68
C PRO C 408 -8.09 6.18 37.67
N SER C 409 -7.77 6.82 36.55
CA SER C 409 -6.89 6.29 35.51
C SER C 409 -5.40 6.35 35.83
N ALA C 410 -5.01 7.23 36.78
CA ALA C 410 -3.60 7.46 37.08
C ALA C 410 -2.91 6.13 37.28
N GLY C 411 -1.75 5.93 36.62
CA GLY C 411 -1.00 4.68 36.74
C GLY C 411 -1.74 3.44 36.25
N LEU C 412 -2.70 3.63 35.34
CA LEU C 412 -3.44 2.52 34.70
C LEU C 412 -2.92 2.24 33.28
N HIS C 413 -2.46 1.01 33.07
CA HIS C 413 -2.17 0.54 31.73
C HIS C 413 -3.48 0.52 30.91
N PRO C 414 -3.42 0.88 29.60
CA PRO C 414 -4.55 0.82 28.66
C PRO C 414 -5.31 -0.51 28.55
N ALA C 415 -4.70 -1.60 28.99
CA ALA C 415 -5.30 -2.93 28.84
C ALA C 415 -6.33 -3.16 29.93
N ASP C 416 -6.21 -2.40 31.01
CA ASP C 416 -7.13 -2.51 32.13
C ASP C 416 -8.16 -1.36 32.19
N THR C 417 -8.21 -0.56 31.14
CA THR C 417 -9.10 0.59 31.05
C THR C 417 -10.57 0.13 30.98
N GLU C 418 -10.84 -0.94 30.24
CA GLU C 418 -12.19 -1.50 30.20
C GLU C 418 -12.70 -1.95 31.56
N ALA C 419 -11.82 -2.55 32.36
CA ALA C 419 -12.10 -3.03 33.71
C ALA C 419 -12.51 -1.90 34.61
N LEU C 420 -11.85 -0.76 34.46
CA LEU C 420 -12.18 0.42 35.25
C LEU C 420 -13.55 0.97 34.86
N LEU C 421 -13.76 1.19 33.55
CA LEU C 421 -15.04 1.65 33.02
C LEU C 421 -16.25 0.79 33.40
N SER C 422 -16.03 -0.52 33.50
CA SER C 422 -17.09 -1.46 33.92
C SER C 422 -17.41 -1.32 35.41
N ALA C 423 -16.37 -1.07 36.22
CA ALA C 423 -16.52 -0.82 37.64
C ALA C 423 -17.25 0.52 37.87
N LEU C 424 -16.90 1.54 37.09
CA LEU C 424 -17.61 2.81 37.17
C LEU C 424 -19.07 2.60 36.74
N GLU C 425 -19.31 1.76 35.74
CA GLU C 425 -20.68 1.46 35.26
C GLU C 425 -21.56 0.82 36.34
N ASN C 426 -20.98 -0.13 37.09
CA ASN C 426 -21.68 -0.83 38.16
C ASN C 426 -22.04 0.06 39.35
N LEU C 427 -21.10 0.94 39.73
CA LEU C 427 -21.31 1.98 40.74
C LEU C 427 -22.50 2.86 40.41
N LYS C 428 -22.56 3.26 39.14
CA LYS C 428 -23.67 4.03 38.59
C LYS C 428 -24.99 3.27 38.75
N ARG C 429 -25.01 2.01 38.32
CA ARG C 429 -26.22 1.20 38.31
C ARG C 429 -26.66 0.66 39.68
N GLY C 430 -25.93 1.07 40.73
CA GLY C 430 -26.34 0.88 42.13
C GLY C 430 -27.24 2.01 42.66
N GLY C 431 -27.57 2.96 41.80
CA GLY C 431 -28.45 4.09 42.11
C GLY C 431 -27.69 5.35 42.47
N ASN C 432 -26.56 5.56 41.80
CA ASN C 432 -25.58 6.60 42.16
C ASN C 432 -25.18 7.51 40.98
N SER C 433 -24.66 8.70 41.28
CA SER C 433 -24.08 9.59 40.27
C SER C 433 -22.57 9.59 40.41
N LEU C 434 -21.87 9.93 39.32
CA LEU C 434 -20.38 9.96 39.30
C LEU C 434 -19.81 11.24 38.69
N PHE C 435 -18.99 11.93 39.47
CA PHE C 435 -18.24 13.07 38.96
C PHE C 435 -16.77 12.71 38.96
N VAL C 436 -16.20 12.64 37.77
CA VAL C 436 -14.82 12.20 37.63
C VAL C 436 -13.98 13.32 37.05
N VAL C 437 -12.92 13.74 37.73
CA VAL C 437 -11.95 14.58 37.01
C VAL C 437 -10.94 13.67 36.30
N GLU C 438 -10.85 13.78 34.98
CA GLU C 438 -10.05 12.83 34.17
C GLU C 438 -9.35 13.47 32.97
N HIS C 439 -8.14 12.96 32.66
CA HIS C 439 -7.35 13.40 31.50
C HIS C 439 -7.28 12.35 30.38
N ASP C 440 -7.62 11.11 30.73
CA ASP C 440 -7.54 9.96 29.87
C ASP C 440 -8.65 10.00 28.82
N LEU C 441 -8.25 10.20 27.57
CA LEU C 441 -9.20 10.35 26.47
C LEU C 441 -10.05 9.12 26.29
N ASP C 442 -9.51 7.95 26.67
CA ASP C 442 -10.22 6.68 26.50
C ASP C 442 -11.34 6.51 27.54
N VAL C 443 -11.31 7.35 28.58
CA VAL C 443 -12.36 7.35 29.56
C VAL C 443 -13.35 8.49 29.25
N ILE C 444 -12.82 9.65 28.85
CA ILE C 444 -13.63 10.79 28.38
C ILE C 444 -14.64 10.37 27.29
N ARG C 445 -14.17 9.61 26.31
CA ARG C 445 -15.01 9.11 25.19
C ARG C 445 -16.22 8.31 25.62
N ARG C 446 -16.13 7.68 26.79
CA ARG C 446 -17.13 6.73 27.22
C ARG C 446 -18.12 7.36 28.20
N ALA C 447 -17.85 8.62 28.54
CA ALA C 447 -18.68 9.38 29.46
C ALA C 447 -20.09 9.62 28.90
N ASP C 448 -21.07 9.61 29.80
CA ASP C 448 -22.43 10.05 29.46
C ASP C 448 -22.49 11.55 29.16
N TRP C 449 -21.74 12.33 29.93
CA TRP C 449 -21.76 13.79 29.86
C TRP C 449 -20.38 14.32 30.14
N LEU C 450 -20.05 15.47 29.56
CA LEU C 450 -18.76 16.11 29.80
C LEU C 450 -18.82 17.62 30.11
N VAL C 451 -18.04 18.06 31.12
CA VAL C 451 -17.84 19.51 31.37
C VAL C 451 -16.39 19.89 31.04
N ASP C 452 -16.19 20.66 29.97
CA ASP C 452 -14.85 21.14 29.60
C ASP C 452 -14.70 22.55 30.14
N VAL C 453 -13.59 22.77 30.87
CA VAL C 453 -13.42 24.00 31.65
C VAL C 453 -12.31 24.93 31.15
N GLY C 454 -12.66 26.23 31.07
CA GLY C 454 -11.78 27.38 30.89
C GLY C 454 -10.77 27.12 29.84
N PRO C 455 -10.50 28.10 28.96
CA PRO C 455 -9.73 27.75 27.75
C PRO C 455 -8.27 27.34 28.07
N GLU C 456 -7.68 27.99 29.07
CA GLU C 456 -6.31 27.68 29.50
C GLU C 456 -6.25 27.61 31.04
N ALA C 457 -5.11 27.99 31.61
CA ALA C 457 -4.90 27.92 33.06
C ALA C 457 -4.92 29.32 33.70
N GLY C 458 -5.32 29.37 34.97
CA GLY C 458 -5.27 30.60 35.74
C GLY C 458 -6.32 31.63 35.42
N GLU C 459 -5.90 32.87 35.28
CA GLU C 459 -6.85 33.93 34.96
C GLU C 459 -7.28 33.89 33.48
N LYS C 460 -6.55 33.13 32.66
CA LYS C 460 -6.94 32.82 31.30
C LYS C 460 -7.75 31.51 31.17
N GLY C 461 -8.17 30.95 32.30
CA GLY C 461 -9.05 29.77 32.34
C GLY C 461 -10.33 30.12 33.09
N GLY C 462 -10.94 29.13 33.75
CA GLY C 462 -12.05 29.37 34.67
C GLY C 462 -13.44 29.54 34.09
N GLU C 463 -13.64 29.07 32.86
CA GLU C 463 -14.86 29.28 32.10
C GLU C 463 -15.38 27.96 31.57
N ILE C 464 -16.68 27.86 31.28
CA ILE C 464 -17.24 26.59 30.82
C ILE C 464 -17.28 26.66 29.30
N LEU C 465 -16.52 25.80 28.65
CA LEU C 465 -16.43 25.83 27.20
C LEU C 465 -17.59 25.05 26.62
N TYR C 466 -17.93 23.95 27.30
CA TYR C 466 -18.96 23.01 26.90
C TYR C 466 -19.52 22.30 28.12
N SER C 467 -20.82 22.06 28.11
CA SER C 467 -21.44 21.11 29.02
C SER C 467 -22.44 20.29 28.21
N GLY C 468 -22.26 18.97 28.14
CA GLY C 468 -23.16 18.15 27.32
C GLY C 468 -22.50 16.82 26.97
N PRO C 469 -23.20 15.98 26.18
CA PRO C 469 -22.66 14.69 25.70
C PRO C 469 -21.35 14.88 24.92
N PRO C 470 -20.34 14.01 25.16
CA PRO C 470 -18.96 14.13 24.66
C PRO C 470 -18.80 14.41 23.18
N GLU C 471 -19.75 13.91 22.40
CA GLU C 471 -19.72 14.08 20.95
C GLU C 471 -19.96 15.53 20.54
N GLY C 472 -20.83 16.22 21.26
CA GLY C 472 -21.15 17.63 20.97
C GLY C 472 -19.95 18.55 20.99
N LEU C 473 -18.85 18.09 21.59
CA LEU C 473 -17.60 18.84 21.68
C LEU C 473 -16.89 19.02 20.30
N LYS C 474 -17.33 18.27 19.28
CA LYS C 474 -16.91 18.53 17.89
C LYS C 474 -17.25 19.98 17.44
N HIS C 475 -18.32 20.57 17.99
CA HIS C 475 -18.77 21.91 17.59
C HIS C 475 -18.19 23.08 18.43
N VAL C 476 -17.08 22.86 19.12
CA VAL C 476 -16.44 23.95 19.88
C VAL C 476 -14.91 23.87 19.71
N PRO C 477 -14.37 24.63 18.73
CA PRO C 477 -12.93 24.56 18.38
C PRO C 477 -11.95 25.03 19.48
N GLU C 478 -12.34 26.01 20.29
CA GLU C 478 -11.44 26.58 21.30
C GLU C 478 -10.99 25.57 22.38
N SER C 479 -11.63 24.41 22.37
CA SER C 479 -11.41 23.37 23.39
C SER C 479 -10.13 22.59 23.07
N GLN C 480 -9.24 22.46 24.04
CA GLN C 480 -7.97 21.76 23.81
C GLN C 480 -8.16 20.26 24.00
N THR C 481 -9.27 19.89 24.64
CA THR C 481 -9.69 18.51 24.85
C THR C 481 -10.33 18.02 23.55
N GLY C 482 -11.26 18.83 23.03
CA GLY C 482 -11.84 18.64 21.70
C GLY C 482 -10.82 18.43 20.58
N GLN C 483 -9.83 19.31 20.49
CA GLN C 483 -8.72 19.15 19.50
C GLN C 483 -8.04 17.79 19.63
N TYR C 484 -7.89 17.31 20.85
CA TYR C 484 -7.19 16.05 21.09
C TYR C 484 -7.94 14.77 20.70
N LEU C 485 -9.24 14.69 20.97
CA LEU C 485 -9.95 13.46 20.64
C LEU C 485 -10.73 13.51 19.33
N PHE C 486 -10.85 14.70 18.75
CA PHE C 486 -11.63 14.90 17.55
C PHE C 486 -10.84 15.50 16.40
N ALA C 487 -9.87 16.38 16.69
CA ALA C 487 -9.14 17.06 15.63
C ALA C 487 -7.71 16.53 15.44
N ASP C 488 -7.44 15.36 16.00
CA ASP C 488 -6.20 14.60 15.74
C ASP C 488 -4.92 15.42 16.05
N ARG C 489 -4.76 15.88 17.30
CA ARG C 489 -3.58 16.70 17.67
C ARG C 489 -2.27 15.94 17.51
N HIS C 490 -1.68 16.03 16.33
CA HIS C 490 -0.42 15.32 15.99
C HIS C 490 0.82 16.09 16.45
N THR C 491 1.95 15.40 16.42
CA THR C 491 3.25 15.97 16.80
C THR C 491 4.41 15.24 16.09
N GLU C 492 4.69 14.00 16.49
CA GLU C 492 5.68 13.10 15.83
C GLU C 492 6.93 13.78 15.20
N PRO C 493 7.55 14.74 15.92
CA PRO C 493 8.48 15.57 15.17
C PRO C 493 9.91 15.07 15.18
N HIS C 494 10.38 14.65 16.35
CA HIS C 494 11.82 14.59 16.64
C HIS C 494 12.59 13.44 15.98
N THR C 495 13.76 13.78 15.45
CA THR C 495 14.69 12.87 14.76
C THR C 495 15.15 11.67 15.64
N PRO C 496 15.37 10.49 15.01
CA PRO C 496 15.91 9.32 15.72
C PRO C 496 17.32 9.55 16.30
N ARG C 497 17.62 8.90 17.42
CA ARG C 497 18.87 9.10 18.14
C ARG C 497 19.62 7.79 18.34
N GLU C 498 20.95 7.88 18.31
CA GLU C 498 21.79 6.75 18.68
C GLU C 498 22.24 6.82 20.13
N PRO C 499 22.10 5.70 20.87
CA PRO C 499 22.59 5.57 22.24
C PRO C 499 24.05 5.94 22.34
N ALA C 500 24.39 6.76 23.33
CA ALA C 500 25.78 7.14 23.58
C ALA C 500 26.54 5.98 24.25
N GLY C 501 25.79 5.14 24.96
CA GLY C 501 26.32 3.98 25.67
C GLY C 501 25.20 3.18 26.33
N TRP C 502 25.55 2.08 26.98
CA TRP C 502 24.54 1.19 27.57
C TRP C 502 24.84 0.81 29.03
N LEU C 503 23.91 1.15 29.92
CA LEU C 503 23.96 0.77 31.34
C LEU C 503 23.46 -0.68 31.54
N GLU C 504 24.11 -1.41 32.44
CA GLU C 504 23.66 -2.76 32.78
C GLU C 504 23.29 -2.83 34.24
N LEU C 505 22.01 -3.12 34.52
CA LEU C 505 21.57 -3.44 35.88
C LEU C 505 21.38 -4.95 35.99
N ASN C 506 22.38 -5.62 36.57
CA ASN C 506 22.47 -7.07 36.52
C ASN C 506 22.09 -7.76 37.82
N GLY C 507 21.38 -8.87 37.70
CA GLY C 507 21.01 -9.71 38.83
C GLY C 507 20.01 -9.09 39.79
N VAL C 508 19.05 -8.33 39.27
CA VAL C 508 18.07 -7.66 40.11
C VAL C 508 17.15 -8.67 40.79
N THR C 509 17.04 -8.60 42.12
CA THR C 509 16.28 -9.61 42.86
C THR C 509 15.54 -9.08 44.09
N ARG C 510 14.30 -8.64 43.86
CA ARG C 510 13.42 -8.11 44.91
C ARG C 510 11.98 -8.08 44.43
N ASN C 511 11.03 -8.12 45.39
CA ASN C 511 9.62 -8.28 45.12
C ASN C 511 9.40 -9.40 44.10
N ASN C 512 8.68 -9.13 43.02
CA ASN C 512 8.45 -10.15 42.01
C ASN C 512 9.53 -10.27 40.93
N LEU C 513 10.74 -9.81 41.24
CA LEU C 513 11.89 -10.02 40.33
C LEU C 513 12.90 -10.98 40.99
N ASP C 514 13.36 -11.97 40.23
CA ASP C 514 14.42 -12.87 40.68
C ASP C 514 15.56 -13.04 39.66
N ASN C 515 16.73 -12.50 40.00
CA ASN C 515 17.87 -12.36 39.08
C ASN C 515 17.51 -11.94 37.64
N LEU C 516 17.04 -10.70 37.53
CA LEU C 516 16.74 -10.12 36.23
C LEU C 516 17.90 -9.23 35.77
N ASP C 517 18.31 -9.40 34.52
CA ASP C 517 19.32 -8.56 33.87
C ASP C 517 18.65 -7.64 32.86
N VAL C 518 19.02 -6.35 32.89
CA VAL C 518 18.43 -5.33 31.99
C VAL C 518 19.51 -4.37 31.47
N ARG C 519 19.34 -3.91 30.23
CA ARG C 519 20.24 -2.93 29.63
C ARG C 519 19.55 -1.61 29.30
N PHE C 520 19.99 -0.49 29.88
CA PHE C 520 19.41 0.83 29.57
C PHE C 520 20.35 1.65 28.71
N PRO C 521 19.83 2.17 27.57
CA PRO C 521 20.61 3.06 26.70
C PRO C 521 20.77 4.46 27.29
N LEU C 522 21.99 4.98 27.24
CA LEU C 522 22.31 6.33 27.71
C LEU C 522 22.25 7.36 26.59
N GLY C 523 22.15 8.63 26.97
CA GLY C 523 22.14 9.76 26.04
C GLY C 523 20.83 9.88 25.29
N VAL C 524 19.76 9.34 25.89
CA VAL C 524 18.48 9.16 25.22
C VAL C 524 17.36 8.93 26.26
N MET C 525 16.09 9.01 25.82
CA MET C 525 14.96 8.73 26.73
C MET C 525 14.32 7.35 26.57
N THR C 526 14.29 6.60 27.67
CA THR C 526 13.66 5.28 27.72
C THR C 526 12.32 5.27 28.48
N SER C 527 11.32 4.65 27.88
CA SER C 527 10.10 4.35 28.62
C SER C 527 10.09 2.89 29.09
N VAL C 528 9.97 2.74 30.40
CA VAL C 528 9.75 1.44 31.02
C VAL C 528 8.26 1.33 31.27
N THR C 529 7.65 0.32 30.64
CA THR C 529 6.21 0.19 30.64
C THR C 529 5.73 -1.23 31.02
N GLY C 530 4.41 -1.42 31.05
CA GLY C 530 3.80 -2.67 31.47
C GLY C 530 2.61 -2.50 32.42
N VAL C 531 1.85 -3.57 32.55
CA VAL C 531 0.67 -3.63 33.43
C VAL C 531 1.03 -3.29 34.88
N SER C 532 0.16 -2.55 35.56
CA SER C 532 0.46 -2.15 36.94
C SER C 532 0.55 -3.40 37.81
N GLY C 533 1.61 -3.47 38.60
CA GLY C 533 1.95 -4.70 39.32
C GLY C 533 2.95 -5.61 38.61
N SER C 534 3.41 -5.20 37.43
CA SER C 534 4.32 -6.05 36.65
C SER C 534 5.76 -5.98 37.14
N GLY C 535 6.13 -4.87 37.77
CA GLY C 535 7.44 -4.77 38.41
C GLY C 535 8.35 -3.58 38.10
N LYS C 536 7.86 -2.60 37.34
CA LYS C 536 8.76 -1.55 36.86
C LYS C 536 9.22 -0.53 37.91
N SER C 537 8.36 -0.22 38.88
CA SER C 537 8.71 0.62 40.01
C SER C 537 9.88 -0.02 40.77
N THR C 538 9.72 -1.32 41.07
CA THR C 538 10.73 -2.14 41.72
C THR C 538 12.04 -2.14 40.93
N LEU C 539 11.95 -2.06 39.62
CA LEU C 539 13.14 -2.06 38.77
C LEU C 539 13.78 -0.68 38.78
N VAL C 540 13.00 0.33 38.43
CA VAL C 540 13.55 1.64 38.10
C VAL C 540 13.68 2.52 39.34
N SER C 541 12.58 2.63 40.10
CA SER C 541 12.48 3.56 41.22
C SER C 541 13.09 3.02 42.49
N GLN C 542 13.23 1.70 42.57
CA GLN C 542 13.84 1.03 43.71
C GLN C 542 15.21 0.49 43.31
N ALA C 543 15.25 -0.60 42.54
CA ALA C 543 16.51 -1.29 42.22
C ALA C 543 17.62 -0.44 41.56
N LEU C 544 17.25 0.37 40.57
CA LEU C 544 18.20 1.16 39.75
C LEU C 544 18.74 2.41 40.47
N VAL C 545 17.84 3.10 41.17
CA VAL C 545 18.14 4.31 41.91
C VAL C 545 19.08 4.02 43.07
N ASP C 546 18.73 3.03 43.90
CA ASP C 546 19.57 2.64 45.03
C ASP C 546 20.93 2.12 44.60
N ALA C 547 20.97 1.38 43.49
CA ALA C 547 22.22 0.85 42.94
C ALA C 547 23.13 1.97 42.42
N LEU C 548 22.51 3.09 42.07
CA LEU C 548 23.18 4.22 41.46
C LEU C 548 23.59 5.24 42.52
N ALA C 549 22.78 5.34 43.58
CA ALA C 549 23.05 6.18 44.75
C ALA C 549 24.12 5.59 45.69
N ALA C 550 24.38 4.29 45.54
CA ALA C 550 25.51 3.63 46.18
C ALA C 550 26.81 3.97 45.44
N HIS C 551 26.74 3.94 44.10
CA HIS C 551 27.85 4.32 43.24
C HIS C 551 28.22 5.80 43.43
N PHE C 552 27.20 6.63 43.70
CA PHE C 552 27.31 8.09 43.84
C PHE C 552 27.70 8.76 42.52
N GLY C 572 16.75 -7.64 48.03
CA GLY C 572 16.97 -6.40 47.31
C GLY C 572 18.45 -6.18 47.06
N SER C 573 18.94 -6.70 45.94
CA SER C 573 20.35 -6.61 45.56
C SER C 573 20.50 -6.54 44.04
N ALA C 574 21.63 -6.00 43.57
CA ALA C 574 21.92 -5.84 42.13
C ALA C 574 23.28 -5.18 41.87
N ARG C 575 23.92 -5.59 40.78
CA ARG C 575 25.22 -5.06 40.39
C ARG C 575 25.08 -4.17 39.15
N LEU C 576 25.59 -2.95 39.23
CA LEU C 576 25.70 -2.07 38.05
C LEU C 576 26.83 -2.52 37.13
N GLY C 577 26.73 -2.17 35.85
CA GLY C 577 27.74 -2.52 34.86
C GLY C 577 27.71 -1.63 33.65
N GLY C 578 28.52 -1.94 32.65
CA GLY C 578 28.53 -1.21 31.39
C GLY C 578 29.25 0.13 31.38
N ASP C 579 28.65 1.11 30.73
CA ASP C 579 29.28 2.41 30.49
C ASP C 579 29.00 3.43 31.59
N LEU C 580 29.33 3.04 32.83
CA LEU C 580 28.99 3.80 34.03
C LEU C 580 29.83 5.07 34.21
N ALA C 581 30.77 5.30 33.30
CA ALA C 581 31.67 6.45 33.36
C ALA C 581 31.20 7.67 32.56
N GLN C 582 30.11 7.51 31.81
CA GLN C 582 29.54 8.61 31.03
C GLN C 582 28.53 9.43 31.84
N ILE C 583 28.10 8.90 32.98
CA ILE C 583 27.16 9.60 33.87
C ILE C 583 27.85 10.09 35.16
N THR C 584 27.64 11.35 35.51
CA THR C 584 28.28 11.92 36.70
C THR C 584 27.29 12.28 37.83
N ARG C 585 25.98 12.28 37.53
CA ARG C 585 24.95 12.50 38.56
C ARG C 585 23.58 11.84 38.32
N LEU C 586 22.91 11.48 39.41
CA LEU C 586 21.55 10.95 39.40
C LEU C 586 20.61 11.98 39.99
N VAL C 587 19.53 12.28 39.28
CA VAL C 587 18.42 13.02 39.87
C VAL C 587 17.05 12.37 39.65
N ARG C 588 16.31 12.27 40.76
CA ARG C 588 14.96 11.72 40.80
CA ARG C 588 14.96 11.72 40.81
C ARG C 588 13.93 12.85 40.78
N VAL C 589 12.86 12.66 39.99
CA VAL C 589 11.76 13.61 39.95
C VAL C 589 10.42 12.88 40.01
N ASP C 590 9.75 12.99 41.16
CA ASP C 590 8.49 12.31 41.44
C ASP C 590 7.39 13.31 41.85
N GLN C 591 6.20 12.77 42.16
CA GLN C 591 5.06 13.62 42.56
C GLN C 591 4.82 13.64 44.08
N LYS C 592 5.85 13.36 44.86
CA LYS C 592 5.84 13.62 46.28
C LYS C 592 5.79 15.14 46.46
N PRO C 593 5.22 15.63 47.58
CA PRO C 593 5.04 17.08 47.72
C PRO C 593 6.35 17.79 47.97
N ILE C 594 6.42 19.07 47.59
CA ILE C 594 7.59 19.91 47.87
C ILE C 594 7.73 20.27 49.37
N GLY C 595 6.68 20.00 50.14
CA GLY C 595 6.67 20.19 51.58
C GLY C 595 5.34 19.71 52.13
N ARG C 596 5.28 19.46 53.45
CA ARG C 596 4.05 18.92 54.04
C ARG C 596 3.19 19.93 54.82
N THR C 597 3.75 21.09 55.12
CA THR C 597 3.02 22.15 55.82
C THR C 597 2.88 23.36 54.90
N PRO C 598 1.97 24.31 55.22
CA PRO C 598 1.87 25.60 54.54
C PRO C 598 3.13 26.47 54.57
N ARG C 599 4.07 26.21 55.47
CA ARG C 599 5.38 26.90 55.44
C ARG C 599 6.15 26.80 54.15
N SER C 600 5.94 25.71 53.42
CA SER C 600 6.63 25.52 52.15
C SER C 600 5.91 26.24 51.04
N ASN C 601 6.69 26.90 50.19
CA ASN C 601 6.19 27.39 48.93
C ASN C 601 7.28 27.39 47.86
N MET C 602 6.93 27.86 46.66
CA MET C 602 7.82 27.88 45.50
C MET C 602 8.97 28.89 45.65
N ALA C 603 8.67 30.04 46.23
CA ALA C 603 9.68 31.08 46.41
C ALA C 603 10.83 30.54 47.26
N THR C 604 10.44 29.93 48.37
CA THR C 604 11.30 29.22 49.30
C THR C 604 11.98 28.03 48.62
N TYR C 605 11.19 27.15 48.00
CA TYR C 605 11.72 25.91 47.43
C TYR C 605 12.85 26.18 46.42
N THR C 606 12.65 27.16 45.55
CA THR C 606 13.53 27.41 44.43
C THR C 606 14.63 28.44 44.74
N GLY C 607 14.56 29.03 45.92
CA GLY C 607 15.66 29.84 46.43
C GLY C 607 15.61 31.29 45.98
N LEU C 608 14.52 31.68 45.31
CA LEU C 608 14.36 33.06 44.79
C LEU C 608 13.95 34.06 45.87
N PHE C 609 13.38 33.55 46.96
CA PHE C 609 12.95 34.38 48.08
C PHE C 609 14.13 35.00 48.82
N ASP C 610 15.30 34.36 48.75
CA ASP C 610 16.51 34.91 49.32
C ASP C 610 16.79 36.26 48.66
N GLN C 611 16.68 36.30 47.33
CA GLN C 611 16.90 37.52 46.56
C GLN C 611 15.83 38.58 46.81
N VAL C 612 14.58 38.14 46.97
CA VAL C 612 13.50 39.04 47.39
C VAL C 612 13.77 39.74 48.73
N ARG C 613 14.12 38.97 49.78
CA ARG C 613 14.37 39.53 51.12
C ARG C 613 15.53 40.54 51.11
N LYS C 614 16.54 40.21 50.30
CA LYS C 614 17.73 41.03 50.06
C LYS C 614 17.37 42.41 49.49
N LEU C 615 16.38 42.44 48.59
CA LEU C 615 15.81 43.67 48.02
C LEU C 615 14.98 44.52 48.99
N PHE C 616 14.30 43.88 49.94
CA PHE C 616 13.49 44.59 50.93
C PHE C 616 14.34 45.26 52.02
N ALA C 617 15.41 44.59 52.42
CA ALA C 617 16.34 45.16 53.42
C ALA C 617 17.10 46.39 52.90
N ALA C 618 17.26 46.49 51.58
CA ALA C 618 17.94 47.64 50.93
C ALA C 618 17.05 48.89 50.78
N THR C 619 15.78 48.74 51.13
CA THR C 619 14.79 49.83 51.07
C THR C 619 15.08 50.88 52.16
N PRO C 620 14.86 52.17 51.86
CA PRO C 620 15.11 53.27 52.81
C PRO C 620 14.39 53.19 54.16
N LEU C 621 13.22 52.55 54.19
CA LEU C 621 12.46 52.37 55.43
C LEU C 621 13.09 51.31 56.32
N ALA C 622 13.42 50.17 55.70
CA ALA C 622 14.10 49.08 56.37
C ALA C 622 15.47 49.50 56.90
N LYS C 623 16.30 50.06 56.02
CA LYS C 623 17.62 50.56 56.40
C LYS C 623 17.54 51.52 57.60
N LYS C 624 16.49 52.36 57.64
CA LYS C 624 16.26 53.33 58.74
C LYS C 624 16.02 52.65 60.10
N ARG C 625 15.06 51.73 60.17
CA ARG C 625 14.88 50.89 61.35
C ARG C 625 16.01 49.82 61.36
N GLY C 626 15.92 48.86 62.27
CA GLY C 626 17.01 47.89 62.42
C GLY C 626 16.92 46.67 61.51
N TYR C 627 16.16 46.80 60.42
CA TYR C 627 15.73 45.69 59.57
C TYR C 627 16.80 45.10 58.67
N ASN C 628 17.10 43.81 58.86
CA ASN C 628 17.97 43.09 57.95
C ASN C 628 17.14 42.13 57.13
N ALA C 629 17.80 41.32 56.29
CA ALA C 629 17.13 40.38 55.39
C ALA C 629 16.39 39.25 56.12
N GLY C 630 16.91 38.87 57.29
CA GLY C 630 16.29 37.84 58.14
C GLY C 630 14.97 38.30 58.73
N ARG C 631 14.74 39.62 58.73
CA ARG C 631 13.53 40.26 59.24
C ARG C 631 12.34 39.98 58.33
N PHE C 632 12.63 39.61 57.08
CA PHE C 632 11.62 39.36 56.08
C PHE C 632 11.52 37.84 55.85
N SER C 633 12.07 37.09 56.78
CA SER C 633 11.89 35.64 56.79
C SER C 633 10.62 35.33 57.60
N PHE C 634 9.74 34.50 57.06
CA PHE C 634 8.56 34.07 57.81
C PHE C 634 8.89 32.81 58.64
N ASN C 635 10.16 32.41 58.64
CA ASN C 635 10.65 31.20 59.32
C ASN C 635 11.51 31.44 60.56
N VAL C 636 12.04 32.64 60.71
CA VAL C 636 12.73 33.02 61.95
C VAL C 636 11.96 34.09 62.72
N LYS C 637 12.23 34.19 64.03
CA LYS C 637 11.60 35.19 64.89
C LYS C 637 12.12 36.61 64.60
N GLY C 638 11.24 37.59 64.75
CA GLY C 638 11.56 38.99 64.48
C GLY C 638 10.51 39.67 63.64
N GLY C 639 10.42 39.27 62.37
CA GLY C 639 9.50 39.90 61.42
C GLY C 639 8.23 39.14 61.11
N ARG C 640 8.21 37.85 61.45
CA ARG C 640 7.03 37.02 61.21
C ARG C 640 5.89 37.29 62.21
N CYS C 641 4.69 36.81 61.87
CA CYS C 641 3.54 36.85 62.77
C CYS C 641 3.73 35.77 63.81
N GLU C 642 3.75 36.16 65.09
CA GLU C 642 4.08 35.22 66.14
C GLU C 642 2.88 34.44 66.70
N HIS C 643 1.76 34.42 65.97
CA HIS C 643 0.61 33.58 66.34
C HIS C 643 0.64 32.25 65.58
N CYS C 644 0.62 32.32 64.26
CA CYS C 644 0.85 31.16 63.41
C CYS C 644 2.35 30.93 63.30
N GLN C 645 3.11 31.92 63.80
CA GLN C 645 4.56 32.04 63.64
C GLN C 645 5.07 31.78 62.21
N GLY C 646 4.51 32.51 61.25
CA GLY C 646 5.00 32.48 59.88
C GLY C 646 4.44 31.41 58.96
N GLU C 647 3.57 30.56 59.49
CA GLU C 647 2.90 29.54 58.68
C GLU C 647 1.74 30.09 57.84
N GLY C 648 1.01 31.06 58.42
CA GLY C 648 -0.08 31.74 57.72
C GLY C 648 -1.41 31.00 57.80
N TRP C 649 -1.35 29.68 57.89
CA TRP C 649 -2.53 28.83 58.08
C TRP C 649 -2.43 28.10 59.40
N VAL C 650 -3.58 27.85 60.00
CA VAL C 650 -3.70 27.08 61.24
C VAL C 650 -4.58 25.85 60.97
N MET C 651 -4.18 24.73 61.55
CA MET C 651 -4.85 23.46 61.32
C MET C 651 -6.11 23.33 62.18
N VAL C 652 -7.26 23.16 61.52
CA VAL C 652 -8.52 22.96 62.22
C VAL C 652 -8.70 21.48 62.56
N GLU C 653 -8.03 21.09 63.63
CA GLU C 653 -8.12 19.74 64.18
C GLU C 653 -9.50 19.50 64.75
N LEU C 654 -10.07 20.54 65.36
CA LEU C 654 -11.42 20.52 65.96
C LEU C 654 -12.51 20.14 64.95
N LEU C 655 -12.22 20.30 63.67
CA LEU C 655 -13.03 19.70 62.60
C LEU C 655 -12.91 18.19 62.75
N PHE C 656 -13.97 17.57 63.25
CA PHE C 656 -13.93 16.16 63.67
C PHE C 656 -13.92 15.13 62.53
N LEU C 657 -13.59 15.62 61.34
CA LEU C 657 -13.16 14.78 60.21
C LEU C 657 -11.64 14.98 60.08
N PRO C 658 -11.05 14.67 58.90
CA PRO C 658 -9.64 15.07 58.72
C PRO C 658 -9.44 16.58 58.94
N SER C 659 -8.17 16.98 59.11
CA SER C 659 -7.86 18.38 59.34
C SER C 659 -7.37 19.12 58.10
N VAL C 660 -8.21 20.04 57.62
CA VAL C 660 -7.83 20.99 56.60
C VAL C 660 -7.19 22.22 57.33
N TYR C 661 -6.78 23.23 56.58
CA TYR C 661 -6.24 24.45 57.19
C TYR C 661 -7.18 25.64 57.00
N ALA C 662 -7.25 26.48 58.03
CA ALA C 662 -7.95 27.77 57.99
C ALA C 662 -6.90 28.88 58.08
N PRO C 663 -7.17 30.08 57.53
CA PRO C 663 -6.11 31.10 57.62
C PRO C 663 -5.98 31.62 59.04
N CYS C 664 -4.79 32.09 59.40
CA CYS C 664 -4.51 32.56 60.74
C CYS C 664 -5.47 33.69 61.16
N PRO C 665 -5.93 33.66 62.43
CA PRO C 665 -6.83 34.73 62.87
C PRO C 665 -6.15 36.09 63.04
N VAL C 666 -4.84 36.13 62.90
CA VAL C 666 -4.09 37.35 63.24
C VAL C 666 -3.53 38.07 61.99
N CYS C 667 -2.70 37.38 61.22
CA CYS C 667 -2.12 38.00 60.02
C CYS C 667 -3.06 37.83 58.84
N HIS C 668 -3.91 36.81 58.95
CA HIS C 668 -4.91 36.47 57.92
C HIS C 668 -4.34 35.77 56.71
N GLY C 669 -3.31 34.95 56.93
CA GLY C 669 -2.62 34.24 55.85
C GLY C 669 -1.40 34.97 55.31
N THR C 670 -1.18 36.18 55.82
CA THR C 670 -0.10 37.06 55.39
C THR C 670 1.30 36.61 55.83
N ARG C 671 1.39 36.09 57.06
CA ARG C 671 2.64 35.54 57.65
C ARG C 671 3.47 36.55 58.47
N TYR C 672 3.20 37.84 58.32
CA TYR C 672 4.08 38.87 58.88
C TYR C 672 3.44 39.82 59.91
N ASN C 673 4.31 40.46 60.70
CA ASN C 673 4.00 41.60 61.56
C ASN C 673 3.20 42.68 60.86
N ALA C 674 2.64 43.59 61.66
CA ALA C 674 2.10 44.83 61.12
C ALA C 674 3.27 45.71 60.72
N GLU C 675 4.27 45.74 61.61
CA GLU C 675 5.54 46.47 61.42
C GLU C 675 6.19 46.20 60.07
N THR C 676 6.40 44.92 59.76
CA THR C 676 7.15 44.48 58.58
C THR C 676 6.41 44.73 57.25
N LEU C 677 5.07 44.63 57.28
CA LEU C 677 4.24 44.91 56.10
C LEU C 677 4.23 46.39 55.73
N GLU C 678 4.63 47.25 56.66
CA GLU C 678 4.69 48.70 56.42
C GLU C 678 5.86 49.10 55.51
N VAL C 679 6.72 48.13 55.19
CA VAL C 679 7.87 48.35 54.29
C VAL C 679 7.55 47.90 52.86
N GLU C 680 7.73 48.81 51.91
CA GLU C 680 7.39 48.57 50.50
C GLU C 680 8.57 48.69 49.54
N TYR C 681 8.68 47.72 48.62
CA TYR C 681 9.58 47.81 47.48
C TYR C 681 8.73 48.00 46.22
N ARG C 682 9.02 49.07 45.49
CA ARG C 682 8.33 49.40 44.24
C ARG C 682 6.80 49.28 44.36
N GLY C 683 6.25 49.77 45.47
CA GLY C 683 4.82 49.82 45.69
C GLY C 683 4.15 48.60 46.32
N LYS C 684 4.93 47.58 46.67
CA LYS C 684 4.39 46.32 47.19
C LYS C 684 5.12 45.87 48.45
N ASN C 685 4.38 45.46 49.48
CA ASN C 685 5.02 44.87 50.67
C ASN C 685 5.36 43.39 50.47
N ILE C 686 6.14 42.79 51.38
CA ILE C 686 6.66 41.44 51.17
C ILE C 686 5.55 40.39 50.89
N ALA C 687 4.38 40.63 51.50
CA ALA C 687 3.21 39.79 51.32
C ALA C 687 2.47 40.09 50.00
N ASP C 688 2.42 41.36 49.58
CA ASP C 688 1.92 41.71 48.26
C ASP C 688 2.74 40.96 47.19
N VAL C 689 4.06 40.89 47.39
CA VAL C 689 4.94 40.14 46.49
C VAL C 689 4.64 38.63 46.49
N LEU C 690 4.43 38.05 47.68
CA LEU C 690 4.17 36.60 47.78
C LEU C 690 2.81 36.20 47.22
N ALA C 691 1.95 37.18 46.96
CA ALA C 691 0.63 36.91 46.37
C ALA C 691 0.63 37.05 44.84
N LEU C 692 1.81 37.29 44.27
CA LEU C 692 1.92 37.46 42.83
C LEU C 692 1.92 36.10 42.18
N THR C 693 1.26 35.96 41.03
CA THR C 693 1.47 34.78 40.21
C THR C 693 2.86 34.88 39.58
N VAL C 694 3.44 33.73 39.24
CA VAL C 694 4.72 33.68 38.48
C VAL C 694 4.71 34.60 37.25
N ASP C 695 3.55 34.83 36.66
CA ASP C 695 3.38 35.66 35.45
C ASP C 695 3.35 37.16 35.75
N GLU C 696 2.78 37.53 36.89
CA GLU C 696 2.78 38.91 37.36
C GLU C 696 4.17 39.26 37.91
N ALA C 697 4.77 38.33 38.64
CA ALA C 697 6.08 38.55 39.21
C ALA C 697 7.14 38.72 38.11
N HIS C 698 6.97 38.00 36.99
CA HIS C 698 7.78 38.12 35.78
C HIS C 698 7.82 39.56 35.22
N ASP C 699 6.66 40.19 35.02
CA ASP C 699 6.58 41.60 34.66
C ASP C 699 7.10 42.56 35.75
N PHE C 700 7.04 42.14 37.02
CA PHE C 700 7.42 43.02 38.14
C PHE C 700 8.92 43.04 38.38
N PHE C 701 9.54 41.87 38.24
CA PHE C 701 10.98 41.67 38.45
C PHE C 701 11.81 41.66 37.14
N ALA C 702 11.41 42.47 36.16
CA ALA C 702 12.08 42.52 34.82
C ALA C 702 13.52 43.03 34.83
N ASP C 703 13.84 43.88 35.79
CA ASP C 703 15.18 44.46 35.95
C ASP C 703 15.97 43.77 37.09
N GLU C 704 15.45 42.65 37.57
CA GLU C 704 16.12 41.81 38.58
C GLU C 704 16.50 40.45 37.99
N SER C 705 17.71 40.35 37.47
CA SER C 705 18.06 39.31 36.49
C SER C 705 17.98 37.87 36.98
N ALA C 706 18.55 37.60 38.16
CA ALA C 706 18.50 36.30 38.83
C ALA C 706 17.07 35.82 39.19
N ILE C 707 16.23 36.74 39.67
CA ILE C 707 14.84 36.43 39.93
C ILE C 707 14.09 36.27 38.61
N PHE C 708 14.38 37.12 37.64
CA PHE C 708 13.71 37.06 36.33
C PHE C 708 13.91 35.68 35.74
N ARG C 709 15.16 35.24 35.71
CA ARG C 709 15.51 34.00 35.01
C ARG C 709 14.97 32.74 35.68
N ALA C 710 14.86 32.75 37.01
CA ALA C 710 14.29 31.64 37.78
C ALA C 710 12.80 31.46 37.51
N LEU C 711 12.12 32.58 37.28
CA LEU C 711 10.70 32.58 36.93
C LEU C 711 10.45 32.15 35.47
N ASP C 712 11.47 32.33 34.66
CA ASP C 712 11.45 31.83 33.29
C ASP C 712 11.34 30.31 33.32
N THR C 713 12.12 29.65 34.20
CA THR C 713 12.04 28.18 34.38
C THR C 713 10.65 27.67 34.83
N LEU C 714 9.97 28.45 35.66
CA LEU C 714 8.62 28.07 36.11
C LEU C 714 7.60 28.25 35.00
N ARG C 715 7.67 29.39 34.31
CA ARG C 715 6.87 29.61 33.08
C ARG C 715 7.05 28.49 32.05
N GLU C 716 8.31 28.20 31.75
CA GLU C 716 8.67 27.18 30.77
C GLU C 716 7.96 25.87 31.06
N VAL C 717 7.94 25.50 32.33
CA VAL C 717 7.38 24.27 32.85
C VAL C 717 5.81 24.32 32.92
N GLY C 718 5.24 25.50 32.66
CA GLY C 718 3.79 25.68 32.54
C GLY C 718 3.02 26.25 33.73
N LEU C 719 3.73 26.79 34.71
CA LEU C 719 3.11 27.16 35.97
C LEU C 719 3.06 28.67 36.21
N GLY C 720 2.71 29.43 35.18
CA GLY C 720 2.59 30.88 35.34
C GLY C 720 1.46 31.24 36.32
N TYR C 721 0.55 30.29 36.53
CA TYR C 721 -0.66 30.51 37.35
C TYR C 721 -0.43 30.39 38.86
N LEU C 722 0.58 29.64 39.27
CA LEU C 722 0.86 29.50 40.70
C LEU C 722 1.37 30.83 41.29
N ARG C 723 1.02 31.08 42.55
CA ARG C 723 1.48 32.26 43.28
C ARG C 723 2.81 31.99 43.95
N LEU C 724 3.69 32.97 43.95
CA LEU C 724 5.01 32.76 44.55
C LEU C 724 4.97 32.16 45.98
N GLY C 725 4.05 32.62 46.82
CA GLY C 725 3.97 32.16 48.22
C GLY C 725 2.89 31.12 48.54
N GLN C 726 2.11 30.72 47.53
CA GLN C 726 1.08 29.71 47.69
C GLN C 726 1.57 28.43 48.38
N PRO C 727 0.95 28.07 49.53
CA PRO C 727 1.36 26.93 50.36
C PRO C 727 1.51 25.65 49.56
N ALA C 728 2.51 24.83 49.92
CA ALA C 728 2.78 23.54 49.27
C ALA C 728 1.59 22.57 49.34
N THR C 729 0.83 22.68 50.43
CA THR C 729 -0.29 21.78 50.69
C THR C 729 -1.48 22.06 49.77
N GLU C 730 -1.43 23.16 49.03
CA GLU C 730 -2.45 23.48 48.04
C GLU C 730 -2.12 22.96 46.64
N LEU C 731 -0.97 22.29 46.49
CA LEU C 731 -0.48 21.93 45.16
C LEU C 731 -0.79 20.48 44.76
N SER C 732 -1.06 20.25 43.47
CA SER C 732 -1.27 18.89 42.99
C SER C 732 0.09 18.22 42.88
N GLY C 733 0.11 16.90 42.84
CA GLY C 733 1.37 16.15 42.60
C GLY C 733 1.95 16.43 41.22
N GLY C 734 1.07 16.69 40.26
CA GLY C 734 1.50 17.12 38.92
C GLY C 734 2.32 18.40 38.98
N GLU C 735 1.89 19.31 39.85
CA GLU C 735 2.47 20.63 40.01
C GLU C 735 3.81 20.56 40.71
N ALA C 736 3.89 19.82 41.82
CA ALA C 736 5.14 19.70 42.58
C ALA C 736 6.24 19.04 41.74
N GLN C 737 5.87 18.09 40.89
CA GLN C 737 6.82 17.41 40.01
C GLN C 737 7.40 18.38 38.96
N ARG C 738 6.63 19.41 38.59
CA ARG C 738 7.10 20.41 37.64
C ARG C 738 7.97 21.51 38.27
N ILE C 739 7.76 21.77 39.56
CA ILE C 739 8.57 22.71 40.34
C ILE C 739 9.97 22.11 40.57
N LYS C 740 9.99 20.82 40.87
CA LYS C 740 11.22 20.09 41.02
C LYS C 740 12.01 20.12 39.72
N LEU C 741 11.32 19.95 38.59
CA LEU C 741 11.97 19.89 37.28
C LEU C 741 12.55 21.24 36.83
N ALA C 742 11.79 22.32 37.04
CA ALA C 742 12.26 23.67 36.77
C ALA C 742 13.53 23.98 37.55
N THR C 743 13.63 23.38 38.74
CA THR C 743 14.77 23.53 39.62
C THR C 743 16.01 22.83 39.03
N GLU C 744 15.77 22.00 38.01
CA GLU C 744 16.83 21.25 37.34
C GLU C 744 17.20 21.79 35.97
N LEU C 745 16.53 22.86 35.54
CA LEU C 745 16.63 23.30 34.15
C LEU C 745 17.95 23.95 33.70
N ARG C 746 18.46 25.00 34.36
CA ARG C 746 19.79 25.52 33.94
C ARG C 746 21.04 24.76 34.38
N ARG C 747 20.86 23.77 35.23
CA ARG C 747 21.97 22.95 35.69
C ARG C 747 22.18 21.79 34.73
N SER C 748 21.17 21.53 33.89
CA SER C 748 21.17 20.38 32.99
C SER C 748 22.07 20.57 31.75
N GLY C 749 22.36 21.83 31.41
CA GLY C 749 23.25 22.17 30.28
C GLY C 749 24.61 21.48 30.28
N ARG C 750 25.02 20.98 31.44
CA ARG C 750 26.36 20.41 31.61
C ARG C 750 26.44 18.96 31.11
N GLY C 751 25.28 18.33 30.93
CA GLY C 751 25.21 16.93 30.50
C GLY C 751 25.67 15.97 31.58
N GLY C 752 25.52 14.68 31.30
CA GLY C 752 26.00 13.64 32.20
C GLY C 752 25.06 13.15 33.29
N THR C 753 23.82 13.64 33.29
CA THR C 753 22.84 13.37 34.34
C THR C 753 21.78 12.35 33.93
N VAL C 754 21.59 11.34 34.77
CA VAL C 754 20.48 10.38 34.58
C VAL C 754 19.24 10.83 35.37
N TYR C 755 18.19 11.18 34.64
CA TYR C 755 16.95 11.64 35.22
C TYR C 755 15.98 10.51 35.25
N VAL C 756 15.56 10.07 36.44
CA VAL C 756 14.48 9.08 36.50
C VAL C 756 13.19 9.69 36.99
N LEU C 757 12.14 9.43 36.22
CA LEU C 757 10.85 10.07 36.35
C LEU C 757 9.76 9.02 36.59
N ASP C 758 9.01 9.16 37.67
CA ASP C 758 7.89 8.24 37.92
C ASP C 758 6.60 8.89 37.47
N GLU C 759 5.91 8.18 36.55
CA GLU C 759 4.63 8.61 35.97
C GLU C 759 4.47 10.11 35.69
N PRO C 760 5.34 10.69 34.87
CA PRO C 760 5.26 12.14 34.65
C PRO C 760 3.94 12.65 34.01
N THR C 761 3.11 11.74 33.49
CA THR C 761 1.83 12.10 32.89
C THR C 761 0.63 12.28 33.85
N THR C 762 0.69 11.80 35.09
CA THR C 762 -0.46 11.98 36.00
C THR C 762 -0.57 13.41 36.55
N GLY C 763 -1.80 13.94 36.42
CA GLY C 763 -2.15 15.34 36.67
C GLY C 763 -2.08 16.27 35.46
N LEU C 764 -1.96 15.70 34.26
CA LEU C 764 -1.54 16.46 33.08
C LEU C 764 -2.33 16.13 31.82
N HIS C 765 -2.92 17.16 31.24
CA HIS C 765 -3.73 17.06 30.03
C HIS C 765 -2.82 16.58 28.87
N PRO C 766 -3.37 15.83 27.88
CA PRO C 766 -2.59 15.56 26.67
C PRO C 766 -1.81 16.78 26.14
N ALA C 767 -2.40 17.97 26.24
CA ALA C 767 -1.74 19.21 25.85
C ALA C 767 -0.67 19.63 26.83
N ASP C 768 -0.84 19.29 28.10
CA ASP C 768 0.21 19.56 29.10
C ASP C 768 1.41 18.62 28.90
N VAL C 769 1.19 17.37 28.50
CA VAL C 769 2.32 16.49 28.33
C VAL C 769 3.10 16.83 27.04
N GLU C 770 2.43 17.48 26.09
CA GLU C 770 3.05 18.03 24.87
C GLU C 770 4.12 19.07 25.24
N ARG C 771 3.78 19.96 26.16
CA ARG C 771 4.73 20.95 26.71
C ARG C 771 5.91 20.30 27.44
N LEU C 772 5.61 19.41 28.36
CA LEU C 772 6.66 18.70 29.12
C LEU C 772 7.69 17.98 28.22
N GLN C 773 7.20 17.26 27.21
CA GLN C 773 8.06 16.54 26.23
C GLN C 773 8.98 17.48 25.43
N ARG C 774 8.59 18.75 25.33
CA ARG C 774 9.45 19.82 24.82
C ARG C 774 10.48 20.32 25.85
N GLN C 775 10.55 19.68 27.01
CA GLN C 775 11.55 20.01 28.02
C GLN C 775 12.48 18.82 28.18
N LEU C 776 11.94 17.62 27.97
CA LEU C 776 12.71 16.42 28.08
C LEU C 776 13.61 16.27 26.86
N VAL C 777 13.09 16.68 25.70
CA VAL C 777 13.83 16.77 24.47
C VAL C 777 15.00 17.72 24.64
N LYS C 778 14.76 18.89 25.23
CA LYS C 778 15.85 19.85 25.39
C LYS C 778 16.95 19.30 26.27
N LEU C 779 16.56 18.60 27.34
CA LEU C 779 17.54 18.10 28.28
C LEU C 779 18.31 16.86 27.75
N VAL C 780 17.68 16.08 26.86
CA VAL C 780 18.37 14.97 26.18
C VAL C 780 19.34 15.45 25.08
N ASP C 781 19.12 16.67 24.58
CA ASP C 781 20.03 17.33 23.63
C ASP C 781 21.32 17.76 24.32
N ALA C 782 21.19 18.08 25.60
CA ALA C 782 22.31 18.49 26.44
C ALA C 782 23.21 17.32 26.81
N GLY C 783 22.91 16.13 26.28
CA GLY C 783 23.70 14.93 26.53
C GLY C 783 23.25 14.17 27.78
N ASN C 784 22.06 14.49 28.26
CA ASN C 784 21.51 13.85 29.44
C ASN C 784 20.73 12.59 29.08
N THR C 785 20.38 11.80 30.09
CA THR C 785 19.55 10.63 29.87
C THR C 785 18.29 10.67 30.77
N VAL C 786 17.12 10.41 30.17
CA VAL C 786 15.92 10.27 30.99
C VAL C 786 15.31 8.88 30.91
N ILE C 787 14.91 8.37 32.08
CA ILE C 787 14.31 7.05 32.24
C ILE C 787 12.99 7.19 33.01
N ALA C 788 11.89 6.94 32.29
CA ALA C 788 10.56 7.12 32.82
C ALA C 788 9.86 5.76 33.06
N VAL C 789 9.32 5.55 34.27
CA VAL C 789 8.29 4.53 34.47
C VAL C 789 6.95 5.12 34.01
N GLU C 790 6.27 4.41 33.10
CA GLU C 790 5.15 5.00 32.35
C GLU C 790 4.06 4.00 31.94
N HIS C 791 2.79 4.35 32.22
CA HIS C 791 1.64 3.53 31.86
C HIS C 791 0.95 4.04 30.61
N LYS C 792 1.13 5.32 30.30
CA LYS C 792 0.36 5.97 29.24
C LYS C 792 1.11 6.05 27.89
N MET C 793 0.37 5.83 26.82
CA MET C 793 0.98 5.66 25.49
C MET C 793 1.39 6.93 24.74
N GLN C 794 0.88 8.09 25.14
CA GLN C 794 1.35 9.37 24.58
C GLN C 794 2.87 9.54 24.76
N VAL C 795 3.37 9.29 25.98
CA VAL C 795 4.82 9.47 26.21
C VAL C 795 5.65 8.25 25.80
N VAL C 796 5.07 7.05 25.91
CA VAL C 796 5.75 5.82 25.53
C VAL C 796 5.96 5.76 24.02
N ALA C 797 4.99 6.25 23.25
CA ALA C 797 5.10 6.26 21.79
C ALA C 797 6.07 7.32 21.25
N ALA C 798 6.67 8.14 22.12
CA ALA C 798 7.65 9.16 21.73
C ALA C 798 9.02 9.00 22.45
N SER C 799 9.15 7.93 23.24
CA SER C 799 10.44 7.49 23.77
C SER C 799 11.30 6.88 22.64
N ASP C 800 12.61 7.04 22.75
CA ASP C 800 13.56 6.51 21.79
C ASP C 800 13.76 5.00 21.94
N TRP C 801 13.51 4.49 23.14
CA TRP C 801 13.68 3.07 23.47
C TRP C 801 12.56 2.66 24.42
N VAL C 802 12.12 1.41 24.37
CA VAL C 802 11.04 0.97 25.23
C VAL C 802 11.32 -0.38 25.88
N LEU C 803 11.04 -0.47 27.18
CA LEU C 803 11.07 -1.73 27.92
C LEU C 803 9.68 -2.10 28.44
N ASP C 804 9.09 -3.15 27.85
CA ASP C 804 7.84 -3.71 28.37
C ASP C 804 8.22 -4.76 29.42
N ILE C 805 7.65 -4.63 30.62
CA ILE C 805 7.96 -5.61 31.67
C ILE C 805 6.81 -6.54 32.07
N GLY C 806 7.18 -7.82 32.21
CA GLY C 806 6.37 -8.91 32.78
C GLY C 806 5.02 -9.06 32.14
N PRO C 807 4.66 -10.29 31.72
CA PRO C 807 3.38 -10.50 31.03
C PRO C 807 2.26 -9.84 31.82
N GLY C 808 1.99 -10.39 33.00
CA GLY C 808 0.94 -9.90 33.90
C GLY C 808 1.46 -9.19 35.14
N ALA C 809 0.73 -9.34 36.24
CA ALA C 809 1.04 -8.63 37.48
C ALA C 809 1.37 -9.58 38.62
N GLY C 810 2.36 -9.22 39.42
CA GLY C 810 2.77 -10.04 40.57
C GLY C 810 3.53 -11.28 40.16
N GLU C 811 3.02 -12.45 40.53
CA GLU C 811 3.68 -13.74 40.21
C GLU C 811 3.65 -14.07 38.73
N ASP C 812 2.76 -13.41 38.01
CA ASP C 812 2.68 -13.51 36.57
C ASP C 812 3.57 -12.45 35.86
N GLY C 813 3.81 -11.33 36.54
CA GLY C 813 4.72 -10.30 36.02
C GLY C 813 6.18 -10.60 36.29
N GLY C 814 6.96 -9.53 36.44
CA GLY C 814 8.37 -9.65 36.83
C GLY C 814 9.38 -9.98 35.75
N ARG C 815 8.93 -10.24 34.53
CA ARG C 815 9.83 -10.60 33.43
C ARG C 815 10.10 -9.42 32.48
N LEU C 816 11.13 -9.54 31.64
CA LEU C 816 11.36 -8.57 30.58
C LEU C 816 10.77 -9.14 29.29
N VAL C 817 9.57 -8.69 28.93
CA VAL C 817 8.84 -9.31 27.81
C VAL C 817 9.22 -8.79 26.41
N ALA C 818 9.41 -7.48 26.29
CA ALA C 818 9.79 -6.88 25.02
C ALA C 818 10.70 -5.68 25.25
N GLN C 819 11.53 -5.38 24.27
CA GLN C 819 12.61 -4.40 24.38
C GLN C 819 12.90 -3.79 22.98
N GLY C 820 13.02 -2.46 22.90
CA GLY C 820 13.42 -1.80 21.65
C GLY C 820 12.82 -0.43 21.39
N THR C 821 13.02 0.05 20.17
CA THR C 821 12.23 1.12 19.56
C THR C 821 10.70 0.95 19.83
N PRO C 822 9.92 2.06 19.86
CA PRO C 822 8.48 1.92 19.96
C PRO C 822 7.87 1.09 18.82
N ALA C 823 8.42 1.22 17.62
CA ALA C 823 7.92 0.44 16.50
C ALA C 823 8.31 -1.04 16.62
N GLU C 824 9.36 -1.33 17.40
CA GLU C 824 9.79 -2.72 17.58
C GLU C 824 8.98 -3.45 18.64
N VAL C 825 8.67 -2.76 19.74
CA VAL C 825 7.80 -3.30 20.78
C VAL C 825 6.36 -3.46 20.28
N ALA C 826 5.87 -2.51 19.47
CA ALA C 826 4.52 -2.57 18.92
C ALA C 826 4.23 -3.85 18.10
N GLN C 827 5.31 -4.55 17.72
CA GLN C 827 5.19 -5.77 16.95
C GLN C 827 5.53 -7.01 17.79
N ALA C 828 6.12 -6.78 18.96
CA ALA C 828 6.50 -7.86 19.87
C ALA C 828 5.41 -8.88 20.17
N ALA C 829 5.78 -10.16 20.03
CA ALA C 829 4.93 -11.29 20.36
C ALA C 829 4.92 -11.53 21.87
N GLY C 830 3.75 -11.88 22.38
CA GLY C 830 3.59 -12.21 23.80
C GLY C 830 3.45 -11.02 24.70
N SER C 831 3.47 -9.82 24.13
CA SER C 831 3.33 -8.59 24.91
C SER C 831 1.95 -7.94 24.80
N VAL C 832 1.44 -7.50 25.95
CA VAL C 832 0.10 -6.95 26.09
C VAL C 832 0.02 -5.43 25.78
N THR C 833 1.20 -4.79 25.72
CA THR C 833 1.32 -3.37 25.36
C THR C 833 1.34 -3.19 23.84
N ALA C 834 1.95 -4.14 23.15
CA ALA C 834 2.15 -4.06 21.71
C ALA C 834 0.94 -3.47 20.96
N PRO C 835 -0.24 -4.14 21.01
CA PRO C 835 -1.42 -3.64 20.28
C PRO C 835 -1.80 -2.18 20.56
N TYR C 836 -1.70 -1.77 21.83
CA TYR C 836 -2.06 -0.42 22.27
C TYR C 836 -1.05 0.63 21.86
N LEU C 837 0.24 0.29 22.00
CA LEU C 837 1.34 1.15 21.51
C LEU C 837 1.20 1.42 20.00
N ARG C 838 0.96 0.34 19.24
CA ARG C 838 0.77 0.38 17.80
C ARG C 838 -0.36 1.31 17.32
N ALA C 839 -1.46 1.36 18.05
CA ALA C 839 -2.56 2.26 17.71
C ALA C 839 -2.20 3.70 18.06
N ALA C 840 -1.29 3.86 19.02
CA ALA C 840 -0.81 5.18 19.43
C ALA C 840 0.20 5.73 18.43
N LEU C 841 0.87 4.81 17.72
CA LEU C 841 1.90 5.13 16.74
C LEU C 841 1.42 5.99 15.57
N ARG C 842 0.23 5.70 15.05
CA ARG C 842 -0.27 6.35 13.83
C ARG C 842 0.70 7.41 13.29
PB ADP D . -19.80 -36.28 -29.91
O1B ADP D . -18.37 -35.78 -29.90
O2B ADP D . -20.71 -35.71 -28.87
O3B ADP D . -19.84 -37.78 -30.02
PA ADP D . -21.47 -34.51 -31.48
O1A ADP D . -20.74 -33.21 -31.49
O2A ADP D . -22.64 -34.73 -30.59
O3A ADP D . -20.43 -35.74 -31.31
O5' ADP D . -22.04 -34.65 -32.99
C5' ADP D . -21.20 -35.05 -34.07
C4' ADP D . -21.52 -34.32 -35.37
O4' ADP D . -22.44 -33.25 -35.17
C3' ADP D . -20.24 -33.70 -35.88
O3' ADP D . -20.19 -33.80 -37.30
C2' ADP D . -20.33 -32.25 -35.46
O2' ADP D . -19.56 -31.34 -36.27
C1' ADP D . -21.83 -31.99 -35.52
N9 ADP D . -22.22 -30.91 -34.58
C8 ADP D . -22.39 -31.05 -33.25
N7 ADP D . -22.75 -29.88 -32.67
C5 ADP D . -22.81 -28.96 -33.66
C6 ADP D . -23.13 -27.52 -33.76
N6 ADP D . -23.46 -26.82 -32.64
N1 ADP D . -23.09 -26.93 -34.98
C2 ADP D . -22.75 -27.62 -36.10
N3 ADP D . -22.45 -28.94 -36.08
C4 ADP D . -22.47 -29.65 -34.92
PB ADP E . -5.81 -30.32 -8.89
O1B ADP E . -5.19 -31.66 -8.66
O2B ADP E . -7.31 -30.31 -8.77
O3B ADP E . -5.32 -29.67 -10.16
PA ADP E . -5.79 -27.86 -7.56
O1A ADP E . -6.97 -27.62 -8.49
O2A ADP E . -4.60 -26.96 -7.65
O3A ADP E . -5.30 -29.38 -7.67
O5' ADP E . -6.36 -27.66 -6.07
C5' ADP E . -5.55 -27.37 -4.91
C4' ADP E . -6.16 -26.19 -4.19
O4' ADP E . -5.98 -25.02 -5.00
C3' ADP E . -7.67 -26.28 -3.92
O3' ADP E . -8.00 -25.77 -2.61
C2' ADP E . -8.24 -25.42 -5.03
O2' ADP E . -9.55 -24.92 -4.75
C1' ADP E . -7.20 -24.31 -5.16
N9 ADP E . -7.19 -23.66 -6.48
C8 ADP E . -6.92 -24.26 -7.65
N7 ADP E . -6.99 -23.42 -8.70
C5 ADP E . -7.31 -22.22 -8.18
C6 ADP E . -7.51 -20.87 -8.73
N6 ADP E . -7.40 -20.65 -10.07
N1 ADP E . -7.81 -19.89 -7.86
C2 ADP E . -7.91 -20.08 -6.52
N3 ADP E . -7.73 -21.28 -5.95
C4 ADP E . -7.43 -22.37 -6.72
ZN ZN F . -25.57 -8.62 -46.90
ZN ZN G . -14.51 -5.33 -0.99
PB ADP H . 30.14 11.72 -21.48
O1B ADP H . 29.41 10.39 -21.56
O2B ADP H . 29.66 12.79 -22.45
O3B ADP H . 31.62 11.48 -21.46
PA ADP H . 28.59 13.23 -19.55
O1A ADP H . 27.25 12.76 -20.04
O2A ADP H . 28.91 14.70 -19.72
O3A ADP H . 29.81 12.30 -20.01
O5' ADP H . 28.56 12.94 -17.98
C5' ADP H . 29.50 13.38 -17.01
C4' ADP H . 28.84 13.40 -15.60
O4' ADP H . 27.69 14.25 -15.65
C3' ADP H . 28.34 12.05 -15.12
O3' ADP H . 28.49 11.99 -13.70
C2' ADP H . 26.87 12.08 -15.44
O2' ADP H . 26.15 11.24 -14.55
C1' ADP H . 26.51 13.54 -15.28
N9 ADP H . 25.37 14.00 -16.12
C8 ADP H . 25.42 14.18 -17.46
N7 ADP H . 24.24 14.63 -17.96
C5 ADP H . 23.40 14.75 -16.91
C6 ADP H . 22.01 15.19 -16.77
N6 ADP H . 21.30 15.56 -17.88
N1 ADP H . 21.49 15.18 -15.51
C2 ADP H . 22.22 14.80 -14.42
N3 ADP H . 23.51 14.41 -14.50
C4 ADP H . 24.14 14.35 -15.70
PB ADP I . 21.31 -1.28 -41.88
O1B ADP I . 20.73 -1.89 -40.62
O2B ADP I . 22.54 -2.01 -42.38
O3B ADP I . 21.51 0.20 -41.76
PA ADP I . 18.61 -1.28 -42.85
O1A ADP I . 18.37 -0.35 -41.69
O2A ADP I . 17.94 -2.62 -42.88
O3A ADP I . 20.19 -1.53 -43.03
O5' ADP I . 18.05 -0.49 -44.13
C5' ADP I . 17.75 -1.12 -45.39
C4' ADP I . 16.52 -0.52 -46.05
O4' ADP I . 15.35 -0.87 -45.28
C3' ADP I . 16.52 1.00 -46.16
O3' ADP I . 15.96 1.41 -47.40
C2' ADP I . 15.60 1.47 -45.06
O2' ADP I . 14.91 2.68 -45.40
C1' ADP I . 14.63 0.31 -44.88
N9 ADP I . 14.19 0.24 -43.45
C8 ADP I . 14.94 -0.10 -42.37
N7 ADP I . 14.20 -0.06 -41.23
C5 ADP I . 12.94 0.32 -41.58
C6 ADP I . 11.66 0.57 -40.87
N6 ADP I . 11.56 0.41 -39.53
N1 ADP I . 10.59 0.95 -41.62
C2 ADP I . 10.68 1.11 -42.96
N3 ADP I . 11.81 0.90 -43.67
C4 ADP I . 12.95 0.51 -43.04
ZN ZN J . 5.61 19.19 -2.89
ZN ZN K . -5.40 8.79 -45.79
PB ADP L . 4.55 -1.53 38.96
O1B ADP L . 4.69 -2.15 37.59
O2B ADP L . 3.10 -1.44 39.35
O3B ADP L . 5.33 -0.24 39.11
PA ADP L . 5.08 -2.97 41.43
O1A ADP L . 5.60 -1.82 42.25
O2A ADP L . 3.66 -3.43 41.60
O3A ADP L . 5.33 -2.60 39.88
O5' ADP L . 5.94 -4.29 41.77
C5' ADP L . 5.43 -5.59 41.49
C4' ADP L . 5.11 -6.46 42.71
O4' ADP L . 5.88 -6.12 43.87
C3' ADP L . 3.63 -6.36 43.12
O3' ADP L . 3.06 -7.67 43.14
C2' ADP L . 3.64 -5.77 44.51
O2' ADP L . 2.61 -6.30 45.36
C1' ADP L . 5.03 -6.05 45.03
N9 ADP L . 5.42 -4.90 45.86
C8 ADP L . 5.68 -3.67 45.39
N7 ADP L . 6.00 -2.81 46.39
C5 ADP L . 5.94 -3.53 47.53
C6 ADP L . 6.17 -3.22 48.96
N6 ADP L . 6.52 -1.96 49.32
N1 ADP L . 6.02 -4.23 49.86
C2 ADP L . 5.66 -5.48 49.48
N3 ADP L . 5.44 -5.81 48.19
C4 ADP L . 5.56 -4.90 47.19
PB ADP M . -7.26 21.85 37.58
O1B ADP M . -7.63 21.64 36.13
O2B ADP M . -5.77 21.76 37.91
O3B ADP M . -8.15 21.04 38.49
PA ADP M . -7.55 23.83 39.42
O1A ADP M . -6.55 22.95 40.11
O2A ADP M . -8.96 23.86 39.93
O3A ADP M . -7.61 23.40 37.88
O5' ADP M . -6.91 25.31 39.38
C5' ADP M . -7.63 26.51 39.60
C4' ADP M . -6.89 27.39 40.61
O4' ADP M . -7.21 27.01 41.94
C3' ADP M . -5.38 27.29 40.50
O3' ADP M . -4.90 28.62 40.68
C2' ADP M . -4.99 26.47 41.73
O2' ADP M . -3.61 26.65 42.06
C1' ADP M . -6.01 27.05 42.70
N9 ADP M . -6.15 26.46 44.07
C8 ADP M . -5.85 27.15 45.21
N7 ADP M . -6.06 26.43 46.35
C5 ADP M . -6.52 25.24 45.92
C6 ADP M . -6.94 24.01 46.59
N6 ADP M . -6.89 23.95 47.92
N1 ADP M . -7.34 22.97 45.83
C2 ADP M . -7.38 23.06 44.46
N3 ADP M . -7.00 24.17 43.77
C4 ADP M . -6.58 25.26 44.43
ZN ZN N . 5.79 -9.51 70.11
ZN ZN O . -0.24 34.72 61.44
MG MG P . -4.89 22.08 40.05
#